data_5IFY
#
_entry.id   5IFY
#
_cell.length_a   109.600
_cell.length_b   254.720
_cell.length_c   82.050
_cell.angle_alpha   90.000
_cell.angle_beta   90.000
_cell.angle_gamma   90.000
#
_symmetry.space_group_name_H-M   'P 21 21 2'
#
loop_
_entity.id
_entity.type
_entity.pdbx_description
1 polymer 'Glucose-1-phosphate thymidylyltransferase'
2 non-polymer "2'-DEOXY-THYMIDINE-BETA-L-RHAMNOSE"
3 non-polymer "2'-DEOXYURIDINE 5'-MONOPHOSPHATE"
4 water water
#
_entity_poly.entity_id   1
_entity_poly.type   'polypeptide(L)'
_entity_poly.pdbx_seq_one_letter_code
;MAHHHHHHMARKGIILAGGSGTRLYPITHAVSKQLLPVYDKPMIYYPLSTLMIAGIRDVLIISTPQDTPRFESMLGDGSQ
WGMNIQYATQPSPDGLAQAFVIGRDFVGNEPSALILGDNIFYGHDLAKQLERASAKDTGATVFAYHVQDPERYGVVEFDR
EFRAISIEEKPAKPRSSYAVTGLYFYDRQVCDIAADIKPSARGELEITDVNSRYLAAGQLDVELMGRGYAWLDTGTHDSL
IEAGTFIATLQKRQGLMVACPEEIAYRRNWIDAEQVLKLAQPLAKNAYGQYLRNLLTHQVAWQST
;
_entity_poly.pdbx_strand_id   A,B,C,D,E,F
#
# COMPACT_ATOMS: atom_id res chain seq x y z
N ALA A 10 -11.19 -12.01 20.56
CA ALA A 10 -10.16 -11.91 19.52
C ALA A 10 -10.22 -10.57 18.76
N ARG A 11 -9.09 -9.86 18.77
CA ARG A 11 -9.00 -8.57 18.10
C ARG A 11 -9.03 -8.72 16.59
N LYS A 12 -9.78 -7.85 15.93
CA LYS A 12 -9.93 -7.87 14.49
C LYS A 12 -9.05 -6.79 13.86
N GLY A 13 -8.33 -7.15 12.81
CA GLY A 13 -7.40 -6.25 12.15
C GLY A 13 -7.91 -5.76 10.80
N ILE A 14 -7.53 -4.52 10.47
CA ILE A 14 -7.84 -3.89 9.19
C ILE A 14 -6.51 -3.41 8.61
N ILE A 15 -6.25 -3.77 7.37
CA ILE A 15 -5.15 -3.18 6.62
C ILE A 15 -5.77 -2.22 5.63
N LEU A 16 -5.43 -0.93 5.77
CA LEU A 16 -5.94 0.08 4.86
C LEU A 16 -4.95 0.22 3.72
N ALA A 17 -5.34 -0.27 2.55
CA ALA A 17 -4.46 -0.36 1.39
C ALA A 17 -5.12 0.29 0.18
N GLY A 18 -5.70 1.46 0.38
CA GLY A 18 -6.46 2.15 -0.64
C GLY A 18 -5.62 3.06 -1.50
N GLY A 19 -6.28 4.01 -2.15
CA GLY A 19 -5.66 4.84 -3.15
C GLY A 19 -4.55 5.70 -2.62
N SER A 20 -3.46 5.80 -3.35
CA SER A 20 -2.34 6.63 -2.94
C SER A 20 -2.15 7.86 -3.83
N GLY A 21 -3.10 8.14 -4.72
CA GLY A 21 -2.95 9.30 -5.56
C GLY A 21 -1.93 9.12 -6.68
N THR A 22 -1.41 10.25 -7.14
CA THR A 22 -0.43 10.28 -8.21
C THR A 22 0.94 10.69 -7.68
N ARG A 23 1.13 10.64 -6.35
CA ARG A 23 2.41 11.03 -5.79
C ARG A 23 3.56 10.20 -6.37
N LEU A 24 3.34 8.91 -6.57
CA LEU A 24 4.37 8.01 -7.09
C LEU A 24 4.23 7.74 -8.60
N TYR A 25 3.40 8.50 -9.30
CA TYR A 25 3.25 8.34 -10.74
C TYR A 25 4.62 8.35 -11.44
N PRO A 26 4.87 7.46 -12.41
CA PRO A 26 3.88 6.51 -12.94
C PRO A 26 3.92 5.08 -12.40
N ILE A 27 4.64 4.81 -11.32
CA ILE A 27 4.73 3.42 -10.90
C ILE A 27 3.41 2.93 -10.34
N THR A 28 2.56 3.83 -9.85
CA THR A 28 1.25 3.45 -9.33
C THR A 28 0.13 3.69 -10.33
N HIS A 29 0.45 3.99 -11.58
CA HIS A 29 -0.59 4.33 -12.53
C HIS A 29 -1.51 3.14 -12.80
N ALA A 30 -0.93 1.98 -13.09
CA ALA A 30 -1.69 0.75 -13.28
C ALA A 30 -1.93 -0.03 -11.99
N VAL A 31 -0.93 -0.12 -11.13
CA VAL A 31 -0.92 -1.02 -9.97
C VAL A 31 -0.92 -0.23 -8.67
N SER A 32 -1.64 -0.74 -7.67
CA SER A 32 -1.62 -0.15 -6.34
C SER A 32 -0.24 -0.30 -5.69
N LYS A 33 0.13 0.73 -4.94
CA LYS A 33 1.40 0.80 -4.23
C LYS A 33 1.66 -0.47 -3.42
N GLN A 34 0.64 -0.97 -2.70
CA GLN A 34 0.85 -2.05 -1.73
C GLN A 34 1.05 -3.40 -2.40
N LEU A 35 0.98 -3.48 -3.73
CA LEU A 35 1.35 -4.66 -4.47
C LEU A 35 2.77 -4.58 -5.05
N LEU A 36 3.45 -3.43 -4.89
CA LEU A 36 4.79 -3.24 -5.42
C LEU A 36 5.81 -3.91 -4.50
N PRO A 37 6.99 -4.24 -5.02
CA PRO A 37 7.96 -4.97 -4.19
C PRO A 37 8.65 -4.08 -3.16
N VAL A 38 8.87 -4.67 -2.00
CA VAL A 38 9.89 -4.17 -1.08
C VAL A 38 10.93 -5.28 -0.99
N TYR A 39 11.97 -5.15 -1.83
CA TYR A 39 13.02 -6.15 -2.03
C TYR A 39 12.49 -7.43 -2.66
N ASP A 40 12.05 -8.38 -1.83
CA ASP A 40 11.76 -9.71 -2.32
C ASP A 40 10.32 -10.13 -2.09
N LYS A 41 9.44 -9.23 -1.67
CA LYS A 41 8.04 -9.62 -1.49
C LYS A 41 7.17 -8.38 -1.61
N PRO A 42 5.89 -8.55 -1.95
CA PRO A 42 5.01 -7.40 -2.09
C PRO A 42 4.90 -6.64 -0.77
N MET A 43 4.78 -5.31 -0.91
CA MET A 43 4.73 -4.43 0.25
C MET A 43 3.76 -4.90 1.33
N ILE A 44 2.57 -5.35 0.92
CA ILE A 44 1.54 -5.60 1.92
C ILE A 44 1.87 -6.76 2.84
N TYR A 45 2.79 -7.65 2.44
CA TYR A 45 3.24 -8.71 3.34
C TYR A 45 3.77 -8.15 4.66
N TYR A 46 4.39 -6.96 4.64
CA TYR A 46 5.01 -6.46 5.86
C TYR A 46 3.95 -6.09 6.88
N PRO A 47 2.99 -5.18 6.59
CA PRO A 47 1.94 -4.90 7.60
C PRO A 47 1.11 -6.11 7.94
N LEU A 48 0.85 -7.00 6.97
CA LEU A 48 0.15 -8.25 7.30
C LEU A 48 0.90 -9.01 8.36
N SER A 49 2.21 -9.16 8.19
CA SER A 49 3.01 -9.91 9.15
C SER A 49 3.02 -9.23 10.51
N THR A 50 2.97 -7.89 10.54
CA THR A 50 2.90 -7.19 11.82
C THR A 50 1.62 -7.54 12.57
N LEU A 51 0.47 -7.55 11.87
CA LEU A 51 -0.77 -7.99 12.54
C LEU A 51 -0.65 -9.41 13.05
N MET A 52 -0.07 -10.30 12.23
CA MET A 52 0.07 -11.68 12.65
C MET A 52 0.96 -11.78 13.88
N ILE A 53 2.04 -11.00 13.91
CA ILE A 53 2.93 -10.98 15.08
C ILE A 53 2.14 -10.49 16.30
N ALA A 54 1.14 -9.63 16.10
CA ALA A 54 0.31 -9.21 17.22
C ALA A 54 -0.66 -10.30 17.67
N GLY A 55 -0.74 -11.42 16.96
CA GLY A 55 -1.68 -12.46 17.30
C GLY A 55 -3.03 -12.32 16.61
N ILE A 56 -3.16 -11.42 15.65
CA ILE A 56 -4.44 -11.15 15.00
C ILE A 56 -4.60 -12.10 13.81
N ARG A 57 -5.72 -12.84 13.78
CA ARG A 57 -5.99 -13.85 12.76
C ARG A 57 -7.15 -13.50 11.83
N ASP A 58 -7.98 -12.51 12.15
CA ASP A 58 -9.08 -12.05 11.31
C ASP A 58 -8.73 -10.68 10.76
N VAL A 59 -8.55 -10.59 9.44
CA VAL A 59 -8.03 -9.39 8.81
C VAL A 59 -8.94 -8.97 7.67
N LEU A 60 -9.29 -7.67 7.63
CA LEU A 60 -10.03 -7.08 6.53
C LEU A 60 -9.08 -6.25 5.68
N ILE A 61 -9.03 -6.52 4.38
CA ILE A 61 -8.23 -5.73 3.45
C ILE A 61 -9.16 -4.74 2.78
N ILE A 62 -8.85 -3.45 2.91
CA ILE A 62 -9.60 -2.39 2.25
C ILE A 62 -8.72 -1.84 1.14
N SER A 63 -9.23 -1.85 -0.09
CA SER A 63 -8.51 -1.31 -1.23
C SER A 63 -9.50 -0.59 -2.15
N THR A 64 -8.99 -0.04 -3.25
CA THR A 64 -9.92 0.51 -4.23
C THR A 64 -10.71 -0.64 -4.86
N PRO A 65 -11.91 -0.36 -5.37
CA PRO A 65 -12.68 -1.43 -6.04
C PRO A 65 -11.90 -2.10 -7.16
N GLN A 66 -11.17 -1.32 -7.96
CA GLN A 66 -10.47 -1.92 -9.08
C GLN A 66 -9.35 -2.86 -8.61
N ASP A 67 -8.76 -2.64 -7.43
CA ASP A 67 -7.62 -3.43 -7.00
C ASP A 67 -7.98 -4.58 -6.09
N THR A 68 -9.23 -4.64 -5.60
CA THR A 68 -9.65 -5.76 -4.77
C THR A 68 -9.33 -7.12 -5.37
N PRO A 69 -9.60 -7.41 -6.65
CA PRO A 69 -9.21 -8.73 -7.17
C PRO A 69 -7.71 -8.94 -7.15
N ARG A 70 -6.92 -7.90 -7.36
CA ARG A 70 -5.47 -8.06 -7.35
C ARG A 70 -4.97 -8.46 -5.96
N PHE A 71 -5.50 -7.82 -4.91
CA PHE A 71 -5.17 -8.24 -3.54
C PHE A 71 -5.72 -9.62 -3.22
N GLU A 72 -6.93 -9.92 -3.67
CA GLU A 72 -7.50 -11.25 -3.39
C GLU A 72 -6.68 -12.35 -4.06
N SER A 73 -6.20 -12.13 -5.27
CA SER A 73 -5.37 -13.15 -5.89
C SER A 73 -4.03 -13.29 -5.17
N MET A 74 -3.60 -12.27 -4.45
CA MET A 74 -2.34 -12.40 -3.74
CA MET A 74 -2.36 -12.31 -3.69
C MET A 74 -2.50 -13.05 -2.37
N LEU A 75 -3.61 -12.82 -1.67
CA LEU A 75 -3.77 -13.30 -0.32
C LEU A 75 -4.90 -14.30 -0.13
N GLY A 76 -5.84 -14.40 -1.06
CA GLY A 76 -6.95 -15.34 -0.89
C GLY A 76 -7.78 -15.04 0.36
N ASP A 77 -8.35 -16.10 0.94
CA ASP A 77 -9.12 -16.00 2.17
C ASP A 77 -8.28 -16.24 3.43
N GLY A 78 -6.96 -16.37 3.27
CA GLY A 78 -6.06 -16.55 4.39
C GLY A 78 -6.05 -17.93 5.01
N SER A 79 -6.95 -18.82 4.57
CA SER A 79 -7.01 -20.15 5.16
C SER A 79 -5.73 -20.92 4.93
N GLN A 80 -4.98 -20.59 3.88
CA GLN A 80 -3.70 -21.26 3.63
C GLN A 80 -2.69 -20.97 4.73
N TRP A 81 -2.90 -19.90 5.48
CA TRP A 81 -2.06 -19.51 6.60
C TRP A 81 -2.82 -19.66 7.93
N GLY A 82 -3.92 -20.39 7.93
CA GLY A 82 -4.70 -20.50 9.16
C GLY A 82 -5.31 -19.19 9.62
N MET A 83 -5.56 -18.27 8.70
CA MET A 83 -6.16 -16.97 8.99
C MET A 83 -7.50 -16.84 8.29
N ASN A 84 -8.20 -15.76 8.60
CA ASN A 84 -9.44 -15.39 7.89
C ASN A 84 -9.20 -13.99 7.33
N ILE A 85 -9.07 -13.89 6.01
CA ILE A 85 -8.86 -12.61 5.34
C ILE A 85 -10.08 -12.34 4.49
N GLN A 86 -10.69 -11.17 4.68
CA GLN A 86 -11.85 -10.65 3.95
C GLN A 86 -11.47 -9.33 3.30
N TYR A 87 -12.35 -8.83 2.43
CA TYR A 87 -12.10 -7.67 1.57
C TYR A 87 -13.28 -6.69 1.63
N ALA A 88 -12.97 -5.39 1.61
CA ALA A 88 -13.96 -4.34 1.41
C ALA A 88 -13.29 -3.25 0.58
N THR A 89 -14.07 -2.28 0.10
CA THR A 89 -13.50 -1.28 -0.81
C THR A 89 -13.58 0.13 -0.24
N GLN A 90 -12.66 0.96 -0.71
CA GLN A 90 -12.69 2.40 -0.48
C GLN A 90 -12.53 3.03 -1.86
N PRO A 91 -13.58 3.61 -2.44
CA PRO A 91 -13.45 4.16 -3.80
C PRO A 91 -12.43 5.29 -3.90
N SER A 92 -12.37 6.15 -2.88
CA SER A 92 -11.45 7.27 -2.87
C SER A 92 -10.81 7.41 -1.50
N PRO A 93 -9.49 7.82 -1.44
CA PRO A 93 -8.81 7.81 -0.12
C PRO A 93 -9.17 9.05 0.70
N ASP A 94 -10.35 9.00 1.31
CA ASP A 94 -11.00 10.13 1.95
C ASP A 94 -10.81 10.15 3.47
N GLY A 95 -9.78 9.47 3.98
CA GLY A 95 -9.37 9.56 5.38
C GLY A 95 -9.20 8.21 6.07
N LEU A 96 -8.17 8.09 6.91
CA LEU A 96 -7.88 6.83 7.60
C LEU A 96 -9.06 6.36 8.46
N ALA A 97 -9.76 7.30 9.11
CA ALA A 97 -10.86 6.92 9.99
C ALA A 97 -12.00 6.24 9.24
N GLN A 98 -12.07 6.38 7.92
CA GLN A 98 -13.08 5.65 7.15
C GLN A 98 -12.90 4.14 7.26
N ALA A 99 -11.72 3.66 7.66
CA ALA A 99 -11.55 2.23 7.87
C ALA A 99 -12.60 1.69 8.85
N PHE A 100 -13.02 2.51 9.81
CA PHE A 100 -13.97 2.08 10.80
C PHE A 100 -15.42 2.38 10.41
N VAL A 101 -15.65 3.04 9.27
CA VAL A 101 -16.98 3.19 8.69
C VAL A 101 -17.18 2.05 7.70
N ILE A 102 -16.27 1.95 6.73
CA ILE A 102 -16.26 0.80 5.83
C ILE A 102 -16.20 -0.50 6.62
N GLY A 103 -15.36 -0.57 7.65
CA GLY A 103 -15.13 -1.83 8.33
C GLY A 103 -16.02 -2.07 9.53
N ARG A 104 -17.10 -1.29 9.63
CA ARG A 104 -17.95 -1.34 10.81
C ARG A 104 -18.57 -2.72 11.03
N ASP A 105 -19.18 -3.30 9.98
CA ASP A 105 -19.78 -4.64 10.12
C ASP A 105 -18.71 -5.69 10.42
N PHE A 106 -17.56 -5.62 9.77
CA PHE A 106 -16.46 -6.54 10.07
C PHE A 106 -15.99 -6.43 11.52
N VAL A 107 -15.80 -5.19 12.03
CA VAL A 107 -15.36 -5.03 13.43
C VAL A 107 -16.45 -5.53 14.39
N GLY A 108 -17.72 -5.26 14.08
CA GLY A 108 -18.77 -5.72 14.96
C GLY A 108 -18.64 -5.11 16.35
N ASN A 109 -18.77 -5.95 17.36
CA ASN A 109 -18.60 -5.47 18.73
C ASN A 109 -17.29 -5.95 19.37
N GLU A 110 -16.22 -6.12 18.58
CA GLU A 110 -14.91 -6.61 19.03
C GLU A 110 -13.88 -5.49 19.13
N PRO A 111 -12.79 -5.69 19.88
CA PRO A 111 -11.63 -4.80 19.75
C PRO A 111 -11.05 -4.93 18.36
N SER A 112 -10.30 -3.90 17.95
CA SER A 112 -9.76 -3.86 16.60
C SER A 112 -8.38 -3.24 16.62
N ALA A 113 -7.76 -3.29 15.44
CA ALA A 113 -6.50 -2.62 15.16
C ALA A 113 -6.55 -2.23 13.70
N LEU A 114 -5.92 -1.10 13.40
CA LEU A 114 -5.76 -0.60 12.05
C LEU A 114 -4.27 -0.48 11.77
N ILE A 115 -3.84 -0.94 10.60
CA ILE A 115 -2.48 -0.70 10.14
C ILE A 115 -2.53 -0.25 8.69
N LEU A 116 -1.63 0.65 8.32
CA LEU A 116 -1.51 1.10 6.94
C LEU A 116 -0.81 0.05 6.06
N GLY A 117 -1.33 -0.15 4.85
CA GLY A 117 -0.80 -1.16 3.94
C GLY A 117 0.59 -0.85 3.40
N ASP A 118 1.09 0.37 3.60
CA ASP A 118 2.42 0.72 3.11
C ASP A 118 3.40 1.04 4.23
N ASN A 119 3.11 0.59 5.46
CA ASN A 119 3.94 0.86 6.62
C ASN A 119 4.71 -0.42 7.00
N ILE A 120 6.02 -0.28 7.21
CA ILE A 120 6.90 -1.38 7.63
C ILE A 120 7.41 -1.10 9.04
N PHE A 121 7.13 -2.03 9.95
CA PHE A 121 7.61 -1.99 11.34
C PHE A 121 8.60 -3.13 11.49
N TYR A 122 9.78 -2.86 12.04
CA TYR A 122 10.74 -3.93 12.27
C TYR A 122 11.58 -3.66 13.51
N GLY A 123 11.72 -4.66 14.37
CA GLY A 123 12.69 -4.55 15.44
C GLY A 123 12.50 -5.58 16.53
N HIS A 124 13.53 -5.66 17.38
CA HIS A 124 13.57 -6.66 18.43
C HIS A 124 12.48 -6.41 19.46
N ASP A 125 11.79 -7.50 19.86
CA ASP A 125 10.73 -7.47 20.87
C ASP A 125 9.47 -6.73 20.42
N LEU A 126 9.30 -6.49 19.12
CA LEU A 126 8.06 -5.88 18.67
C LEU A 126 6.84 -6.64 19.16
N ALA A 127 6.93 -7.98 19.18
CA ALA A 127 5.78 -8.79 19.55
C ALA A 127 5.32 -8.45 20.97
N LYS A 128 6.26 -8.30 21.91
CA LYS A 128 5.91 -7.96 23.29
C LYS A 128 5.18 -6.62 23.37
N GLN A 129 5.62 -5.63 22.60
CA GLN A 129 4.91 -4.35 22.63
C GLN A 129 3.52 -4.46 21.98
N LEU A 130 3.40 -5.22 20.90
CA LEU A 130 2.10 -5.36 20.26
C LEU A 130 1.14 -6.11 21.16
N GLU A 131 1.65 -7.12 21.88
CA GLU A 131 0.82 -7.92 22.78
C GLU A 131 0.35 -7.10 23.98
N ARG A 132 1.21 -6.22 24.50
CA ARG A 132 0.80 -5.34 25.60
C ARG A 132 -0.35 -4.43 25.16
N ALA A 133 -0.24 -3.81 23.98
CA ALA A 133 -1.30 -2.94 23.50
C ALA A 133 -2.58 -3.74 23.26
N SER A 134 -2.44 -4.93 22.67
CA SER A 134 -3.59 -5.77 22.36
C SER A 134 -4.31 -6.22 23.63
N ALA A 135 -3.61 -6.25 24.75
CA ALA A 135 -4.16 -6.76 26.00
C ALA A 135 -5.01 -5.74 26.73
N LYS A 136 -4.93 -4.45 26.35
CA LYS A 136 -5.79 -3.46 26.97
C LYS A 136 -7.26 -3.77 26.65
N ASP A 137 -8.14 -3.56 27.62
CA ASP A 137 -9.57 -3.77 27.36
C ASP A 137 -10.34 -2.48 27.18
N THR A 138 -9.80 -1.34 27.61
CA THR A 138 -10.43 -0.06 27.36
C THR A 138 -9.40 0.93 26.82
N GLY A 139 -9.87 1.87 26.04
CA GLY A 139 -9.02 2.91 25.51
C GLY A 139 -8.41 2.56 24.16
N ALA A 140 -7.37 3.31 23.83
CA ALA A 140 -6.71 3.20 22.56
C ALA A 140 -5.21 3.34 22.80
N THR A 141 -4.44 2.76 21.88
CA THR A 141 -2.99 2.80 21.93
C THR A 141 -2.50 3.22 20.56
N VAL A 142 -1.61 4.20 20.56
CA VAL A 142 -0.87 4.58 19.36
C VAL A 142 0.59 4.46 19.70
N PHE A 143 1.43 4.55 18.67
CA PHE A 143 2.87 4.42 18.84
C PHE A 143 3.55 5.67 18.32
N ALA A 144 4.45 6.21 19.13
CA ALA A 144 5.16 7.44 18.80
C ALA A 144 6.60 7.10 18.41
N TYR A 145 7.07 7.70 17.33
CA TYR A 145 8.36 7.38 16.77
C TYR A 145 9.04 8.65 16.32
N HIS A 146 10.26 8.86 16.82
CA HIS A 146 11.01 10.06 16.51
C HIS A 146 11.43 10.02 15.04
N VAL A 147 11.08 11.07 14.29
CA VAL A 147 11.39 11.16 12.87
C VAL A 147 12.01 12.52 12.57
N GLN A 148 12.65 12.58 11.41
CA GLN A 148 13.26 13.83 10.94
C GLN A 148 12.23 14.92 10.64
N ASP A 149 11.07 14.55 10.14
CA ASP A 149 10.10 15.53 9.64
C ASP A 149 8.71 15.28 10.17
N PRO A 150 8.53 15.52 11.45
CA PRO A 150 7.26 15.21 12.09
C PRO A 150 6.05 15.96 11.49
N GLU A 151 6.26 17.14 10.88
CA GLU A 151 5.14 17.92 10.34
C GLU A 151 4.38 17.20 9.21
N ARG A 152 4.93 16.12 8.69
CA ARG A 152 4.25 15.29 7.69
C ARG A 152 3.15 14.43 8.29
N TYR A 153 3.09 14.28 9.62
CA TYR A 153 2.26 13.28 10.25
C TYR A 153 1.40 13.91 11.35
N GLY A 154 0.59 13.08 11.99
CA GLY A 154 0.07 13.38 13.32
C GLY A 154 1.26 13.46 14.25
N VAL A 155 1.31 14.50 15.08
CA VAL A 155 2.44 14.76 15.98
C VAL A 155 1.96 14.70 17.41
N VAL A 156 2.72 14.01 18.26
CA VAL A 156 2.49 13.97 19.71
C VAL A 156 3.25 15.11 20.39
N GLU A 157 2.55 15.87 21.25
CA GLU A 157 3.12 16.85 22.18
C GLU A 157 3.29 16.19 23.54
N PHE A 158 4.44 16.42 24.17
CA PHE A 158 4.77 15.81 25.45
C PHE A 158 5.03 16.92 26.47
N ASP A 159 4.62 16.71 27.73
CA ASP A 159 5.01 17.60 28.81
C ASP A 159 6.40 17.18 29.28
N ARG A 160 6.88 17.82 30.35
CA ARG A 160 8.21 17.52 30.87
C ARG A 160 8.33 16.05 31.25
N GLU A 161 7.25 15.47 31.77
CA GLU A 161 7.24 14.06 32.15
C GLU A 161 6.90 13.14 30.96
N PHE A 162 6.29 12.02 31.31
CA PHE A 162 5.85 11.00 30.36
C PHE A 162 4.78 11.55 29.40
N ARG A 163 3.67 12.04 29.96
CA ARG A 163 2.39 11.99 29.27
C ARG A 163 2.34 12.73 27.93
N ALA A 164 1.57 12.17 27.00
CA ALA A 164 1.17 12.89 25.79
C ALA A 164 -0.05 13.76 26.06
N ILE A 165 0.06 15.03 25.74
CA ILE A 165 -0.97 16.01 26.06
C ILE A 165 -1.71 16.50 24.83
N SER A 166 -1.19 16.24 23.63
CA SER A 166 -1.94 16.60 22.45
C SER A 166 -1.46 15.74 21.28
N ILE A 167 -2.32 15.67 20.27
CA ILE A 167 -2.00 15.12 18.96
C ILE A 167 -2.55 16.09 17.95
N GLU A 168 -1.72 16.46 16.98
CA GLU A 168 -2.07 17.46 15.99
C GLU A 168 -1.69 16.91 14.63
N GLU A 169 -2.61 17.04 13.67
CA GLU A 169 -2.37 16.50 12.33
C GLU A 169 -1.59 17.52 11.51
N LYS A 170 -0.38 17.15 11.09
CA LYS A 170 0.44 18.00 10.24
C LYS A 170 0.54 19.44 10.73
N PRO A 171 0.97 19.65 11.98
CA PRO A 171 1.05 21.03 12.48
C PRO A 171 2.14 21.80 11.79
N ALA A 172 1.91 23.12 11.65
CA ALA A 172 2.93 24.02 11.14
C ALA A 172 4.14 24.08 12.07
N LYS A 173 3.91 24.06 13.39
CA LYS A 173 4.97 24.07 14.39
C LYS A 173 4.81 22.83 15.25
N PRO A 174 5.39 21.71 14.83
CA PRO A 174 5.18 20.46 15.57
C PRO A 174 5.70 20.63 16.99
N ARG A 175 4.91 20.18 17.97
CA ARG A 175 5.33 20.37 19.35
C ARG A 175 6.38 19.35 19.79
N SER A 176 6.67 18.31 18.98
CA SER A 176 7.79 17.41 19.24
C SER A 176 8.21 16.78 17.92
N SER A 177 9.21 15.91 17.97
CA SER A 177 9.65 15.14 16.83
C SER A 177 8.99 13.79 16.72
N TYR A 178 8.00 13.48 17.57
CA TYR A 178 7.40 12.15 17.63
C TYR A 178 6.17 12.08 16.73
N ALA A 179 6.27 11.27 15.68
CA ALA A 179 5.16 11.04 14.77
C ALA A 179 4.32 9.87 15.28
N VAL A 180 3.01 9.97 15.03
CA VAL A 180 2.12 8.85 15.29
C VAL A 180 2.24 7.87 14.12
N THR A 181 2.66 6.63 14.40
CA THR A 181 2.85 5.66 13.32
C THR A 181 1.50 5.16 12.78
N GLY A 182 1.56 4.39 11.68
CA GLY A 182 0.38 3.85 11.01
C GLY A 182 -0.12 2.55 11.58
N LEU A 183 -0.12 2.43 12.90
CA LEU A 183 -0.61 1.26 13.61
C LEU A 183 -1.36 1.72 14.84
N TYR A 184 -2.61 1.30 14.99
CA TYR A 184 -3.49 1.78 16.05
C TYR A 184 -4.29 0.63 16.65
N PHE A 185 -4.40 0.60 17.97
CA PHE A 185 -5.23 -0.39 18.66
C PHE A 185 -6.38 0.32 19.36
N TYR A 186 -7.59 -0.24 19.23
CA TYR A 186 -8.80 0.40 19.77
C TYR A 186 -9.70 -0.57 20.51
N ASP A 187 -10.39 -0.04 21.53
CA ASP A 187 -11.45 -0.81 22.17
C ASP A 187 -12.72 -0.79 21.32
N ARG A 188 -13.86 -1.11 21.92
CA ARG A 188 -15.10 -1.24 21.15
C ARG A 188 -15.77 0.09 20.84
N GLN A 189 -15.17 1.22 21.25
CA GLN A 189 -15.74 2.54 21.02
C GLN A 189 -15.43 3.11 19.63
N VAL A 190 -14.39 2.61 18.94
CA VAL A 190 -13.83 3.36 17.82
C VAL A 190 -14.85 3.51 16.69
N CYS A 191 -15.65 2.47 16.41
CA CYS A 191 -16.59 2.59 15.29
C CYS A 191 -17.62 3.70 15.53
N ASP A 192 -18.15 3.83 16.76
CA ASP A 192 -19.08 4.93 17.02
C ASP A 192 -18.37 6.29 17.01
N ILE A 193 -17.13 6.36 17.48
CA ILE A 193 -16.41 7.63 17.40
C ILE A 193 -16.18 8.03 15.95
N ALA A 194 -15.81 7.06 15.10
CA ALA A 194 -15.57 7.36 13.68
C ALA A 194 -16.84 7.77 12.97
N ALA A 195 -18.00 7.22 13.37
CA ALA A 195 -19.26 7.69 12.80
C ALA A 195 -19.60 9.10 13.27
N ASP A 196 -19.09 9.50 14.43
CA ASP A 196 -19.50 10.79 15.01
C ASP A 196 -18.66 11.96 14.51
N ILE A 197 -17.38 11.76 14.21
CA ILE A 197 -16.56 12.89 13.74
C ILE A 197 -16.96 13.26 12.30
N LYS A 198 -16.54 14.43 11.89
CA LYS A 198 -16.82 14.97 10.56
C LYS A 198 -15.51 15.23 9.83
N PRO A 199 -15.52 15.20 8.49
CA PRO A 199 -14.29 15.45 7.74
C PRO A 199 -13.68 16.80 8.08
N SER A 200 -12.34 16.84 8.07
CA SER A 200 -11.57 18.02 8.44
C SER A 200 -11.52 19.03 7.29
N ALA A 201 -10.83 20.15 7.53
CA ALA A 201 -10.66 21.14 6.49
C ALA A 201 -9.99 20.57 5.24
N ARG A 202 -9.08 19.59 5.37
CA ARG A 202 -8.57 19.00 4.12
C ARG A 202 -9.50 17.95 3.52
N GLY A 203 -10.75 17.89 3.99
CA GLY A 203 -11.76 17.02 3.42
C GLY A 203 -11.62 15.56 3.72
N GLU A 204 -10.94 15.20 4.82
CA GLU A 204 -10.70 13.79 5.14
C GLU A 204 -11.21 13.46 6.54
N LEU A 205 -11.67 12.20 6.72
CA LEU A 205 -12.04 11.69 8.05
C LEU A 205 -10.76 11.27 8.76
N GLU A 206 -10.39 12.02 9.81
CA GLU A 206 -9.05 11.95 10.38
C GLU A 206 -8.92 10.95 11.52
N ILE A 207 -7.92 10.05 11.42
CA ILE A 207 -7.58 9.21 12.56
C ILE A 207 -7.10 10.06 13.74
N THR A 208 -6.48 11.22 13.47
CA THR A 208 -6.10 12.09 14.58
C THR A 208 -7.32 12.58 15.35
N ASP A 209 -8.45 12.84 14.65
CA ASP A 209 -9.66 13.25 15.36
C ASP A 209 -10.22 12.09 16.19
N VAL A 210 -10.15 10.86 15.66
CA VAL A 210 -10.46 9.70 16.49
C VAL A 210 -9.58 9.69 17.74
N ASN A 211 -8.27 9.83 17.53
CA ASN A 211 -7.33 9.70 18.64
C ASN A 211 -7.53 10.82 19.66
N SER A 212 -7.85 12.04 19.19
CA SER A 212 -8.13 13.18 20.08
C SER A 212 -9.36 12.94 20.94
N ARG A 213 -10.35 12.19 20.45
CA ARG A 213 -11.50 11.87 21.29
CA ARG A 213 -11.51 11.85 21.28
C ARG A 213 -11.09 11.03 22.48
N TYR A 214 -10.24 10.02 22.26
CA TYR A 214 -9.71 9.22 23.37
C TYR A 214 -8.83 10.06 24.27
N LEU A 215 -8.05 10.97 23.68
CA LEU A 215 -7.17 11.79 24.48
C LEU A 215 -7.97 12.68 25.43
N ALA A 216 -9.01 13.35 24.91
CA ALA A 216 -9.84 14.21 25.77
C ALA A 216 -10.54 13.43 26.87
N ALA A 217 -10.82 12.13 26.63
CA ALA A 217 -11.42 11.29 27.66
C ALA A 217 -10.40 10.68 28.60
N GLY A 218 -9.12 11.00 28.44
CA GLY A 218 -8.09 10.40 29.29
C GLY A 218 -7.89 8.93 29.00
N GLN A 219 -8.19 8.49 27.77
CA GLN A 219 -8.16 7.07 27.41
C GLN A 219 -7.18 6.78 26.28
N LEU A 220 -6.22 7.66 26.01
CA LEU A 220 -5.25 7.41 24.94
C LEU A 220 -3.89 7.12 25.58
N ASP A 221 -3.38 5.91 25.33
CA ASP A 221 -2.01 5.51 25.67
C ASP A 221 -1.11 5.66 24.46
N VAL A 222 -0.01 6.36 24.64
CA VAL A 222 1.02 6.52 23.64
C VAL A 222 2.18 5.60 24.00
N GLU A 223 2.40 4.54 23.24
CA GLU A 223 3.56 3.70 23.47
C GLU A 223 4.74 4.22 22.65
N LEU A 224 5.85 4.46 23.34
CA LEU A 224 7.06 4.89 22.66
C LEU A 224 7.66 3.75 21.85
N MET A 225 7.96 4.02 20.60
CA MET A 225 8.67 3.07 19.77
C MET A 225 10.08 3.63 19.59
N GLY A 226 11.07 2.99 20.26
CA GLY A 226 12.40 3.54 20.37
C GLY A 226 13.16 3.58 19.05
N ARG A 227 14.31 4.25 19.07
CA ARG A 227 15.18 4.37 17.91
C ARG A 227 15.75 3.02 17.46
N GLY A 228 15.67 1.99 18.30
CA GLY A 228 16.10 0.66 17.85
C GLY A 228 15.18 0.00 16.83
N TYR A 229 13.98 0.51 16.65
CA TYR A 229 13.04 0.02 15.65
C TYR A 229 13.20 0.80 14.36
N ALA A 230 12.92 0.12 13.26
CA ALA A 230 12.67 0.74 11.97
C ALA A 230 11.16 0.87 11.80
N TRP A 231 10.68 2.09 11.62
CA TRP A 231 9.33 2.38 11.12
C TRP A 231 9.52 3.10 9.80
N LEU A 232 9.28 2.40 8.71
CA LEU A 232 9.51 2.92 7.37
C LEU A 232 8.16 3.04 6.68
N ASP A 233 7.96 4.15 6.01
CA ASP A 233 6.90 4.18 5.02
C ASP A 233 7.53 4.49 3.67
N THR A 234 6.69 4.62 2.69
CA THR A 234 7.18 4.52 1.34
C THR A 234 6.56 5.63 0.53
N GLY A 235 6.67 6.85 1.05
CA GLY A 235 5.95 7.98 0.46
C GLY A 235 6.59 8.58 -0.78
N THR A 236 7.87 8.26 -1.04
CA THR A 236 8.60 8.77 -2.20
C THR A 236 9.30 7.61 -2.92
N HIS A 237 9.70 7.86 -4.16
CA HIS A 237 10.47 6.84 -4.88
C HIS A 237 11.74 6.47 -4.11
N ASP A 238 12.40 7.47 -3.52
CA ASP A 238 13.61 7.23 -2.74
C ASP A 238 13.33 6.40 -1.51
N SER A 239 12.31 6.75 -0.72
CA SER A 239 12.08 5.97 0.48
C SER A 239 11.53 4.59 0.14
N LEU A 240 10.84 4.45 -0.99
CA LEU A 240 10.41 3.12 -1.36
C LEU A 240 11.60 2.21 -1.64
N ILE A 241 12.57 2.70 -2.41
CA ILE A 241 13.70 1.83 -2.73
C ILE A 241 14.61 1.63 -1.53
N GLU A 242 14.74 2.64 -0.65
CA GLU A 242 15.54 2.45 0.56
C GLU A 242 14.95 1.39 1.46
N ALA A 243 13.63 1.34 1.58
CA ALA A 243 13.05 0.28 2.38
C ALA A 243 13.47 -1.10 1.84
N GLY A 244 13.56 -1.23 0.52
CA GLY A 244 14.00 -2.48 -0.08
C GLY A 244 15.43 -2.83 0.31
N THR A 245 16.35 -1.84 0.20
CA THR A 245 17.76 -2.11 0.54
C THR A 245 17.94 -2.39 2.02
N PHE A 246 17.12 -1.79 2.86
CA PHE A 246 17.17 -2.05 4.28
C PHE A 246 16.81 -3.50 4.57
N ILE A 247 15.72 -3.98 3.98
CA ILE A 247 15.35 -5.38 4.19
C ILE A 247 16.44 -6.29 3.66
N ALA A 248 16.97 -5.97 2.47
CA ALA A 248 17.97 -6.83 1.84
C ALA A 248 19.22 -6.98 2.71
N THR A 249 19.66 -5.90 3.36
CA THR A 249 20.84 -5.99 4.22
C THR A 249 20.63 -6.99 5.36
N LEU A 250 19.48 -6.92 6.05
CA LEU A 250 19.20 -7.86 7.12
C LEU A 250 19.09 -9.30 6.59
N GLN A 251 18.33 -9.52 5.52
CA GLN A 251 18.10 -10.89 5.06
C GLN A 251 19.38 -11.53 4.54
N LYS A 252 20.19 -10.78 3.80
CA LYS A 252 21.44 -11.35 3.33
C LYS A 252 22.36 -11.66 4.50
N ARG A 253 22.33 -10.83 5.55
CA ARG A 253 23.19 -11.09 6.70
C ARG A 253 22.72 -12.33 7.45
N GLN A 254 21.42 -12.44 7.70
CA GLN A 254 20.89 -13.43 8.63
C GLN A 254 20.58 -14.78 7.99
N GLY A 255 20.30 -14.82 6.69
CA GLY A 255 19.69 -16.01 6.13
C GLY A 255 18.26 -16.24 6.60
N LEU A 256 17.63 -15.20 7.14
CA LEU A 256 16.24 -15.23 7.58
C LEU A 256 15.45 -14.21 6.78
N MET A 257 14.17 -14.50 6.61
CA MET A 257 13.30 -13.61 5.88
C MET A 257 12.50 -12.75 6.85
N VAL A 258 12.37 -11.46 6.53
CA VAL A 258 11.44 -10.55 7.21
C VAL A 258 10.06 -10.72 6.59
N ALA A 259 9.03 -10.89 7.44
CA ALA A 259 7.64 -10.84 6.99
C ALA A 259 7.28 -12.01 6.05
N CYS A 260 7.73 -13.22 6.38
CA CYS A 260 7.26 -14.42 5.68
C CYS A 260 6.01 -14.95 6.40
N PRO A 261 4.82 -14.77 5.83
CA PRO A 261 3.60 -15.13 6.59
C PRO A 261 3.52 -16.60 6.92
N GLU A 262 3.98 -17.46 6.00
CA GLU A 262 4.00 -18.89 6.26
C GLU A 262 4.88 -19.21 7.47
N GLU A 263 6.03 -18.53 7.60
CA GLU A 263 6.91 -18.79 8.75
C GLU A 263 6.20 -18.42 10.06
N ILE A 264 5.60 -17.24 10.10
CA ILE A 264 4.97 -16.76 11.33
C ILE A 264 3.78 -17.66 11.70
N ALA A 265 2.96 -18.01 10.72
CA ALA A 265 1.82 -18.87 11.00
C ALA A 265 2.27 -20.25 11.47
N TYR A 266 3.35 -20.76 10.86
CA TYR A 266 3.85 -22.06 11.28
C TYR A 266 4.37 -22.02 12.70
N ARG A 267 5.19 -21.02 13.03
CA ARG A 267 5.76 -20.99 14.37
C ARG A 267 4.67 -20.80 15.43
N ARG A 268 3.57 -20.14 15.08
CA ARG A 268 2.47 -19.96 16.02
C ARG A 268 1.51 -21.13 16.04
N ASN A 269 1.79 -22.19 15.27
CA ASN A 269 0.94 -23.37 15.17
C ASN A 269 -0.43 -23.05 14.56
N TRP A 270 -0.51 -21.98 13.75
CA TRP A 270 -1.73 -21.79 12.96
C TRP A 270 -1.79 -22.73 11.78
N ILE A 271 -0.63 -23.17 11.28
CA ILE A 271 -0.55 -24.22 10.28
C ILE A 271 0.53 -25.18 10.73
N ASP A 272 0.44 -26.43 10.29
CA ASP A 272 1.40 -27.47 10.67
C ASP A 272 2.36 -27.75 9.52
N ALA A 273 3.27 -28.71 9.77
CA ALA A 273 4.35 -29.01 8.81
C ALA A 273 3.79 -29.51 7.49
N GLU A 274 2.72 -30.29 7.53
CA GLU A 274 2.05 -30.76 6.31
C GLU A 274 1.61 -29.59 5.44
N GLN A 275 0.95 -28.60 6.03
CA GLN A 275 0.51 -27.45 5.24
C GLN A 275 1.71 -26.68 4.68
N VAL A 276 2.78 -26.53 5.47
CA VAL A 276 3.98 -25.85 4.95
C VAL A 276 4.46 -26.56 3.69
N LEU A 277 4.55 -27.89 3.74
CA LEU A 277 5.00 -28.65 2.58
C LEU A 277 4.07 -28.49 1.39
N LYS A 278 2.74 -28.47 1.62
CA LYS A 278 1.82 -28.26 0.50
C LYS A 278 2.04 -26.89 -0.14
N LEU A 279 2.33 -25.87 0.67
CA LEU A 279 2.60 -24.54 0.12
C LEU A 279 3.94 -24.51 -0.61
N ALA A 280 4.92 -25.27 -0.13
CA ALA A 280 6.20 -25.30 -0.80
C ALA A 280 6.13 -26.04 -2.13
N GLN A 281 5.20 -26.98 -2.27
CA GLN A 281 5.21 -27.88 -3.43
C GLN A 281 5.17 -27.15 -4.76
N PRO A 282 4.25 -26.19 -5.00
CA PRO A 282 4.26 -25.51 -6.31
C PRO A 282 5.44 -24.60 -6.54
N LEU A 283 6.20 -24.26 -5.49
CA LEU A 283 7.32 -23.34 -5.58
C LEU A 283 8.66 -24.04 -5.50
N ALA A 284 8.69 -25.35 -5.71
CA ALA A 284 9.82 -26.16 -5.25
C ALA A 284 11.16 -25.64 -5.76
N LYS A 285 11.19 -25.07 -6.97
CA LYS A 285 12.48 -24.69 -7.55
C LYS A 285 13.01 -23.35 -7.02
N ASN A 286 12.18 -22.45 -6.53
CA ASN A 286 12.69 -21.11 -6.27
C ASN A 286 13.04 -20.92 -4.80
N ALA A 287 13.66 -19.77 -4.53
CA ALA A 287 14.21 -19.51 -3.20
C ALA A 287 13.15 -19.49 -2.12
N TYR A 288 11.96 -18.98 -2.44
CA TYR A 288 10.91 -18.90 -1.43
C TYR A 288 10.44 -20.30 -1.03
N GLY A 289 10.29 -21.20 -2.01
CA GLY A 289 9.91 -22.56 -1.69
C GLY A 289 10.97 -23.28 -0.86
N GLN A 290 12.24 -23.02 -1.16
CA GLN A 290 13.31 -23.61 -0.36
C GLN A 290 13.29 -23.05 1.06
N TYR A 291 13.01 -21.75 1.21
CA TYR A 291 12.87 -21.18 2.54
C TYR A 291 11.75 -21.86 3.32
N LEU A 292 10.59 -22.07 2.68
CA LEU A 292 9.49 -22.77 3.35
C LEU A 292 9.90 -24.18 3.76
N ARG A 293 10.61 -24.90 2.88
CA ARG A 293 11.03 -26.25 3.23
C ARG A 293 11.97 -26.22 4.43
N ASN A 294 12.88 -25.25 4.45
CA ASN A 294 13.87 -25.20 5.51
C ASN A 294 13.25 -24.90 6.86
N LEU A 295 12.01 -24.38 6.90
CA LEU A 295 11.35 -24.14 8.17
C LEU A 295 11.19 -25.42 8.96
N LEU A 296 11.00 -26.55 8.28
CA LEU A 296 10.77 -27.80 8.96
C LEU A 296 12.05 -28.47 9.43
N THR A 297 13.19 -28.10 8.86
CA THR A 297 14.46 -28.73 9.21
C THR A 297 15.40 -27.83 10.01
N HIS A 298 15.36 -26.51 9.80
CA HIS A 298 16.32 -25.60 10.42
C HIS A 298 15.88 -25.15 11.81
N GLN A 299 16.83 -25.13 12.74
CA GLN A 299 16.59 -24.67 14.10
C GLN A 299 16.68 -23.15 14.16
N VAL A 300 15.56 -22.49 14.51
CA VAL A 300 15.47 -21.04 14.63
C VAL A 300 14.72 -20.73 15.93
N ALA A 301 15.30 -19.86 16.76
CA ALA A 301 14.65 -19.47 18.01
C ALA A 301 13.46 -18.54 17.76
N TRP A 302 12.41 -18.69 18.58
CA TRP A 302 11.17 -17.95 18.35
C TRP A 302 10.52 -17.48 19.66
N MET B 9 31.59 -1.63 40.67
CA MET B 9 32.42 -2.42 39.76
C MET B 9 32.73 -1.65 38.49
N ALA B 10 34.01 -1.63 38.13
CA ALA B 10 34.46 -0.89 36.96
C ALA B 10 34.92 -1.88 35.90
N ARG B 11 33.98 -2.37 35.09
CA ARG B 11 34.33 -3.31 34.04
C ARG B 11 35.23 -2.61 33.03
N LYS B 12 36.30 -3.28 32.62
CA LYS B 12 37.28 -2.68 31.71
C LYS B 12 37.02 -3.20 30.30
N GLY B 13 36.96 -2.29 29.33
CA GLY B 13 36.62 -2.67 27.97
C GLY B 13 37.85 -2.70 27.08
N ILE B 14 37.85 -3.63 26.12
CA ILE B 14 38.92 -3.78 25.14
C ILE B 14 38.29 -3.79 23.76
N ILE B 15 38.77 -2.91 22.89
CA ILE B 15 38.41 -2.95 21.47
C ILE B 15 39.59 -3.54 20.73
N LEU B 16 39.41 -4.70 20.11
CA LEU B 16 40.49 -5.30 19.33
C LEU B 16 40.34 -4.84 17.88
N ALA B 17 41.22 -3.97 17.44
CA ALA B 17 41.17 -3.34 16.13
C ALA B 17 42.51 -3.48 15.42
N GLY B 18 43.07 -4.68 15.46
CA GLY B 18 44.35 -4.96 14.89
C GLY B 18 44.23 -5.43 13.45
N GLY B 19 45.29 -6.11 12.99
CA GLY B 19 45.45 -6.46 11.60
C GLY B 19 44.30 -7.31 11.14
N SER B 20 43.72 -6.95 10.01
CA SER B 20 42.53 -7.61 9.47
C SER B 20 42.82 -8.39 8.20
N GLY B 21 44.08 -8.55 7.82
CA GLY B 21 44.41 -9.22 6.60
C GLY B 21 44.15 -8.35 5.38
N THR B 22 44.21 -9.02 4.23
CA THR B 22 44.14 -8.35 2.93
C THR B 22 42.89 -8.73 2.14
N ARG B 23 41.84 -9.23 2.80
CA ARG B 23 40.62 -9.55 2.09
C ARG B 23 40.03 -8.33 1.38
N LEU B 24 40.18 -7.13 1.97
CA LEU B 24 39.58 -5.93 1.41
C LEU B 24 40.54 -5.11 0.55
N TYR B 25 41.74 -5.63 0.24
CA TYR B 25 42.69 -4.93 -0.60
C TYR B 25 42.01 -4.45 -1.87
N PRO B 26 42.25 -3.20 -2.32
CA PRO B 26 43.19 -2.24 -1.73
C PRO B 26 42.63 -1.15 -0.80
N ILE B 27 41.37 -1.22 -0.33
CA ILE B 27 40.88 -0.13 0.51
C ILE B 27 41.54 -0.11 1.88
N THR B 28 42.09 -1.25 2.33
CA THR B 28 42.81 -1.36 3.60
C THR B 28 44.33 -1.35 3.42
N HIS B 29 44.81 -1.03 2.23
CA HIS B 29 46.25 -1.08 1.99
C HIS B 29 46.99 -0.03 2.80
N ALA B 30 46.56 1.22 2.71
CA ALA B 30 47.13 2.31 3.50
C ALA B 30 46.42 2.47 4.85
N VAL B 31 45.08 2.37 4.86
CA VAL B 31 44.23 2.74 5.99
C VAL B 31 43.79 1.49 6.73
N SER B 32 43.80 1.55 8.06
CA SER B 32 43.29 0.46 8.86
C SER B 32 41.79 0.33 8.66
N LYS B 33 41.30 -0.91 8.57
CA LYS B 33 39.90 -1.16 8.29
C LYS B 33 38.99 -0.38 9.23
N GLN B 34 39.33 -0.34 10.52
CA GLN B 34 38.47 0.23 11.53
C GLN B 34 38.45 1.76 11.53
N LEU B 35 39.25 2.41 10.69
CA LEU B 35 39.12 3.84 10.46
C LEU B 35 38.32 4.19 9.22
N LEU B 36 37.87 3.21 8.46
CA LEU B 36 37.12 3.45 7.25
C LEU B 36 35.68 3.83 7.60
N PRO B 37 34.99 4.55 6.71
CA PRO B 37 33.64 5.01 7.06
C PRO B 37 32.61 3.89 6.98
N VAL B 38 31.67 3.94 7.92
CA VAL B 38 30.38 3.28 7.78
C VAL B 38 29.36 4.43 7.73
N TYR B 39 29.04 4.82 6.50
CA TYR B 39 28.21 5.98 6.16
C TYR B 39 28.87 7.31 6.55
N ASP B 40 28.65 7.76 7.79
CA ASP B 40 29.05 9.13 8.18
C ASP B 40 30.03 9.16 9.34
N LYS B 41 30.60 8.02 9.76
CA LYS B 41 31.57 8.05 10.85
C LYS B 41 32.51 6.87 10.72
N PRO B 42 33.71 6.96 11.30
CA PRO B 42 34.65 5.84 11.25
C PRO B 42 34.06 4.61 11.91
N MET B 43 34.37 3.46 11.31
CA MET B 43 33.84 2.19 11.79
C MET B 43 33.99 2.04 13.30
N ILE B 44 35.14 2.43 13.86
CA ILE B 44 35.37 2.12 15.27
C ILE B 44 34.43 2.88 16.20
N TYR B 45 33.81 3.98 15.74
CA TYR B 45 32.79 4.62 16.55
C TYR B 45 31.69 3.65 16.98
N TYR B 46 31.35 2.67 16.13
CA TYR B 46 30.22 1.80 16.45
C TYR B 46 30.53 0.88 17.63
N PRO B 47 31.55 0.02 17.58
CA PRO B 47 31.85 -0.80 18.77
C PRO B 47 32.23 0.04 20.00
N LEU B 48 32.86 1.20 19.82
CA LEU B 48 33.09 2.08 20.97
C LEU B 48 31.77 2.47 21.63
N SER B 49 30.78 2.86 20.83
CA SER B 49 29.50 3.24 21.40
C SER B 49 28.80 2.05 22.05
N THR B 50 29.01 0.84 21.53
CA THR B 50 28.41 -0.32 22.19
C THR B 50 28.95 -0.49 23.61
N LEU B 51 30.27 -0.35 23.80
CA LEU B 51 30.85 -0.39 25.15
C LEU B 51 30.28 0.74 26.02
N MET B 52 30.15 1.95 25.46
CA MET B 52 29.65 3.07 26.24
C MET B 52 28.23 2.80 26.71
N ILE B 53 27.40 2.27 25.82
CA ILE B 53 26.03 1.94 26.16
C ILE B 53 25.98 0.83 27.21
N ALA B 54 26.97 -0.06 27.23
CA ALA B 54 27.05 -1.02 28.32
C ALA B 54 27.49 -0.39 29.65
N GLY B 55 27.83 0.90 29.65
CA GLY B 55 28.28 1.55 30.85
C GLY B 55 29.78 1.53 31.06
N ILE B 56 30.54 1.14 30.07
CA ILE B 56 31.98 1.00 30.24
C ILE B 56 32.66 2.31 29.90
N ARG B 57 33.47 2.81 30.85
CA ARG B 57 34.15 4.08 30.72
C ARG B 57 35.66 3.94 30.57
N ASP B 58 36.23 2.77 30.85
CA ASP B 58 37.67 2.51 30.71
C ASP B 58 37.86 1.57 29.52
N VAL B 59 38.50 2.07 28.46
CA VAL B 59 38.60 1.33 27.21
C VAL B 59 40.07 1.25 26.78
N LEU B 60 40.52 0.06 26.41
CA LEU B 60 41.83 -0.15 25.81
C LEU B 60 41.64 -0.44 24.32
N ILE B 61 42.28 0.35 23.46
CA ILE B 61 42.26 0.12 22.03
C ILE B 61 43.51 -0.66 21.68
N ILE B 62 43.35 -1.82 21.07
CA ILE B 62 44.50 -2.62 20.63
C ILE B 62 44.53 -2.57 19.11
N SER B 63 45.65 -2.11 18.56
CA SER B 63 45.82 -2.04 17.11
C SER B 63 47.23 -2.49 16.76
N THR B 64 47.55 -2.48 15.46
CA THR B 64 48.91 -2.75 15.05
C THR B 64 49.81 -1.60 15.50
N PRO B 65 51.13 -1.85 15.66
CA PRO B 65 52.05 -0.75 15.97
C PRO B 65 51.99 0.37 14.95
N GLN B 66 51.81 0.04 13.67
CA GLN B 66 51.78 1.06 12.63
C GLN B 66 50.52 1.95 12.74
N ASP B 67 49.40 1.41 13.22
CA ASP B 67 48.14 2.16 13.18
C ASP B 67 47.76 2.81 14.49
N THR B 68 48.38 2.42 15.60
CA THR B 68 48.05 3.04 16.89
C THR B 68 48.10 4.55 16.85
N PRO B 69 49.11 5.20 16.25
CA PRO B 69 49.04 6.66 16.19
C PRO B 69 47.78 7.15 15.49
N ARG B 70 47.32 6.43 14.46
CA ARG B 70 46.13 6.88 13.72
C ARG B 70 44.89 6.78 14.61
N PHE B 71 44.76 5.69 15.37
CA PHE B 71 43.65 5.60 16.30
C PHE B 71 43.74 6.63 17.41
N GLU B 72 44.95 6.85 17.95
CA GLU B 72 45.11 7.82 19.02
C GLU B 72 44.79 9.23 18.54
N SER B 73 45.20 9.59 17.33
CA SER B 73 44.86 10.91 16.80
C SER B 73 43.36 11.06 16.59
N MET B 74 42.65 9.97 16.41
CA MET B 74 41.20 10.03 16.25
CA MET B 74 41.21 10.04 16.24
C MET B 74 40.49 10.18 17.58
N LEU B 75 40.88 9.36 18.57
CA LEU B 75 40.10 9.22 19.79
C LEU B 75 40.74 9.89 21.01
N GLY B 76 42.02 10.22 20.96
CA GLY B 76 42.66 10.84 22.12
C GLY B 76 42.63 9.94 23.33
N ASP B 77 42.60 10.55 24.51
CA ASP B 77 42.54 9.83 25.77
C ASP B 77 41.10 9.67 26.28
N GLY B 78 40.11 10.06 25.48
CA GLY B 78 38.73 9.91 25.88
C GLY B 78 38.20 10.92 26.87
N SER B 79 39.06 11.81 27.39
CA SER B 79 38.60 12.80 28.36
C SER B 79 37.58 13.76 27.75
N GLN B 80 37.61 13.95 26.43
CA GLN B 80 36.61 14.81 25.79
C GLN B 80 35.20 14.25 25.94
N TRP B 81 35.08 12.95 26.22
CA TRP B 81 33.81 12.27 26.43
C TRP B 81 33.64 11.79 27.87
N GLY B 82 34.46 12.27 28.81
CA GLY B 82 34.37 11.80 30.18
C GLY B 82 34.75 10.34 30.33
N MET B 83 35.59 9.83 29.43
CA MET B 83 36.07 8.46 29.44
C MET B 83 37.58 8.43 29.63
N ASN B 84 38.10 7.22 29.79
CA ASN B 84 39.53 6.97 29.82
C ASN B 84 39.83 5.96 28.70
N ILE B 85 40.49 6.42 27.66
CA ILE B 85 40.86 5.55 26.53
C ILE B 85 42.38 5.45 26.51
N GLN B 86 42.89 4.22 26.51
CA GLN B 86 44.31 3.90 26.44
C GLN B 86 44.59 3.02 25.22
N TYR B 87 45.89 2.86 24.92
CA TYR B 87 46.32 2.19 23.70
C TYR B 87 47.37 1.13 24.01
N ALA B 88 47.30 0.02 23.28
CA ALA B 88 48.35 -1.01 23.27
C ALA B 88 48.43 -1.59 21.86
N THR B 89 49.49 -2.34 21.60
CA THR B 89 49.73 -2.84 20.25
C THR B 89 49.71 -4.35 20.19
N GLN B 90 49.36 -4.87 19.02
CA GLN B 90 49.41 -6.29 18.72
C GLN B 90 50.24 -6.44 17.45
N PRO B 91 51.44 -7.01 17.52
CA PRO B 91 52.29 -7.04 16.31
C PRO B 91 51.71 -7.83 15.15
N SER B 92 51.06 -8.97 15.40
CA SER B 92 50.43 -9.81 14.40
C SER B 92 49.09 -10.29 14.93
N PRO B 93 48.11 -10.48 14.07
CA PRO B 93 46.80 -10.92 14.62
C PRO B 93 46.79 -12.42 14.96
N ASP B 94 47.38 -12.74 16.11
CA ASP B 94 47.64 -14.11 16.55
C ASP B 94 46.57 -14.65 17.47
N GLY B 95 45.36 -14.08 17.40
CA GLY B 95 44.22 -14.61 18.10
C GLY B 95 43.51 -13.60 18.96
N LEU B 96 42.16 -13.65 18.98
CA LEU B 96 41.38 -12.74 19.82
C LEU B 96 41.79 -12.85 21.29
N ALA B 97 42.04 -14.08 21.77
CA ALA B 97 42.37 -14.26 23.16
C ALA B 97 43.71 -13.63 23.54
N GLN B 98 44.55 -13.30 22.56
CA GLN B 98 45.77 -12.56 22.89
C GLN B 98 45.42 -11.19 23.47
N ALA B 99 44.20 -10.69 23.29
CA ALA B 99 43.83 -9.41 23.91
C ALA B 99 44.02 -9.47 25.41
N PHE B 100 43.84 -10.65 25.99
CA PHE B 100 43.95 -10.80 27.44
C PHE B 100 45.37 -11.08 27.91
N VAL B 101 46.33 -11.11 27.00
CA VAL B 101 47.73 -11.10 27.39
C VAL B 101 48.21 -9.66 27.30
N ILE B 102 48.08 -9.07 26.12
CA ILE B 102 48.42 -7.66 25.93
C ILE B 102 47.65 -6.78 26.92
N GLY B 103 46.35 -7.03 27.08
CA GLY B 103 45.60 -6.16 27.96
C GLY B 103 45.56 -6.60 29.41
N ARG B 104 46.41 -7.54 29.82
CA ARG B 104 46.30 -8.11 31.17
C ARG B 104 46.48 -7.04 32.25
N ASP B 105 47.49 -6.17 32.11
CA ASP B 105 47.69 -5.15 33.14
C ASP B 105 46.53 -4.15 33.17
N PHE B 106 46.02 -3.77 32.00
CA PHE B 106 44.86 -2.88 31.94
C PHE B 106 43.65 -3.49 32.64
N VAL B 107 43.39 -4.78 32.43
CA VAL B 107 42.26 -5.44 33.06
C VAL B 107 42.43 -5.49 34.58
N GLY B 108 43.64 -5.74 35.07
CA GLY B 108 43.87 -5.80 36.51
C GLY B 108 43.07 -6.91 37.14
N ASN B 109 42.46 -6.61 38.30
CA ASN B 109 41.59 -7.54 39.00
CA ASN B 109 41.58 -7.56 38.97
C ASN B 109 40.12 -7.25 38.72
N GLU B 110 39.77 -6.77 37.52
CA GLU B 110 38.41 -6.36 37.24
C GLU B 110 37.71 -7.28 36.24
N PRO B 111 36.37 -7.25 36.21
CA PRO B 111 35.65 -7.83 35.07
C PRO B 111 36.00 -7.05 33.82
N SER B 112 35.78 -7.67 32.67
CA SER B 112 36.17 -7.06 31.42
C SER B 112 35.15 -7.38 30.33
N ALA B 113 35.33 -6.72 29.18
CA ALA B 113 34.59 -7.02 27.97
C ALA B 113 35.53 -6.84 26.81
N LEU B 114 35.37 -7.67 25.79
CA LEU B 114 36.11 -7.60 24.54
C LEU B 114 35.12 -7.38 23.40
N ILE B 115 35.44 -6.45 22.50
CA ILE B 115 34.65 -6.26 21.29
C ILE B 115 35.58 -6.08 20.11
N LEU B 116 35.17 -6.60 18.97
CA LEU B 116 35.93 -6.43 17.74
C LEU B 116 35.68 -5.02 17.18
N GLY B 117 36.75 -4.41 16.70
CA GLY B 117 36.73 -3.05 16.19
C GLY B 117 35.95 -2.86 14.91
N ASP B 118 35.53 -3.94 14.26
CA ASP B 118 34.78 -3.86 13.02
C ASP B 118 33.39 -4.46 13.15
N ASN B 119 32.88 -4.62 14.37
CA ASN B 119 31.56 -5.22 14.59
C ASN B 119 30.56 -4.12 14.94
N ILE B 120 29.42 -4.12 14.25
CA ILE B 120 28.35 -3.17 14.49
C ILE B 120 27.18 -3.93 15.12
N PHE B 121 26.77 -3.49 16.31
CA PHE B 121 25.58 -4.01 16.99
C PHE B 121 24.51 -2.93 17.02
N TYR B 122 23.29 -3.27 16.61
CA TYR B 122 22.21 -2.27 16.65
C TYR B 122 20.85 -2.94 16.89
N GLY B 123 20.07 -2.36 17.80
CA GLY B 123 18.71 -2.83 17.93
C GLY B 123 18.06 -2.38 19.22
N HIS B 124 16.73 -2.56 19.24
CA HIS B 124 15.93 -2.10 20.36
C HIS B 124 16.27 -2.90 21.62
N ASP B 125 16.38 -2.19 22.74
CA ASP B 125 16.70 -2.78 24.05
C ASP B 125 18.13 -3.35 24.13
N LEU B 126 19.03 -3.00 23.20
CA LEU B 126 20.40 -3.49 23.31
C LEU B 126 21.03 -3.12 24.67
N ALA B 127 20.75 -1.89 25.13
CA ALA B 127 21.34 -1.42 26.39
C ALA B 127 20.93 -2.29 27.56
N LYS B 128 19.63 -2.66 27.64
CA LYS B 128 19.21 -3.55 28.74
C LYS B 128 19.96 -4.87 28.70
N GLN B 129 20.18 -5.44 27.52
CA GLN B 129 20.88 -6.71 27.45
C GLN B 129 22.35 -6.54 27.82
N LEU B 130 22.98 -5.46 27.36
CA LEU B 130 24.40 -5.25 27.71
C LEU B 130 24.56 -4.92 29.18
N GLU B 131 23.61 -4.16 29.75
CA GLU B 131 23.69 -3.83 31.16
C GLU B 131 23.51 -5.06 32.04
N ARG B 132 22.59 -5.95 31.69
CA ARG B 132 22.45 -7.19 32.45
C ARG B 132 23.74 -8.02 32.38
N ALA B 133 24.35 -8.12 31.20
CA ALA B 133 25.59 -8.88 31.10
C ALA B 133 26.71 -8.20 31.90
N SER B 134 26.80 -6.86 31.82
CA SER B 134 27.86 -6.13 32.48
C SER B 134 27.75 -6.24 33.99
N ALA B 135 26.54 -6.46 34.48
CA ALA B 135 26.33 -6.43 35.92
C ALA B 135 26.63 -7.76 36.59
N LYS B 136 26.63 -8.86 35.85
CA LYS B 136 26.88 -10.15 36.47
C LYS B 136 28.34 -10.26 36.92
N ASP B 137 28.55 -10.80 38.12
CA ASP B 137 29.88 -10.75 38.72
C ASP B 137 30.68 -12.03 38.54
N THR B 138 30.03 -13.18 38.36
CA THR B 138 30.73 -14.42 38.09
C THR B 138 30.32 -14.97 36.72
N GLY B 139 31.24 -15.67 36.08
CA GLY B 139 30.95 -16.30 34.82
C GLY B 139 31.20 -15.39 33.64
N ALA B 140 30.58 -15.76 32.51
CA ALA B 140 30.80 -15.04 31.26
C ALA B 140 29.50 -14.99 30.45
N THR B 141 29.42 -14.02 29.53
CA THR B 141 28.28 -13.89 28.65
C THR B 141 28.77 -13.73 27.22
N VAL B 142 28.22 -14.53 26.30
CA VAL B 142 28.39 -14.28 24.88
C VAL B 142 27.00 -14.24 24.23
N PHE B 143 26.97 -13.85 22.95
CA PHE B 143 25.71 -13.72 22.23
C PHE B 143 25.71 -14.58 20.97
N ALA B 144 24.60 -15.24 20.73
CA ALA B 144 24.42 -16.12 19.58
C ALA B 144 23.45 -15.47 18.61
N TYR B 145 23.82 -15.45 17.33
CA TYR B 145 23.10 -14.72 16.29
C TYR B 145 23.03 -15.56 15.01
N HIS B 146 21.82 -15.69 14.47
CA HIS B 146 21.59 -16.49 13.27
C HIS B 146 22.19 -15.79 12.06
N VAL B 147 23.10 -16.44 11.35
CA VAL B 147 23.76 -15.84 10.20
C VAL B 147 23.68 -16.77 9.01
N GLN B 148 23.91 -16.18 7.84
CA GLN B 148 23.91 -16.92 6.58
C GLN B 148 25.09 -17.88 6.46
N ASP B 149 26.26 -17.52 7.00
CA ASP B 149 27.49 -18.27 6.75
C ASP B 149 28.12 -18.67 8.07
N PRO B 150 27.46 -19.51 8.87
CA PRO B 150 27.97 -19.77 10.22
C PRO B 150 29.37 -20.37 10.24
N GLU B 151 29.76 -21.09 9.17
CA GLU B 151 31.07 -21.77 9.14
C GLU B 151 32.25 -20.80 9.24
N ARG B 152 32.03 -19.51 9.07
CA ARG B 152 33.05 -18.49 9.25
C ARG B 152 33.42 -18.24 10.71
N TYR B 153 32.63 -18.73 11.67
CA TYR B 153 32.71 -18.25 13.04
C TYR B 153 32.81 -19.41 14.02
N GLY B 154 32.95 -19.05 15.31
CA GLY B 154 32.59 -19.98 16.36
C GLY B 154 31.09 -20.24 16.27
N VAL B 155 30.70 -21.52 16.25
CA VAL B 155 29.31 -21.91 16.03
C VAL B 155 28.78 -22.58 17.28
N VAL B 156 27.57 -22.20 17.69
CA VAL B 156 26.96 -22.79 18.88
C VAL B 156 26.10 -23.99 18.49
N GLU B 157 26.30 -25.13 19.18
CA GLU B 157 25.38 -26.25 19.09
C GLU B 157 24.37 -26.12 20.22
N PHE B 158 23.09 -26.18 19.88
CA PHE B 158 21.97 -25.97 20.79
C PHE B 158 21.14 -27.23 20.88
N ASP B 159 20.59 -27.53 22.06
CA ASP B 159 19.63 -28.61 22.13
C ASP B 159 18.26 -28.07 21.72
N ARG B 160 17.22 -28.89 21.83
CA ARG B 160 15.88 -28.47 21.41
C ARG B 160 15.42 -27.20 22.16
N GLU B 161 15.81 -27.08 23.44
CA GLU B 161 15.41 -25.93 24.25
C GLU B 161 16.34 -24.72 24.08
N PHE B 162 17.22 -24.75 23.09
CA PHE B 162 18.21 -23.69 22.88
C PHE B 162 19.13 -23.51 24.09
N ARG B 163 19.40 -24.60 24.79
CA ARG B 163 20.51 -24.62 25.74
C ARG B 163 21.79 -24.98 24.99
N ALA B 164 22.85 -24.20 25.21
CA ALA B 164 24.11 -24.37 24.49
C ALA B 164 24.84 -25.64 24.94
N ILE B 165 25.29 -26.44 23.97
CA ILE B 165 25.96 -27.71 24.24
C ILE B 165 27.45 -27.63 23.92
N SER B 166 27.83 -26.97 22.83
CA SER B 166 29.23 -26.85 22.48
C SER B 166 29.42 -25.62 21.60
N ILE B 167 30.66 -25.20 21.50
CA ILE B 167 31.10 -24.13 20.59
C ILE B 167 32.32 -24.66 19.87
N GLU B 168 32.27 -24.71 18.53
CA GLU B 168 33.38 -25.09 17.66
CA GLU B 168 33.50 -24.97 17.82
C GLU B 168 33.77 -23.92 16.77
N GLU B 169 35.07 -23.71 16.55
CA GLU B 169 35.59 -22.64 15.73
C GLU B 169 35.62 -23.10 14.28
N LYS B 170 34.90 -22.42 13.40
CA LYS B 170 34.90 -22.74 11.98
C LYS B 170 34.72 -24.24 11.67
N PRO B 171 33.62 -24.84 12.11
CA PRO B 171 33.41 -26.27 11.80
C PRO B 171 33.18 -26.48 10.32
N ALA B 172 33.58 -27.66 9.84
CA ALA B 172 33.27 -28.05 8.46
C ALA B 172 31.77 -28.22 8.27
N LYS B 173 31.09 -28.76 9.28
CA LYS B 173 29.64 -28.95 9.23
C LYS B 173 29.00 -28.24 10.43
N PRO B 174 28.63 -26.97 10.29
CA PRO B 174 28.08 -26.23 11.43
C PRO B 174 26.85 -26.93 12.00
N ARG B 175 26.78 -27.01 13.34
CA ARG B 175 25.66 -27.67 14.00
C ARG B 175 24.41 -26.80 14.06
N SER B 176 24.55 -25.51 13.78
CA SER B 176 23.42 -24.60 13.70
C SER B 176 23.88 -23.43 12.86
N SER B 177 22.98 -22.48 12.66
CA SER B 177 23.31 -21.22 12.01
C SER B 177 23.65 -20.14 13.01
N TYR B 178 23.75 -20.47 14.29
CA TYR B 178 24.00 -19.48 15.34
C TYR B 178 25.50 -19.28 15.56
N ALA B 179 25.99 -18.10 15.18
CA ALA B 179 27.37 -17.70 15.39
C ALA B 179 27.52 -16.95 16.70
N VAL B 180 28.70 -17.09 17.31
CA VAL B 180 29.06 -16.29 18.49
C VAL B 180 29.46 -14.90 18.01
N THR B 181 28.77 -13.85 18.49
CA THR B 181 29.13 -12.52 18.01
C THR B 181 30.47 -12.06 18.58
N GLY B 182 30.96 -10.95 18.04
CA GLY B 182 32.23 -10.39 18.42
C GLY B 182 32.20 -9.51 19.66
N LEU B 183 31.38 -9.87 20.65
CA LEU B 183 31.26 -9.16 21.92
C LEU B 183 31.22 -10.16 23.06
N TYR B 184 32.11 -9.98 24.04
CA TYR B 184 32.24 -10.98 25.10
C TYR B 184 32.38 -10.30 26.46
N PHE B 185 31.66 -10.79 27.46
CA PHE B 185 31.77 -10.29 28.83
C PHE B 185 32.36 -11.37 29.74
N TYR B 186 33.37 -11.01 30.55
CA TYR B 186 34.07 -11.99 31.35
C TYR B 186 34.23 -11.51 32.78
N ASP B 187 34.23 -12.47 33.70
CA ASP B 187 34.57 -12.20 35.09
C ASP B 187 36.10 -12.17 35.19
N ARG B 188 36.62 -12.27 36.41
CA ARG B 188 38.06 -12.08 36.65
C ARG B 188 38.91 -13.27 36.28
N GLN B 189 38.31 -14.36 35.78
CA GLN B 189 39.06 -15.56 35.44
C GLN B 189 39.74 -15.47 34.09
N VAL B 190 39.27 -14.58 33.21
CA VAL B 190 39.59 -14.74 31.79
C VAL B 190 41.09 -14.58 31.53
N CYS B 191 41.77 -13.62 32.18
CA CYS B 191 43.18 -13.45 31.87
C CYS B 191 43.99 -14.71 32.23
N ASP B 192 43.67 -15.37 33.35
CA ASP B 192 44.39 -16.60 33.68
C ASP B 192 44.05 -17.73 32.72
N ILE B 193 42.79 -17.82 32.28
CA ILE B 193 42.42 -18.81 31.27
C ILE B 193 43.19 -18.57 29.98
N ALA B 194 43.34 -17.30 29.61
CA ALA B 194 44.07 -16.95 28.41
C ALA B 194 45.53 -17.40 28.52
N ALA B 195 46.08 -17.42 29.75
CA ALA B 195 47.42 -17.93 29.97
C ALA B 195 47.48 -19.46 29.88
N ASP B 196 46.36 -20.16 30.11
CA ASP B 196 46.33 -21.62 30.13
C ASP B 196 46.11 -22.25 28.75
N ILE B 197 45.36 -21.59 27.86
CA ILE B 197 45.08 -22.15 26.54
C ILE B 197 46.35 -22.15 25.69
N LYS B 198 46.32 -22.93 24.61
CA LYS B 198 47.46 -23.06 23.72
C LYS B 198 47.11 -22.66 22.29
N PRO B 199 48.06 -22.09 21.54
CA PRO B 199 47.75 -21.71 20.16
C PRO B 199 47.24 -22.91 19.40
N SER B 200 46.24 -22.68 18.57
CA SER B 200 45.60 -23.71 17.80
C SER B 200 46.44 -24.07 16.57
N ALA B 201 45.94 -25.05 15.81
CA ALA B 201 46.58 -25.43 14.56
C ALA B 201 46.70 -24.26 13.58
N ARG B 202 45.74 -23.33 13.56
CA ARG B 202 45.95 -22.16 12.71
C ARG B 202 46.84 -21.12 13.38
N GLY B 203 47.52 -21.45 14.47
CA GLY B 203 48.47 -20.54 15.09
C GLY B 203 47.86 -19.38 15.86
N GLU B 204 46.66 -19.55 16.41
CA GLU B 204 45.99 -18.45 17.09
C GLU B 204 45.53 -18.85 18.49
N LEU B 205 45.59 -17.89 19.43
CA LEU B 205 44.98 -18.04 20.75
C LEU B 205 43.47 -17.80 20.60
N GLU B 206 42.68 -18.87 20.77
CA GLU B 206 41.28 -18.92 20.34
C GLU B 206 40.35 -18.45 21.45
N ILE B 207 39.51 -17.45 21.13
CA ILE B 207 38.47 -17.05 22.07
C ILE B 207 37.47 -18.20 22.26
N THR B 208 37.32 -19.05 21.24
CA THR B 208 36.46 -20.20 21.39
C THR B 208 36.96 -21.16 22.47
N ASP B 209 38.29 -21.28 22.65
CA ASP B 209 38.80 -22.12 23.74
C ASP B 209 38.48 -21.49 25.09
N VAL B 210 38.58 -20.17 25.18
CA VAL B 210 38.12 -19.47 26.38
C VAL B 210 36.65 -19.76 26.61
N ASN B 211 35.82 -19.59 25.58
CA ASN B 211 34.38 -19.70 25.78
C ASN B 211 33.95 -21.13 26.09
N SER B 212 34.52 -22.14 25.41
CA SER B 212 34.14 -23.53 25.69
C SER B 212 34.54 -23.93 27.10
N ARG B 213 35.59 -23.31 27.62
CA ARG B 213 36.02 -23.57 28.99
C ARG B 213 34.98 -23.05 29.99
N TYR B 214 34.51 -21.82 29.83
CA TYR B 214 33.39 -21.36 30.66
C TYR B 214 32.16 -22.24 30.49
N LEU B 215 31.87 -22.68 29.26
CA LEU B 215 30.68 -23.51 29.04
C LEU B 215 30.80 -24.84 29.79
N ALA B 216 31.99 -25.47 29.71
CA ALA B 216 32.19 -26.73 30.42
C ALA B 216 31.99 -26.58 31.92
N ALA B 217 32.33 -25.41 32.48
CA ALA B 217 32.17 -25.19 33.91
C ALA B 217 30.75 -24.78 34.30
N GLY B 218 29.81 -24.69 33.36
CA GLY B 218 28.48 -24.22 33.70
C GLY B 218 28.46 -22.76 34.06
N GLN B 219 29.40 -21.98 33.53
CA GLN B 219 29.52 -20.56 33.87
C GLN B 219 29.37 -19.69 32.64
N LEU B 220 28.88 -20.22 31.53
CA LEU B 220 28.70 -19.42 30.32
C LEU B 220 27.22 -19.20 30.06
N ASP B 221 26.80 -17.95 30.01
CA ASP B 221 25.48 -17.62 29.49
C ASP B 221 25.59 -17.36 28.00
N VAL B 222 24.92 -18.17 27.19
CA VAL B 222 24.86 -17.95 25.75
C VAL B 222 23.50 -17.32 25.49
N GLU B 223 23.51 -16.00 25.25
CA GLU B 223 22.28 -15.25 25.08
C GLU B 223 21.92 -15.18 23.61
N LEU B 224 20.69 -15.54 23.30
CA LEU B 224 20.17 -15.39 21.96
C LEU B 224 20.04 -13.90 21.67
N MET B 225 20.60 -13.49 20.56
CA MET B 225 20.43 -12.15 20.04
C MET B 225 19.51 -12.32 18.82
N GLY B 226 18.25 -11.94 18.99
CA GLY B 226 17.22 -12.26 18.01
C GLY B 226 17.40 -11.53 16.70
N ARG B 227 16.56 -11.94 15.74
CA ARG B 227 16.60 -11.37 14.39
C ARG B 227 16.22 -9.90 14.34
N GLY B 228 15.59 -9.36 15.40
CA GLY B 228 15.33 -7.90 15.42
C GLY B 228 16.57 -7.04 15.54
N TYR B 229 17.71 -7.63 15.92
CA TYR B 229 18.99 -6.94 16.00
C TYR B 229 19.74 -7.03 14.69
N ALA B 230 20.54 -6.01 14.42
CA ALA B 230 21.56 -6.05 13.38
C ALA B 230 22.92 -6.30 14.06
N TRP B 231 23.55 -7.44 13.74
CA TRP B 231 24.96 -7.70 14.06
C TRP B 231 25.70 -7.79 12.74
N LEU B 232 26.45 -6.75 12.40
CA LEU B 232 27.11 -6.64 11.11
C LEU B 232 28.61 -6.60 11.32
N ASP B 233 29.33 -7.39 10.55
CA ASP B 233 30.73 -7.10 10.38
C ASP B 233 30.89 -6.79 8.90
N THR B 234 32.10 -6.56 8.48
CA THR B 234 32.23 -5.90 7.21
C THR B 234 33.34 -6.62 6.48
N GLY B 235 33.11 -7.93 6.27
CA GLY B 235 34.15 -8.81 5.75
C GLY B 235 34.35 -8.76 4.25
N THR B 236 33.38 -8.21 3.51
CA THR B 236 33.50 -8.08 2.06
C THR B 236 33.19 -6.63 1.69
N HIS B 237 33.57 -6.23 0.48
CA HIS B 237 33.22 -4.90 -0.01
C HIS B 237 31.71 -4.71 -0.07
N ASP B 238 30.96 -5.76 -0.44
CA ASP B 238 29.50 -5.66 -0.46
C ASP B 238 28.93 -5.44 0.94
N SER B 239 29.36 -6.24 1.93
CA SER B 239 28.75 -6.09 3.25
C SER B 239 29.21 -4.81 3.94
N LEU B 240 30.40 -4.30 3.59
CA LEU B 240 30.80 -2.99 4.13
C LEU B 240 29.87 -1.89 3.61
N ILE B 241 29.60 -1.88 2.31
CA ILE B 241 28.75 -0.81 1.78
C ILE B 241 27.31 -1.02 2.24
N GLU B 242 26.89 -2.28 2.40
CA GLU B 242 25.54 -2.58 2.90
C GLU B 242 25.35 -2.09 4.33
N ALA B 243 26.36 -2.22 5.18
CA ALA B 243 26.25 -1.67 6.52
C ALA B 243 26.07 -0.16 6.49
N GLY B 244 26.77 0.53 5.59
CA GLY B 244 26.62 1.97 5.44
C GLY B 244 25.23 2.40 5.01
N THR B 245 24.65 1.73 4.00
CA THR B 245 23.30 2.11 3.56
C THR B 245 22.29 1.79 4.64
N PHE B 246 22.55 0.75 5.43
CA PHE B 246 21.67 0.41 6.54
C PHE B 246 21.62 1.55 7.55
N ILE B 247 22.80 2.04 7.95
CA ILE B 247 22.85 3.15 8.92
C ILE B 247 22.20 4.40 8.35
N ALA B 248 22.48 4.70 7.08
CA ALA B 248 21.94 5.90 6.46
C ALA B 248 20.42 5.87 6.44
N THR B 249 19.82 4.72 6.13
CA THR B 249 18.36 4.64 6.09
C THR B 249 17.76 4.97 7.45
N LEU B 250 18.32 4.40 8.52
CA LEU B 250 17.82 4.69 9.87
C LEU B 250 18.00 6.16 10.23
N GLN B 251 19.20 6.71 10.01
CA GLN B 251 19.48 8.08 10.48
C GLN B 251 18.66 9.13 9.74
N LYS B 252 18.55 9.00 8.42
CA LYS B 252 17.78 9.96 7.64
C LYS B 252 16.30 9.90 8.00
N ARG B 253 15.79 8.71 8.28
CA ARG B 253 14.39 8.57 8.68
C ARG B 253 14.16 9.22 10.03
N GLN B 254 15.05 8.95 10.99
CA GLN B 254 14.81 9.32 12.38
C GLN B 254 15.24 10.74 12.70
N GLY B 255 16.19 11.31 11.96
CA GLY B 255 16.82 12.52 12.45
C GLY B 255 17.67 12.28 13.69
N LEU B 256 18.07 11.03 13.94
CA LEU B 256 18.92 10.64 15.05
C LEU B 256 20.16 9.95 14.50
N MET B 257 21.24 10.04 15.24
CA MET B 257 22.51 9.48 14.82
C MET B 257 22.73 8.16 15.56
N VAL B 258 23.17 7.14 14.83
CA VAL B 258 23.63 5.90 15.45
C VAL B 258 25.10 6.06 15.86
N ALA B 259 25.40 5.76 17.13
CA ALA B 259 26.78 5.65 17.62
C ALA B 259 27.50 7.00 17.62
N CYS B 260 26.82 8.04 18.13
CA CYS B 260 27.44 9.32 18.37
C CYS B 260 28.00 9.33 19.79
N PRO B 261 29.31 9.24 19.99
CA PRO B 261 29.84 9.13 21.37
C PRO B 261 29.50 10.34 22.25
N GLU B 262 29.53 11.56 21.71
CA GLU B 262 29.14 12.73 22.49
C GLU B 262 27.72 12.60 23.01
N GLU B 263 26.80 12.09 22.19
CA GLU B 263 25.42 11.96 22.62
C GLU B 263 25.30 10.99 23.80
N ILE B 264 25.94 9.83 23.67
CA ILE B 264 25.84 8.80 24.70
C ILE B 264 26.45 9.30 26.01
N ALA B 265 27.64 9.90 25.91
CA ALA B 265 28.33 10.41 27.09
C ALA B 265 27.52 11.52 27.75
N TYR B 266 26.89 12.37 26.94
CA TYR B 266 26.11 13.47 27.52
C TYR B 266 24.87 12.91 28.21
N ARG B 267 24.15 11.99 27.58
CA ARG B 267 22.93 11.46 28.18
C ARG B 267 23.22 10.68 29.46
N ARG B 268 24.41 10.09 29.58
CA ARG B 268 24.77 9.42 30.82
C ARG B 268 25.41 10.36 31.82
N ASN B 269 25.49 11.65 31.51
CA ASN B 269 26.08 12.68 32.38
C ASN B 269 27.58 12.46 32.61
N TRP B 270 28.26 11.81 31.67
CA TRP B 270 29.72 11.77 31.74
C TRP B 270 30.33 13.10 31.31
N ILE B 271 29.61 13.88 30.47
CA ILE B 271 29.98 15.25 30.13
C ILE B 271 28.73 16.10 30.28
N ASP B 272 28.94 17.42 30.49
CA ASP B 272 27.82 18.35 30.65
C ASP B 272 27.60 19.22 29.39
N ALA B 273 26.61 20.11 29.48
CA ALA B 273 26.22 20.93 28.33
C ALA B 273 27.33 21.86 27.89
N GLU B 274 28.08 22.40 28.85
CA GLU B 274 29.21 23.25 28.49
C GLU B 274 30.20 22.48 27.65
N GLN B 275 30.54 21.26 28.08
CA GLN B 275 31.47 20.43 27.31
C GLN B 275 30.93 20.08 25.93
N VAL B 276 29.62 19.80 25.83
CA VAL B 276 29.02 19.56 24.51
C VAL B 276 29.23 20.78 23.60
N LEU B 277 28.97 21.97 24.14
CA LEU B 277 29.15 23.19 23.35
C LEU B 277 30.61 23.38 22.94
N LYS B 278 31.55 23.09 23.84
CA LYS B 278 32.97 23.22 23.46
C LYS B 278 33.30 22.25 22.33
N LEU B 279 32.75 21.05 22.36
CA LEU B 279 33.02 20.12 21.26
C LEU B 279 32.35 20.59 19.98
N ALA B 280 31.16 21.22 20.09
CA ALA B 280 30.43 21.61 18.89
C ALA B 280 31.05 22.84 18.22
N GLN B 281 31.75 23.67 18.97
CA GLN B 281 32.15 24.98 18.44
C GLN B 281 32.96 24.90 17.15
N PRO B 282 34.04 24.11 17.06
CA PRO B 282 34.76 24.03 15.77
C PRO B 282 33.97 23.35 14.66
N LEU B 283 32.88 22.66 14.99
CA LEU B 283 32.09 21.95 14.00
C LEU B 283 30.77 22.63 13.66
N ALA B 284 30.59 23.90 14.08
CA ALA B 284 29.28 24.56 14.02
C ALA B 284 28.71 24.61 12.60
N LYS B 285 29.57 24.64 11.59
CA LYS B 285 29.08 24.73 10.22
C LYS B 285 28.66 23.38 9.64
N ASN B 286 29.11 22.26 10.21
CA ASN B 286 28.79 20.97 9.60
C ASN B 286 27.68 20.26 10.39
N ALA B 287 27.17 19.18 9.79
CA ALA B 287 26.00 18.49 10.32
C ALA B 287 26.29 17.82 11.66
N TYR B 288 27.52 17.33 11.88
CA TYR B 288 27.84 16.68 13.15
C TYR B 288 27.82 17.70 14.28
N GLY B 289 28.44 18.86 14.08
CA GLY B 289 28.44 19.88 15.10
C GLY B 289 27.04 20.39 15.40
N GLN B 290 26.21 20.52 14.38
CA GLN B 290 24.83 20.97 14.62
C GLN B 290 24.05 19.92 15.40
N TYR B 291 24.34 18.64 15.12
CA TYR B 291 23.72 17.56 15.90
C TYR B 291 24.12 17.66 17.38
N LEU B 292 25.40 17.93 17.66
CA LEU B 292 25.83 18.08 19.06
C LEU B 292 25.09 19.23 19.73
N ARG B 293 25.00 20.37 19.05
CA ARG B 293 24.35 21.53 19.64
C ARG B 293 22.88 21.23 19.89
N ASN B 294 22.24 20.51 18.96
CA ASN B 294 20.84 20.17 19.11
C ASN B 294 20.56 19.24 20.30
N LEU B 295 21.58 18.54 20.84
CA LEU B 295 21.38 17.72 22.03
C LEU B 295 20.89 18.54 23.22
N LEU B 296 21.27 19.81 23.32
CA LEU B 296 20.95 20.61 24.50
C LEU B 296 19.50 21.09 24.53
N THR B 297 18.81 21.03 23.41
CA THR B 297 17.41 21.42 23.37
C THR B 297 16.50 20.21 23.33
N HIS B 298 16.99 19.14 22.72
CA HIS B 298 16.17 18.02 22.28
C HIS B 298 15.58 17.25 23.45
N GLN B 299 14.46 16.60 23.13
CA GLN B 299 13.76 15.71 24.02
C GLN B 299 13.66 14.37 23.30
N VAL B 300 14.23 13.34 23.93
CA VAL B 300 14.12 11.94 23.52
C VAL B 300 13.88 11.16 24.81
N ALA B 301 12.97 10.19 24.77
CA ALA B 301 12.80 9.33 25.94
C ALA B 301 13.18 7.90 25.59
N ALA C 10 10.95 2.54 -41.78
CA ALA C 10 9.66 2.12 -41.24
C ALA C 10 9.76 0.79 -40.47
N ARG C 11 10.81 0.64 -39.68
CA ARG C 11 11.02 -0.60 -38.91
C ARG C 11 9.99 -0.75 -37.80
N LYS C 12 9.45 -1.96 -37.65
CA LYS C 12 8.41 -2.23 -36.66
C LYS C 12 8.99 -2.98 -35.45
N GLY C 13 8.66 -2.51 -34.25
CA GLY C 13 9.22 -3.03 -33.03
C GLY C 13 8.26 -3.93 -32.25
N ILE C 14 8.86 -4.91 -31.54
CA ILE C 14 8.16 -5.84 -30.67
C ILE C 14 8.82 -5.83 -29.29
N ILE C 15 8.02 -5.62 -28.25
CA ILE C 15 8.47 -5.78 -26.86
C ILE C 15 7.89 -7.08 -26.34
N LEU C 16 8.75 -8.05 -26.02
CA LEU C 16 8.31 -9.32 -25.46
C LEU C 16 8.25 -9.17 -23.94
N ALA C 17 7.05 -9.09 -23.40
CA ALA C 17 6.81 -8.82 -21.98
C ALA C 17 5.86 -9.85 -21.40
N GLY C 18 6.09 -11.11 -21.73
CA GLY C 18 5.24 -12.20 -21.33
C GLY C 18 5.70 -12.86 -20.05
N GLY C 19 5.26 -14.11 -19.89
CA GLY C 19 5.45 -14.84 -18.65
C GLY C 19 6.93 -14.98 -18.35
N SER C 20 7.32 -14.62 -17.13
CA SER C 20 8.71 -14.65 -16.72
C SER C 20 8.97 -15.77 -15.72
N GLY C 21 8.00 -16.65 -15.54
CA GLY C 21 8.17 -17.72 -14.58
C GLY C 21 8.01 -17.21 -13.16
N THR C 22 8.46 -18.05 -12.24
CA THR C 22 8.30 -17.81 -10.81
C THR C 22 9.62 -17.58 -10.09
N ARG C 23 10.69 -17.21 -10.82
CA ARG C 23 11.98 -16.97 -10.16
C ARG C 23 11.87 -15.86 -9.11
N LEU C 24 11.08 -14.84 -9.39
CA LEU C 24 10.98 -13.70 -8.49
C LEU C 24 9.81 -13.82 -7.52
N TYR C 25 9.14 -14.99 -7.48
CA TYR C 25 8.04 -15.20 -6.56
C TYR C 25 8.45 -14.76 -5.16
N PRO C 26 7.59 -14.09 -4.40
CA PRO C 26 6.21 -13.72 -4.73
C PRO C 26 6.01 -12.31 -5.30
N ILE C 27 7.06 -11.59 -5.69
CA ILE C 27 6.78 -10.22 -6.15
C ILE C 27 6.05 -10.22 -7.49
N THR C 28 6.15 -11.30 -8.29
CA THR C 28 5.44 -11.38 -9.56
C THR C 28 4.18 -12.23 -9.48
N HIS C 29 3.74 -12.60 -8.28
CA HIS C 29 2.57 -13.47 -8.20
C HIS C 29 1.31 -12.76 -8.69
N ALA C 30 1.05 -11.55 -8.18
CA ALA C 30 -0.10 -10.73 -8.60
C ALA C 30 0.17 -9.88 -9.83
N VAL C 31 1.37 -9.30 -9.92
CA VAL C 31 1.70 -8.32 -10.94
C VAL C 31 2.82 -8.85 -11.82
N SER C 32 2.72 -8.57 -13.13
CA SER C 32 3.77 -8.94 -14.06
C SER C 32 5.06 -8.19 -13.81
N LYS C 33 6.17 -8.90 -14.03
CA LYS C 33 7.49 -8.36 -13.79
C LYS C 33 7.68 -7.00 -14.46
N GLN C 34 7.23 -6.89 -15.71
CA GLN C 34 7.53 -5.71 -16.50
C GLN C 34 6.68 -4.50 -16.12
N LEU C 35 5.73 -4.67 -15.20
CA LEU C 35 5.03 -3.55 -14.62
C LEU C 35 5.62 -3.11 -13.29
N LEU C 36 6.63 -3.82 -12.77
CA LEU C 36 7.18 -3.48 -11.47
C LEU C 36 8.12 -2.29 -11.61
N PRO C 37 8.32 -1.55 -10.53
CA PRO C 37 9.12 -0.32 -10.65
C PRO C 37 10.60 -0.62 -10.79
N VAL C 38 11.27 0.19 -11.60
CA VAL C 38 12.72 0.35 -11.53
C VAL C 38 12.95 1.80 -11.14
N TYR C 39 13.14 2.03 -9.85
CA TYR C 39 13.20 3.34 -9.22
C TYR C 39 11.88 4.11 -9.36
N ASP C 40 11.73 4.93 -10.41
CA ASP C 40 10.61 5.89 -10.47
C ASP C 40 9.67 5.64 -11.65
N LYS C 41 9.79 4.51 -12.35
CA LYS C 41 8.88 4.26 -13.45
C LYS C 41 8.80 2.75 -13.67
N PRO C 42 7.72 2.28 -14.30
CA PRO C 42 7.60 0.84 -14.56
C PRO C 42 8.71 0.36 -15.48
N MET C 43 9.17 -0.87 -15.22
CA MET C 43 10.27 -1.47 -15.97
C MET C 43 10.11 -1.31 -17.49
N ILE C 44 8.90 -1.53 -18.00
CA ILE C 44 8.72 -1.56 -19.45
C ILE C 44 8.97 -0.20 -20.09
N TYR C 45 8.95 0.90 -19.31
CA TYR C 45 9.33 2.21 -19.86
C TYR C 45 10.72 2.18 -20.46
N TYR C 46 11.64 1.38 -19.86
CA TYR C 46 13.03 1.40 -20.33
C TYR C 46 13.16 0.79 -21.72
N PRO C 47 12.79 -0.48 -21.95
CA PRO C 47 12.91 -1.02 -23.32
C PRO C 47 12.02 -0.29 -24.32
N LEU C 48 10.84 0.21 -23.90
CA LEU C 48 10.04 1.03 -24.81
C LEU C 48 10.83 2.25 -25.27
N SER C 49 11.47 2.95 -24.32
CA SER C 49 12.25 4.13 -24.67
C SER C 49 13.44 3.77 -25.56
N THR C 50 14.01 2.57 -25.37
CA THR C 50 15.09 2.14 -26.26
C THR C 50 14.61 2.01 -27.70
N LEU C 51 13.43 1.43 -27.90
CA LEU C 51 12.87 1.38 -29.25
C LEU C 51 12.66 2.79 -29.79
N MET C 52 12.16 3.70 -28.94
CA MET C 52 11.88 5.05 -29.39
C MET C 52 13.17 5.76 -29.80
N ILE C 53 14.24 5.57 -29.02
CA ILE C 53 15.52 6.17 -29.38
C ILE C 53 16.06 5.59 -30.67
N ALA C 54 15.74 4.34 -30.97
CA ALA C 54 16.11 3.80 -32.25
C ALA C 54 15.28 4.35 -33.39
N GLY C 55 14.28 5.17 -33.09
CA GLY C 55 13.42 5.72 -34.12
C GLY C 55 12.19 4.90 -34.43
N ILE C 56 11.86 3.89 -33.62
CA ILE C 56 10.74 3.02 -33.90
C ILE C 56 9.47 3.60 -33.30
N ARG C 57 8.44 3.75 -34.13
CA ARG C 57 7.18 4.34 -33.72
C ARG C 57 6.02 3.35 -33.69
N ASP C 58 6.18 2.18 -34.30
CA ASP C 58 5.14 1.14 -34.35
C ASP C 58 5.59 -0.01 -33.47
N VAL C 59 4.87 -0.24 -32.38
CA VAL C 59 5.30 -1.21 -31.37
C VAL C 59 4.16 -2.18 -31.07
N LEU C 60 4.47 -3.47 -31.09
CA LEU C 60 3.59 -4.54 -30.62
C LEU C 60 4.11 -5.03 -29.27
N ILE C 61 3.24 -5.00 -28.26
CA ILE C 61 3.54 -5.52 -26.94
C ILE C 61 2.89 -6.89 -26.80
N ILE C 62 3.70 -7.89 -26.46
CA ILE C 62 3.24 -9.25 -26.23
C ILE C 62 3.36 -9.54 -24.74
N SER C 63 2.25 -9.96 -24.13
CA SER C 63 2.20 -10.33 -22.74
C SER C 63 1.33 -11.57 -22.63
N THR C 64 1.16 -12.03 -21.40
CA THR C 64 0.20 -13.07 -21.12
C THR C 64 -1.21 -12.52 -21.34
N PRO C 65 -2.18 -13.41 -21.58
CA PRO C 65 -3.57 -12.93 -21.74
C PRO C 65 -4.05 -12.10 -20.57
N GLN C 66 -3.69 -12.49 -19.33
CA GLN C 66 -4.15 -11.79 -18.14
C GLN C 66 -3.55 -10.40 -17.99
N ASP C 67 -2.37 -10.15 -18.55
CA ASP C 67 -1.70 -8.88 -18.27
C ASP C 67 -1.81 -7.81 -19.34
N THR C 68 -2.24 -8.16 -20.56
CA THR C 68 -2.43 -7.15 -21.59
C THR C 68 -3.28 -5.94 -21.16
N PRO C 69 -4.41 -6.10 -20.46
CA PRO C 69 -5.14 -4.90 -20.02
C PRO C 69 -4.31 -3.98 -19.14
N ARG C 70 -3.46 -4.56 -18.29
CA ARG C 70 -2.63 -3.73 -17.43
C ARG C 70 -1.59 -2.97 -18.25
N PHE C 71 -0.98 -3.64 -19.24
CA PHE C 71 -0.07 -2.94 -20.14
C PHE C 71 -0.83 -1.90 -20.97
N GLU C 72 -2.01 -2.28 -21.48
CA GLU C 72 -2.80 -1.34 -22.26
C GLU C 72 -3.22 -0.14 -21.41
N SER C 73 -3.60 -0.38 -20.15
CA SER C 73 -3.94 0.73 -19.27
C SER C 73 -2.73 1.62 -19.01
N MET C 74 -1.54 1.03 -19.04
CA MET C 74 -0.32 1.79 -18.76
C MET C 74 0.13 2.60 -19.97
N LEU C 75 0.01 2.04 -21.17
CA LEU C 75 0.54 2.66 -22.37
C LEU C 75 -0.50 3.06 -23.40
N GLY C 76 -1.72 2.52 -23.32
CA GLY C 76 -2.76 2.88 -24.28
C GLY C 76 -2.37 2.47 -25.68
N ASP C 77 -2.88 3.20 -26.67
CA ASP C 77 -2.53 2.92 -28.06
C ASP C 77 -1.32 3.72 -28.52
N GLY C 78 -0.66 4.43 -27.59
CA GLY C 78 0.54 5.17 -27.91
C GLY C 78 0.35 6.47 -28.63
N SER C 79 -0.90 6.80 -29.02
CA SER C 79 -1.13 8.04 -29.75
C SER C 79 -0.78 9.25 -28.90
N GLN C 80 -0.83 9.12 -27.57
CA GLN C 80 -0.43 10.21 -26.68
C GLN C 80 1.05 10.57 -26.83
N TRP C 81 1.88 9.66 -27.37
CA TRP C 81 3.28 9.92 -27.63
C TRP C 81 3.58 9.98 -29.12
N GLY C 82 2.54 10.10 -29.95
CA GLY C 82 2.73 10.10 -31.38
C GLY C 82 3.20 8.77 -31.92
N MET C 83 2.87 7.68 -31.24
CA MET C 83 3.25 6.33 -31.65
C MET C 83 1.99 5.50 -31.89
N ASN C 84 2.20 4.29 -32.38
CA ASN C 84 1.14 3.30 -32.49
C ASN C 84 1.58 2.06 -31.71
N ILE C 85 0.88 1.78 -30.62
CA ILE C 85 1.15 0.62 -29.80
C ILE C 85 -0.03 -0.33 -29.90
N GLN C 86 0.22 -1.57 -30.29
CA GLN C 86 -0.79 -2.62 -30.38
C GLN C 86 -0.43 -3.73 -29.41
N TYR C 87 -1.36 -4.65 -29.22
CA TYR C 87 -1.20 -5.68 -28.21
C TYR C 87 -1.55 -7.05 -28.78
N ALA C 88 -0.79 -8.06 -28.36
CA ALA C 88 -1.09 -9.44 -28.66
C ALA C 88 -0.71 -10.27 -27.45
N THR C 89 -1.18 -11.52 -27.43
CA THR C 89 -1.02 -12.38 -26.26
C THR C 89 -0.17 -13.59 -26.61
N GLN C 90 0.51 -14.10 -25.58
CA GLN C 90 1.30 -15.33 -25.66
C GLN C 90 0.78 -16.25 -24.57
N PRO C 91 0.07 -17.33 -24.91
CA PRO C 91 -0.56 -18.16 -23.86
C PRO C 91 0.44 -18.83 -22.95
N SER C 92 1.58 -19.27 -23.50
CA SER C 92 2.62 -19.92 -22.73
C SER C 92 3.95 -19.37 -23.23
N PRO C 93 4.96 -19.18 -22.32
CA PRO C 93 6.25 -18.62 -22.77
C PRO C 93 7.15 -19.65 -23.45
N ASP C 94 6.86 -19.91 -24.74
CA ASP C 94 7.46 -21.01 -25.48
C ASP C 94 8.66 -20.59 -26.32
N GLY C 95 9.29 -19.45 -26.02
CA GLY C 95 10.51 -19.08 -26.70
C GLY C 95 10.50 -17.70 -27.31
N LEU C 96 11.64 -17.01 -27.25
CA LEU C 96 11.74 -15.65 -27.81
C LEU C 96 11.37 -15.63 -29.29
N ALA C 97 11.76 -16.66 -30.04
CA ALA C 97 11.47 -16.64 -31.48
C ALA C 97 9.97 -16.66 -31.75
N GLN C 98 9.16 -17.10 -30.78
CA GLN C 98 7.72 -17.10 -30.99
C GLN C 98 7.18 -15.68 -31.19
N ALA C 99 7.94 -14.66 -30.77
CA ALA C 99 7.50 -13.29 -31.01
C ALA C 99 7.23 -13.03 -32.48
N PHE C 100 8.00 -13.65 -33.36
CA PHE C 100 7.83 -13.44 -34.78
C PHE C 100 6.83 -14.40 -35.41
N VAL C 101 6.27 -15.33 -34.63
CA VAL C 101 5.13 -16.10 -35.09
C VAL C 101 3.90 -15.31 -34.69
N ILE C 102 3.80 -14.99 -33.40
CA ILE C 102 2.69 -14.17 -32.90
C ILE C 102 2.62 -12.84 -33.65
N GLY C 103 3.75 -12.18 -33.84
CA GLY C 103 3.74 -10.85 -34.43
C GLY C 103 3.89 -10.80 -35.94
N ARG C 104 3.68 -11.93 -36.60
CA ARG C 104 3.92 -12.00 -38.05
C ARG C 104 3.06 -11.01 -38.81
N ASP C 105 1.76 -10.96 -38.52
CA ASP C 105 0.88 -10.04 -39.23
C ASP C 105 1.24 -8.59 -38.94
N PHE C 106 1.59 -8.29 -37.69
CA PHE C 106 2.03 -6.93 -37.35
C PHE C 106 3.28 -6.54 -38.12
N VAL C 107 4.27 -7.45 -38.18
CA VAL C 107 5.52 -7.16 -38.90
C VAL C 107 5.25 -6.97 -40.39
N GLY C 108 4.35 -7.76 -40.96
CA GLY C 108 4.08 -7.68 -42.38
C GLY C 108 5.34 -8.01 -43.15
N ASN C 109 5.64 -7.22 -44.18
CA ASN C 109 6.94 -7.39 -44.82
C ASN C 109 7.80 -6.14 -44.62
N GLU C 110 7.86 -5.67 -43.41
CA GLU C 110 8.76 -4.61 -42.99
C GLU C 110 9.93 -5.20 -42.20
N PRO C 111 11.05 -4.48 -42.10
CA PRO C 111 12.06 -4.85 -41.11
C PRO C 111 11.52 -4.71 -39.71
N SER C 112 12.19 -5.36 -38.75
CA SER C 112 11.68 -5.37 -37.40
C SER C 112 12.82 -5.34 -36.40
N ALA C 113 12.43 -5.21 -35.13
CA ALA C 113 13.33 -5.29 -34.00
C ALA C 113 12.57 -5.93 -32.86
N LEU C 114 13.28 -6.72 -32.06
CA LEU C 114 12.74 -7.35 -30.85
C LEU C 114 13.55 -6.89 -29.64
N ILE C 115 12.86 -6.54 -28.55
CA ILE C 115 13.54 -6.24 -27.30
C ILE C 115 12.79 -6.93 -26.15
N LEU C 116 13.54 -7.40 -25.15
CA LEU C 116 12.89 -8.01 -23.99
C LEU C 116 12.32 -6.94 -23.08
N GLY C 117 11.11 -7.18 -22.58
CA GLY C 117 10.41 -6.21 -21.76
C GLY C 117 11.06 -5.93 -20.42
N ASP C 118 12.08 -6.71 -20.04
CA ASP C 118 12.76 -6.51 -18.76
C ASP C 118 14.23 -6.17 -18.94
N ASN C 119 14.63 -5.72 -20.13
CA ASN C 119 16.02 -5.37 -20.42
C ASN C 119 16.19 -3.86 -20.41
N ILE C 120 17.21 -3.39 -19.67
CA ILE C 120 17.53 -1.95 -19.58
C ILE C 120 18.85 -1.70 -20.29
N PHE C 121 18.82 -0.80 -21.28
CA PHE C 121 20.03 -0.38 -21.99
C PHE C 121 20.30 1.09 -21.68
N TYR C 122 21.53 1.42 -21.30
CA TYR C 122 21.90 2.81 -21.04
C TYR C 122 23.35 3.06 -21.38
N GLY C 123 23.63 4.17 -22.04
CA GLY C 123 25.00 4.59 -22.20
C GLY C 123 25.16 5.63 -23.28
N HIS C 124 26.33 6.26 -23.27
CA HIS C 124 26.61 7.32 -24.21
C HIS C 124 26.68 6.79 -25.64
N ASP C 125 26.05 7.52 -26.57
CA ASP C 125 26.00 7.20 -28.00
C ASP C 125 25.15 5.96 -28.31
N LEU C 126 24.30 5.51 -27.38
CA LEU C 126 23.43 4.38 -27.69
C LEU C 126 22.59 4.66 -28.94
N ALA C 127 22.12 5.91 -29.09
CA ALA C 127 21.28 6.24 -30.22
C ALA C 127 22.01 6.06 -31.53
N LYS C 128 23.27 6.51 -31.61
CA LYS C 128 24.02 6.32 -32.84
C LYS C 128 24.14 4.85 -33.18
N GLN C 129 24.42 4.01 -32.18
CA GLN C 129 24.59 2.59 -32.44
C GLN C 129 23.27 1.95 -32.87
N LEU C 130 22.16 2.37 -32.26
CA LEU C 130 20.85 1.85 -32.67
C LEU C 130 20.49 2.32 -34.08
N GLU C 131 20.87 3.55 -34.44
CA GLU C 131 20.54 4.04 -35.77
C GLU C 131 21.32 3.30 -36.85
N ARG C 132 22.58 2.97 -36.60
CA ARG C 132 23.33 2.18 -37.56
C ARG C 132 22.69 0.81 -37.77
N ALA C 133 22.27 0.16 -36.69
CA ALA C 133 21.61 -1.13 -36.84
C ALA C 133 20.28 -1.00 -37.59
N SER C 134 19.50 0.03 -37.28
CA SER C 134 18.21 0.19 -37.94
C SER C 134 18.37 0.44 -39.43
N ALA C 135 19.53 0.98 -39.83
CA ALA C 135 19.82 1.37 -41.21
C ALA C 135 20.31 0.22 -42.09
N LYS C 136 20.59 -0.96 -41.54
CA LYS C 136 21.01 -2.07 -42.39
C LYS C 136 19.90 -2.41 -43.37
N ASP C 137 20.28 -2.63 -44.63
CA ASP C 137 19.26 -2.97 -45.64
C ASP C 137 18.92 -4.46 -45.59
N THR C 138 19.93 -5.31 -45.41
CA THR C 138 19.76 -6.75 -45.37
C THR C 138 20.53 -7.31 -44.18
N GLY C 139 20.12 -8.48 -43.73
CA GLY C 139 20.82 -9.12 -42.63
C GLY C 139 20.19 -8.80 -41.29
N ALA C 140 20.99 -8.96 -40.24
CA ALA C 140 20.55 -8.81 -38.87
C ALA C 140 21.68 -8.23 -38.03
N THR C 141 21.32 -7.63 -36.90
CA THR C 141 22.28 -7.09 -35.95
C THR C 141 21.90 -7.51 -34.54
N VAL C 142 22.87 -8.05 -33.80
CA VAL C 142 22.71 -8.28 -32.37
C VAL C 142 23.89 -7.62 -31.66
N PHE C 143 23.80 -7.55 -30.33
CA PHE C 143 24.80 -6.91 -29.50
C PHE C 143 25.39 -7.88 -28.49
N ALA C 144 26.71 -7.84 -28.35
CA ALA C 144 27.46 -8.69 -27.44
C ALA C 144 28.02 -7.84 -26.30
N TYR C 145 27.89 -8.33 -25.08
CA TYR C 145 28.20 -7.57 -23.88
C TYR C 145 28.87 -8.47 -22.85
N HIS C 146 30.00 -8.02 -22.31
CA HIS C 146 30.77 -8.82 -21.35
C HIS C 146 29.99 -8.89 -20.04
N VAL C 147 29.68 -10.11 -19.58
CA VAL C 147 28.93 -10.26 -18.34
C VAL C 147 29.60 -11.26 -17.44
N GLN C 148 29.21 -11.19 -16.16
CA GLN C 148 29.73 -12.04 -15.11
C GLN C 148 29.32 -13.50 -15.29
N ASP C 149 28.12 -13.75 -15.77
CA ASP C 149 27.56 -15.10 -15.79
C ASP C 149 27.08 -15.46 -17.18
N PRO C 150 27.99 -15.54 -18.16
CA PRO C 150 27.57 -15.71 -19.55
C PRO C 150 26.78 -16.98 -19.80
N GLU C 151 26.99 -18.03 -19.00
CA GLU C 151 26.32 -19.30 -19.23
C GLU C 151 24.79 -19.20 -19.11
N ARG C 152 24.25 -18.11 -18.56
CA ARG C 152 22.81 -17.91 -18.55
C ARG C 152 22.23 -17.54 -19.91
N TYR C 153 23.06 -17.24 -20.90
CA TYR C 153 22.62 -16.60 -22.14
C TYR C 153 23.08 -17.36 -23.38
N GLY C 154 22.65 -16.86 -24.53
CA GLY C 154 23.38 -17.13 -25.75
C GLY C 154 24.76 -16.49 -25.66
N VAL C 155 25.81 -17.29 -25.91
CA VAL C 155 27.20 -16.89 -25.73
C VAL C 155 27.88 -16.83 -27.09
N VAL C 156 28.62 -15.76 -27.35
CA VAL C 156 29.32 -15.61 -28.63
C VAL C 156 30.68 -16.30 -28.58
N GLU C 157 30.96 -17.13 -29.58
CA GLU C 157 32.31 -17.63 -29.80
C GLU C 157 32.96 -16.83 -30.93
N PHE C 158 34.22 -16.42 -30.70
CA PHE C 158 34.98 -15.52 -31.58
C PHE C 158 36.14 -16.29 -32.21
N ASP C 159 36.58 -15.89 -33.41
CA ASP C 159 37.85 -16.43 -33.90
C ASP C 159 38.97 -15.58 -33.28
N ARG C 160 40.22 -15.85 -33.69
CA ARG C 160 41.40 -15.20 -33.12
C ARG C 160 41.37 -13.68 -33.28
N GLU C 161 40.85 -13.19 -34.41
CA GLU C 161 40.75 -11.75 -34.68
C GLU C 161 39.45 -11.12 -34.18
N PHE C 162 38.71 -11.82 -33.33
CA PHE C 162 37.48 -11.32 -32.68
C PHE C 162 36.28 -11.18 -33.60
N ARG C 163 36.23 -11.92 -34.72
CA ARG C 163 34.98 -12.03 -35.46
C ARG C 163 34.08 -13.07 -34.80
N ALA C 164 32.79 -12.77 -34.73
CA ALA C 164 31.84 -13.75 -34.21
C ALA C 164 31.70 -14.91 -35.20
N ILE C 165 31.94 -16.12 -34.74
CA ILE C 165 31.84 -17.29 -35.61
C ILE C 165 30.74 -18.27 -35.21
N SER C 166 30.31 -18.29 -33.94
CA SER C 166 29.28 -19.21 -33.52
C SER C 166 28.59 -18.66 -32.28
N ILE C 167 27.35 -19.09 -32.06
CA ILE C 167 26.58 -18.71 -30.88
C ILE C 167 25.93 -19.95 -30.29
N GLU C 168 26.03 -20.12 -28.99
CA GLU C 168 25.38 -21.26 -28.35
C GLU C 168 24.53 -20.78 -27.19
N GLU C 169 23.33 -21.35 -27.07
CA GLU C 169 22.40 -20.99 -26.01
C GLU C 169 22.77 -21.73 -24.74
N LYS C 170 23.05 -20.98 -23.67
CA LYS C 170 23.36 -21.55 -22.36
C LYS C 170 24.43 -22.65 -22.41
N PRO C 171 25.63 -22.32 -22.88
CA PRO C 171 26.67 -23.36 -22.98
C PRO C 171 27.10 -23.85 -21.60
N ALA C 172 27.47 -25.13 -21.56
CA ALA C 172 28.02 -25.74 -20.35
C ALA C 172 29.35 -25.11 -19.96
N LYS C 173 30.23 -24.88 -20.94
CA LYS C 173 31.52 -24.22 -20.73
C LYS C 173 31.55 -23.03 -21.69
N PRO C 174 31.18 -21.83 -21.25
CA PRO C 174 31.10 -20.70 -22.20
C PRO C 174 32.44 -20.39 -22.84
N ARG C 175 32.42 -20.19 -24.17
CA ARG C 175 33.64 -19.91 -24.94
C ARG C 175 34.10 -18.45 -24.85
N SER C 176 33.27 -17.56 -24.29
CA SER C 176 33.71 -16.19 -23.99
C SER C 176 32.80 -15.68 -22.88
N SER C 177 33.07 -14.46 -22.42
CA SER C 177 32.17 -13.84 -21.46
C SER C 177 31.13 -12.95 -22.12
N TYR C 178 31.06 -12.94 -23.45
CA TYR C 178 30.17 -12.03 -24.16
C TYR C 178 28.81 -12.68 -24.39
N ALA C 179 27.77 -12.12 -23.75
CA ALA C 179 26.40 -12.57 -23.96
C ALA C 179 25.71 -11.75 -25.05
N VAL C 180 24.78 -12.39 -25.75
CA VAL C 180 23.93 -11.67 -26.68
C VAL C 180 22.86 -10.97 -25.88
N THR C 181 22.78 -9.65 -25.99
CA THR C 181 21.79 -8.90 -25.23
C THR C 181 20.39 -9.14 -25.79
N GLY C 182 19.39 -8.66 -25.05
CA GLY C 182 17.99 -8.83 -25.43
C GLY C 182 17.46 -7.79 -26.41
N LEU C 183 18.29 -7.39 -27.37
CA LEU C 183 17.89 -6.45 -28.40
C LEU C 183 18.40 -6.96 -29.74
N TYR C 184 17.49 -7.10 -30.72
CA TYR C 184 17.80 -7.74 -31.99
C TYR C 184 17.15 -6.99 -33.15
N PHE C 185 17.90 -6.79 -34.23
CA PHE C 185 17.41 -6.13 -35.45
C PHE C 185 17.38 -7.11 -36.60
N TYR C 186 16.28 -7.13 -37.36
CA TYR C 186 16.13 -8.11 -38.42
C TYR C 186 15.62 -7.47 -39.70
N ASP C 187 16.01 -8.06 -40.83
CA ASP C 187 15.41 -7.69 -42.09
C ASP C 187 14.09 -8.44 -42.26
N ARG C 188 13.60 -8.53 -43.49
CA ARG C 188 12.29 -9.11 -43.78
C ARG C 188 12.30 -10.64 -43.79
N GLN C 189 13.46 -11.28 -43.55
CA GLN C 189 13.52 -12.73 -43.54
C GLN C 189 13.05 -13.34 -42.22
N VAL C 190 12.98 -12.56 -41.13
CA VAL C 190 12.96 -13.19 -39.81
C VAL C 190 11.67 -13.98 -39.58
N CYS C 191 10.52 -13.45 -40.03
CA CYS C 191 9.27 -14.15 -39.75
C CYS C 191 9.23 -15.52 -40.40
N ASP C 192 9.70 -15.63 -41.65
CA ASP C 192 9.77 -16.94 -42.27
C ASP C 192 10.83 -17.83 -41.59
N ILE C 193 11.92 -17.24 -41.12
CA ILE C 193 12.92 -18.01 -40.38
C ILE C 193 12.34 -18.53 -39.06
N ALA C 194 11.62 -17.68 -38.34
CA ALA C 194 11.00 -18.07 -37.06
C ALA C 194 9.95 -19.16 -37.22
N ALA C 195 9.22 -19.16 -38.34
CA ALA C 195 8.27 -20.24 -38.60
C ALA C 195 8.97 -21.55 -38.93
N ASP C 196 10.22 -21.51 -39.42
CA ASP C 196 10.89 -22.73 -39.85
C ASP C 196 11.59 -23.46 -38.71
N ILE C 197 12.07 -22.77 -37.68
CA ILE C 197 12.78 -23.48 -36.62
C ILE C 197 11.81 -24.32 -35.79
N LYS C 198 12.36 -25.32 -35.11
CA LYS C 198 11.63 -26.27 -34.31
C LYS C 198 12.06 -26.13 -32.86
N PRO C 199 11.16 -26.42 -31.91
CA PRO C 199 11.52 -26.28 -30.49
C PRO C 199 12.75 -27.10 -30.13
N SER C 200 13.59 -26.52 -29.28
CA SER C 200 14.86 -27.10 -28.88
C SER C 200 14.67 -28.18 -27.82
N ALA C 201 15.79 -28.77 -27.40
CA ALA C 201 15.75 -29.79 -26.36
C ALA C 201 15.15 -29.24 -25.06
N ARG C 202 15.36 -27.95 -24.75
CA ARG C 202 14.67 -27.36 -23.62
C ARG C 202 13.24 -26.96 -23.94
N GLY C 203 12.73 -27.35 -25.10
CA GLY C 203 11.34 -27.11 -25.48
C GLY C 203 10.97 -25.70 -25.86
N GLU C 204 11.90 -24.91 -26.41
CA GLU C 204 11.60 -23.53 -26.75
C GLU C 204 11.99 -23.22 -28.19
N LEU C 205 11.27 -22.28 -28.81
CA LEU C 205 11.68 -21.71 -30.10
C LEU C 205 12.76 -20.67 -29.81
N GLU C 206 14.01 -20.99 -30.17
CA GLU C 206 15.19 -20.28 -29.69
C GLU C 206 15.56 -19.13 -30.60
N ILE C 207 15.70 -17.93 -30.02
CA ILE C 207 16.25 -16.80 -30.76
C ILE C 207 17.69 -17.07 -31.18
N THR C 208 18.41 -17.88 -30.42
CA THR C 208 19.75 -18.26 -30.83
C THR C 208 19.72 -19.00 -32.15
N ASP C 209 18.67 -19.81 -32.38
CA ASP C 209 18.59 -20.51 -33.65
C ASP C 209 18.37 -19.53 -34.78
N VAL C 210 17.52 -18.54 -34.57
CA VAL C 210 17.33 -17.47 -35.56
C VAL C 210 18.66 -16.78 -35.84
N ASN C 211 19.36 -16.38 -34.77
CA ASN C 211 20.60 -15.63 -34.93
C ASN C 211 21.67 -16.48 -35.59
N SER C 212 21.70 -17.78 -35.25
CA SER C 212 22.70 -18.65 -35.86
C SER C 212 22.50 -18.75 -37.36
N ARG C 213 21.24 -18.74 -37.83
CA ARG C 213 21.00 -18.85 -39.27
C ARG C 213 21.52 -17.62 -40.00
N TYR C 214 21.25 -16.42 -39.48
CA TYR C 214 21.83 -15.24 -40.10
C TYR C 214 23.36 -15.32 -40.10
N LEU C 215 23.95 -15.77 -38.99
CA LEU C 215 25.40 -15.86 -38.87
C LEU C 215 25.96 -16.88 -39.87
N ALA C 216 25.33 -18.05 -39.95
CA ALA C 216 25.78 -19.07 -40.88
C ALA C 216 25.73 -18.58 -42.34
N ALA C 217 24.82 -17.67 -42.66
CA ALA C 217 24.72 -17.12 -44.01
C ALA C 217 25.65 -15.95 -44.24
N GLY C 218 26.45 -15.58 -43.24
CA GLY C 218 27.28 -14.39 -43.35
C GLY C 218 26.49 -13.08 -43.30
N GLN C 219 25.34 -13.07 -42.63
CA GLN C 219 24.42 -11.94 -42.65
C GLN C 219 24.15 -11.39 -41.25
N LEU C 220 24.96 -11.75 -40.27
CA LEU C 220 24.79 -11.28 -38.90
C LEU C 220 25.95 -10.38 -38.52
N ASP C 221 25.64 -9.13 -38.16
CA ASP C 221 26.59 -8.23 -37.51
C ASP C 221 26.43 -8.44 -36.00
N VAL C 222 27.52 -8.83 -35.35
CA VAL C 222 27.56 -8.92 -33.89
C VAL C 222 28.35 -7.72 -33.42
N GLU C 223 27.66 -6.71 -32.88
CA GLU C 223 28.33 -5.49 -32.45
C GLU C 223 28.67 -5.58 -30.98
N LEU C 224 29.94 -5.32 -30.66
CA LEU C 224 30.34 -5.27 -29.26
C LEU C 224 29.72 -4.05 -28.60
N MET C 225 29.14 -4.25 -27.43
CA MET C 225 28.63 -3.20 -26.56
C MET C 225 29.61 -3.11 -25.38
N GLY C 226 30.39 -2.03 -25.36
CA GLY C 226 31.50 -1.90 -24.41
C GLY C 226 31.08 -1.75 -22.96
N ARG C 227 32.09 -1.80 -22.09
CA ARG C 227 31.88 -1.70 -20.66
C ARG C 227 31.37 -0.34 -20.22
N GLY C 228 31.44 0.68 -21.09
CA GLY C 228 30.84 1.96 -20.77
C GLY C 228 29.32 1.94 -20.78
N TYR C 229 28.72 0.90 -21.34
CA TYR C 229 27.26 0.74 -21.35
C TYR C 229 26.82 -0.10 -20.17
N ALA C 230 25.62 0.18 -19.70
CA ALA C 230 24.91 -0.69 -18.76
C ALA C 230 23.88 -1.48 -19.57
N TRP C 231 24.01 -2.79 -19.57
CA TRP C 231 22.94 -3.65 -20.04
C TRP C 231 22.50 -4.46 -18.83
N LEU C 232 21.34 -4.12 -18.31
CA LEU C 232 20.83 -4.72 -17.09
C LEU C 232 19.55 -5.48 -17.41
N ASP C 233 19.46 -6.70 -16.93
CA ASP C 233 18.18 -7.33 -16.79
C ASP C 233 17.99 -7.54 -15.29
N THR C 234 16.94 -8.19 -14.93
CA THR C 234 16.53 -8.08 -13.56
C THR C 234 16.12 -9.46 -13.09
N GLY C 235 17.07 -10.38 -13.21
CA GLY C 235 16.76 -11.78 -12.99
C GLY C 235 16.71 -12.16 -11.55
N THR C 236 17.22 -11.33 -10.66
CA THR C 236 17.16 -11.66 -9.26
C THR C 236 16.58 -10.47 -8.49
N HIS C 237 16.14 -10.73 -7.26
CA HIS C 237 15.70 -9.64 -6.41
C HIS C 237 16.81 -8.62 -6.20
N ASP C 238 18.05 -9.10 -6.06
CA ASP C 238 19.20 -8.21 -5.88
C ASP C 238 19.43 -7.36 -7.12
N SER C 239 19.43 -7.97 -8.31
CA SER C 239 19.72 -7.18 -9.49
C SER C 239 18.55 -6.26 -9.84
N LEU C 240 17.32 -6.59 -9.44
CA LEU C 240 16.22 -5.66 -9.68
C LEU C 240 16.42 -4.36 -8.89
N ILE C 241 16.73 -4.47 -7.61
CA ILE C 241 16.90 -3.28 -6.80
C ILE C 241 18.17 -2.52 -7.18
N GLU C 242 19.21 -3.25 -7.61
CA GLU C 242 20.47 -2.63 -8.05
C GLU C 242 20.24 -1.78 -9.31
N ALA C 243 19.41 -2.25 -10.22
CA ALA C 243 19.08 -1.44 -11.40
C ALA C 243 18.40 -0.16 -10.96
N GLY C 244 17.52 -0.25 -9.97
CA GLY C 244 16.83 0.92 -9.47
C GLY C 244 17.75 1.96 -8.85
N THR C 245 18.70 1.51 -7.99
CA THR C 245 19.61 2.47 -7.36
C THR C 245 20.55 3.08 -8.40
N PHE C 246 20.90 2.29 -9.43
CA PHE C 246 21.72 2.79 -10.52
C PHE C 246 21.02 3.93 -11.26
N ILE C 247 19.76 3.72 -11.66
CA ILE C 247 19.01 4.79 -12.33
C ILE C 247 18.85 5.99 -11.41
N ALA C 248 18.58 5.73 -10.12
CA ALA C 248 18.35 6.84 -9.20
C ALA C 248 19.59 7.73 -9.08
N THR C 249 20.76 7.12 -8.98
CA THR C 249 21.99 7.91 -8.87
C THR C 249 22.19 8.82 -10.08
N LEU C 250 21.97 8.29 -11.28
CA LEU C 250 22.12 9.12 -12.47
C LEU C 250 21.11 10.26 -12.46
N GLN C 251 19.83 9.95 -12.22
CA GLN C 251 18.79 10.96 -12.31
C GLN C 251 18.96 12.03 -11.24
N LYS C 252 19.27 11.62 -10.01
CA LYS C 252 19.45 12.63 -8.96
C LYS C 252 20.65 13.52 -9.25
N ARG C 253 21.72 12.96 -9.84
CA ARG C 253 22.89 13.76 -10.16
C ARG C 253 22.59 14.74 -11.29
N GLN C 254 21.94 14.26 -12.36
CA GLN C 254 21.80 15.04 -13.58
C GLN C 254 20.62 16.00 -13.56
N GLY C 255 19.59 15.71 -12.79
CA GLY C 255 18.34 16.42 -12.98
C GLY C 255 17.66 16.07 -14.29
N LEU C 256 18.06 14.94 -14.90
CA LEU C 256 17.46 14.42 -16.12
C LEU C 256 16.92 13.03 -15.83
N MET C 257 15.86 12.67 -16.55
CA MET C 257 15.20 11.39 -16.36
C MET C 257 15.68 10.41 -17.43
N VAL C 258 15.99 9.18 -17.00
CA VAL C 258 16.24 8.11 -17.95
C VAL C 258 14.89 7.55 -18.40
N ALA C 259 14.70 7.43 -19.72
CA ALA C 259 13.56 6.69 -20.29
C ALA C 259 12.22 7.36 -20.02
N CYS C 260 12.17 8.69 -20.23
CA CYS C 260 10.90 9.42 -20.18
C CYS C 260 10.31 9.44 -21.59
N PRO C 261 9.26 8.67 -21.87
CA PRO C 261 8.76 8.59 -23.26
C PRO C 261 8.24 9.91 -23.79
N GLU C 262 7.59 10.70 -22.93
CA GLU C 262 7.15 12.02 -23.38
C GLU C 262 8.33 12.85 -23.83
N GLU C 263 9.45 12.78 -23.10
CA GLU C 263 10.62 13.57 -23.46
C GLU C 263 11.16 13.14 -24.81
N ILE C 264 11.29 11.84 -25.01
CA ILE C 264 11.85 11.31 -26.24
C ILE C 264 10.95 11.66 -27.42
N ALA C 265 9.64 11.48 -27.28
CA ALA C 265 8.73 11.83 -28.37
C ALA C 265 8.77 13.33 -28.66
N TYR C 266 8.93 14.14 -27.62
CA TYR C 266 8.96 15.60 -27.83
C TYR C 266 10.23 16.02 -28.56
N ARG C 267 11.39 15.54 -28.10
CA ARG C 267 12.63 15.95 -28.75
C ARG C 267 12.71 15.47 -30.19
N ARG C 268 12.02 14.37 -30.51
CA ARG C 268 11.91 13.85 -31.88
C ARG C 268 10.77 14.49 -32.67
N ASN C 269 10.06 15.46 -32.09
CA ASN C 269 8.97 16.19 -32.76
C ASN C 269 7.82 15.28 -33.14
N TRP C 270 7.65 14.15 -32.45
CA TRP C 270 6.44 13.34 -32.63
C TRP C 270 5.26 13.95 -31.91
N ILE C 271 5.51 14.77 -30.90
CA ILE C 271 4.49 15.58 -30.25
C ILE C 271 5.05 17.00 -30.13
N ASP C 272 4.14 17.97 -30.06
CA ASP C 272 4.52 19.37 -29.96
C ASP C 272 4.35 19.86 -28.52
N ALA C 273 4.67 21.13 -28.28
CA ALA C 273 4.62 21.65 -26.92
C ALA C 273 3.22 21.58 -26.35
N GLU C 274 2.20 21.73 -27.21
CA GLU C 274 0.82 21.70 -26.72
C GLU C 274 0.44 20.31 -26.22
N GLN C 275 0.89 19.27 -26.92
CA GLN C 275 0.61 17.91 -26.46
C GLN C 275 1.34 17.61 -25.15
N VAL C 276 2.56 18.11 -24.98
CA VAL C 276 3.24 17.92 -23.70
C VAL C 276 2.42 18.53 -22.57
N LEU C 277 1.92 19.73 -22.77
CA LEU C 277 1.13 20.40 -21.73
C LEU C 277 -0.14 19.61 -21.39
N LYS C 278 -0.84 19.08 -22.40
CA LYS C 278 -2.03 18.29 -22.14
C LYS C 278 -1.68 17.04 -21.31
N LEU C 279 -0.53 16.43 -21.58
CA LEU C 279 -0.10 15.28 -20.78
C LEU C 279 0.32 15.69 -19.37
N ALA C 280 0.91 16.88 -19.22
CA ALA C 280 1.36 17.32 -17.91
C ALA C 280 0.21 17.76 -17.01
N GLN C 281 -0.90 18.24 -17.60
CA GLN C 281 -1.96 18.85 -16.80
C GLN C 281 -2.53 17.90 -15.75
N PRO C 282 -2.93 16.66 -16.10
CA PRO C 282 -3.41 15.74 -15.05
C PRO C 282 -2.33 15.27 -14.10
N LEU C 283 -1.06 15.52 -14.42
CA LEU C 283 0.06 15.14 -13.56
C LEU C 283 0.66 16.34 -12.84
N ALA C 284 -0.06 17.47 -12.81
CA ALA C 284 0.50 18.74 -12.37
C ALA C 284 1.04 18.67 -10.94
N LYS C 285 0.44 17.85 -10.09
CA LYS C 285 0.81 17.86 -8.67
C LYS C 285 2.12 17.11 -8.39
N ASN C 286 2.53 16.17 -9.23
CA ASN C 286 3.68 15.31 -8.95
C ASN C 286 4.91 15.71 -9.76
N ALA C 287 6.03 15.07 -9.42
CA ALA C 287 7.32 15.43 -10.00
C ALA C 287 7.40 15.08 -11.49
N TYR C 288 6.70 14.03 -11.91
CA TYR C 288 6.72 13.65 -13.32
C TYR C 288 6.08 14.74 -14.18
N GLY C 289 4.94 15.28 -13.74
CA GLY C 289 4.29 16.35 -14.49
C GLY C 289 5.14 17.60 -14.54
N GLN C 290 5.87 17.89 -13.46
CA GLN C 290 6.76 19.04 -13.48
C GLN C 290 7.91 18.82 -14.45
N TYR C 291 8.41 17.59 -14.54
CA TYR C 291 9.44 17.30 -15.52
C TYR C 291 8.93 17.53 -16.93
N LEU C 292 7.71 17.08 -17.22
CA LEU C 292 7.15 17.32 -18.55
C LEU C 292 7.08 18.81 -18.82
N ARG C 293 6.60 19.60 -17.84
CA ARG C 293 6.51 21.04 -18.03
C ARG C 293 7.89 21.67 -18.25
N ASN C 294 8.89 21.16 -17.55
CA ASN C 294 10.23 21.70 -17.73
C ASN C 294 10.83 21.39 -19.08
N LEU C 295 10.27 20.42 -19.82
CA LEU C 295 10.78 20.14 -21.16
C LEU C 295 10.67 21.35 -22.07
N LEU C 296 9.64 22.18 -21.88
CA LEU C 296 9.45 23.33 -22.74
C LEU C 296 10.32 24.51 -22.34
N THR C 297 10.84 24.53 -21.10
CA THR C 297 11.61 25.64 -20.55
C THR C 297 13.10 25.38 -20.41
N HIS C 298 13.51 24.13 -20.28
CA HIS C 298 14.92 23.80 -20.02
C HIS C 298 15.73 23.62 -21.31
N ALA D 10 53.43 13.61 -24.42
CA ALA D 10 54.17 13.75 -23.17
C ALA D 10 53.45 14.67 -22.18
N ARG D 11 52.11 14.65 -22.21
CA ARG D 11 51.33 15.52 -21.34
C ARG D 11 51.51 15.11 -19.88
N LYS D 12 51.65 16.09 -19.00
CA LYS D 12 51.85 15.86 -17.58
C LYS D 12 50.58 16.12 -16.79
N GLY D 13 50.22 15.19 -15.91
CA GLY D 13 48.98 15.25 -15.16
C GLY D 13 49.16 15.65 -13.70
N ILE D 14 48.16 16.37 -13.19
CA ILE D 14 48.12 16.79 -11.79
C ILE D 14 46.80 16.31 -11.21
N ILE D 15 46.88 15.59 -10.10
CA ILE D 15 45.71 15.26 -9.32
C ILE D 15 45.71 16.15 -8.10
N LEU D 16 44.70 17.00 -7.99
CA LEU D 16 44.58 17.89 -6.85
C LEU D 16 43.76 17.17 -5.80
N ALA D 17 44.42 16.74 -4.73
CA ALA D 17 43.83 15.92 -3.69
C ALA D 17 44.14 16.50 -2.31
N GLY D 18 44.02 17.81 -2.19
CA GLY D 18 44.39 18.51 -0.97
C GLY D 18 43.24 18.61 0.01
N GLY D 19 43.34 19.62 0.89
CA GLY D 19 42.41 19.78 1.99
C GLY D 19 40.99 19.93 1.51
N SER D 20 40.09 19.15 2.10
CA SER D 20 38.69 19.12 1.69
C SER D 20 37.77 19.75 2.71
N GLY D 21 38.31 20.41 3.72
CA GLY D 21 37.48 20.98 4.75
C GLY D 21 36.97 19.90 5.67
N THR D 22 35.99 20.29 6.49
CA THR D 22 35.44 19.42 7.52
C THR D 22 33.96 19.10 7.29
N ARG D 23 33.44 19.28 6.07
CA ARG D 23 32.02 18.97 5.84
C ARG D 23 31.74 17.50 6.12
N LEU D 24 32.72 16.62 5.88
CA LEU D 24 32.51 15.19 6.06
C LEU D 24 32.92 14.70 7.44
N TYR D 25 33.24 15.61 8.37
CA TYR D 25 33.59 15.21 9.72
C TYR D 25 32.53 14.25 10.29
N PRO D 26 32.92 13.17 10.96
CA PRO D 26 34.33 12.85 11.26
C PRO D 26 35.01 11.84 10.34
N ILE D 27 34.46 11.44 9.20
CA ILE D 27 35.17 10.39 8.44
C ILE D 27 36.49 10.90 7.87
N THR D 28 36.63 12.22 7.70
CA THR D 28 37.87 12.80 7.18
C THR D 28 38.76 13.29 8.28
N HIS D 29 38.35 13.14 9.53
CA HIS D 29 39.23 13.44 10.63
C HIS D 29 40.33 12.38 10.65
N ALA D 30 39.92 11.13 10.48
CA ALA D 30 40.76 9.95 10.43
C ALA D 30 41.63 9.90 9.19
N VAL D 31 40.96 9.75 8.07
CA VAL D 31 41.55 9.44 6.78
C VAL D 31 41.34 10.63 5.86
N SER D 32 42.30 10.86 4.98
CA SER D 32 42.11 11.83 3.93
C SER D 32 40.98 11.37 3.02
N LYS D 33 40.18 12.34 2.58
CA LYS D 33 38.99 12.06 1.79
C LYS D 33 39.29 11.16 0.62
N GLN D 34 40.35 11.47 -0.12
CA GLN D 34 40.64 10.77 -1.36
C GLN D 34 41.26 9.41 -1.12
N LEU D 35 41.50 9.02 0.13
CA LEU D 35 41.83 7.65 0.45
C LEU D 35 40.62 6.87 0.93
N LEU D 36 39.46 7.48 0.97
CA LEU D 36 38.30 6.75 1.45
C LEU D 36 37.82 5.80 0.37
N PRO D 37 37.13 4.73 0.77
CA PRO D 37 36.69 3.74 -0.24
C PRO D 37 35.57 4.28 -1.11
N VAL D 38 35.65 3.95 -2.40
CA VAL D 38 34.49 4.00 -3.29
C VAL D 38 34.26 2.56 -3.73
N TYR D 39 33.41 1.87 -2.98
CA TYR D 39 33.13 0.43 -3.11
C TYR D 39 34.35 -0.41 -2.78
N ASP D 40 35.18 -0.73 -3.78
CA ASP D 40 36.24 -1.72 -3.59
C ASP D 40 37.65 -1.15 -3.81
N LYS D 41 37.82 0.16 -3.91
CA LYS D 41 39.16 0.70 -4.07
C LYS D 41 39.19 2.15 -3.56
N PRO D 42 40.38 2.67 -3.25
CA PRO D 42 40.45 4.05 -2.76
C PRO D 42 39.96 5.03 -3.79
N MET D 43 39.28 6.08 -3.31
CA MET D 43 38.72 7.11 -4.19
C MET D 43 39.72 7.57 -5.24
N ILE D 44 40.97 7.76 -4.85
CA ILE D 44 41.90 8.37 -5.79
C ILE D 44 42.19 7.48 -6.99
N TYR D 45 41.94 6.17 -6.89
CA TYR D 45 42.13 5.28 -8.05
C TYR D 45 41.31 5.74 -9.24
N TYR D 46 40.12 6.32 -8.99
CA TYR D 46 39.23 6.64 -10.10
C TYR D 46 39.81 7.78 -10.93
N PRO D 47 40.10 8.97 -10.36
CA PRO D 47 40.72 10.02 -11.19
C PRO D 47 42.09 9.65 -11.70
N LEU D 48 42.89 8.87 -10.93
CA LEU D 48 44.16 8.41 -11.46
C LEU D 48 43.96 7.63 -12.75
N SER D 49 42.99 6.72 -12.74
CA SER D 49 42.74 5.92 -13.93
C SER D 49 42.23 6.77 -15.09
N THR D 50 41.49 7.85 -14.82
CA THR D 50 41.06 8.75 -15.88
C THR D 50 42.24 9.37 -16.60
N LEU D 51 43.25 9.84 -15.86
CA LEU D 51 44.47 10.32 -16.48
C LEU D 51 45.15 9.22 -17.29
N MET D 52 45.17 8.00 -16.75
CA MET D 52 45.83 6.91 -17.47
C MET D 52 45.13 6.62 -18.79
N ILE D 53 43.80 6.65 -18.77
CA ILE D 53 43.04 6.41 -19.99
C ILE D 53 43.29 7.50 -21.03
N ALA D 54 43.55 8.73 -20.59
CA ALA D 54 43.96 9.79 -21.50
C ALA D 54 45.38 9.60 -22.00
N GLY D 55 46.11 8.62 -21.48
CA GLY D 55 47.48 8.37 -21.89
C GLY D 55 48.55 9.04 -21.07
N ILE D 56 48.22 9.60 -19.92
CA ILE D 56 49.19 10.35 -19.12
C ILE D 56 49.92 9.38 -18.20
N ARG D 57 51.26 9.42 -18.24
CA ARG D 57 52.11 8.53 -17.44
C ARG D 57 52.87 9.26 -16.35
N ASP D 58 52.96 10.59 -16.41
CA ASP D 58 53.64 11.38 -15.40
C ASP D 58 52.58 12.15 -14.64
N VAL D 59 52.45 11.86 -13.36
CA VAL D 59 51.36 12.38 -12.54
C VAL D 59 51.94 13.02 -11.29
N LEU D 60 51.47 14.23 -11.00
CA LEU D 60 51.77 14.91 -9.75
C LEU D 60 50.53 14.86 -8.87
N ILE D 61 50.69 14.32 -7.66
CA ILE D 61 49.65 14.31 -6.65
C ILE D 61 49.94 15.49 -5.71
N ILE D 62 48.97 16.40 -5.57
CA ILE D 62 49.08 17.51 -4.64
C ILE D 62 48.11 17.27 -3.50
N SER D 63 48.62 17.29 -2.26
CA SER D 63 47.81 17.11 -1.06
C SER D 63 48.34 18.03 0.04
N THR D 64 47.71 17.94 1.21
CA THR D 64 48.20 18.64 2.38
C THR D 64 49.54 18.04 2.79
N PRO D 65 50.36 18.81 3.54
CA PRO D 65 51.59 18.21 4.07
C PRO D 65 51.31 16.98 4.92
N GLN D 66 50.26 17.01 5.75
CA GLN D 66 49.99 15.88 6.62
C GLN D 66 49.62 14.64 5.82
N ASP D 67 49.02 14.82 4.65
CA ASP D 67 48.45 13.70 3.92
C ASP D 67 49.35 13.16 2.82
N THR D 68 50.33 13.95 2.38
CA THR D 68 51.26 13.48 1.36
C THR D 68 51.91 12.15 1.69
N PRO D 69 52.41 11.91 2.91
CA PRO D 69 52.97 10.58 3.22
C PRO D 69 51.96 9.46 3.06
N ARG D 70 50.69 9.70 3.37
CA ARG D 70 49.68 8.66 3.24
C ARG D 70 49.45 8.30 1.77
N PHE D 71 49.40 9.30 0.90
CA PHE D 71 49.26 9.01 -0.53
C PHE D 71 50.48 8.28 -1.06
N GLU D 72 51.67 8.63 -0.55
CA GLU D 72 52.89 7.97 -1.01
C GLU D 72 52.87 6.48 -0.69
N SER D 73 52.43 6.12 0.52
CA SER D 73 52.37 4.71 0.87
C SER D 73 51.33 3.96 0.06
N MET D 74 50.30 4.66 -0.43
CA MET D 74 49.23 4.05 -1.21
C MET D 74 49.64 3.82 -2.67
N LEU D 75 50.38 4.76 -3.25
CA LEU D 75 50.71 4.74 -4.68
C LEU D 75 52.20 4.62 -4.99
N GLY D 76 53.08 4.89 -4.03
CA GLY D 76 54.49 4.79 -4.36
C GLY D 76 54.88 5.78 -5.44
N ASP D 77 55.88 5.41 -6.23
CA ASP D 77 56.33 6.22 -7.34
C ASP D 77 55.67 5.82 -8.66
N GLY D 78 54.73 4.90 -8.64
CA GLY D 78 54.03 4.49 -9.84
C GLY D 78 54.80 3.55 -10.75
N SER D 79 56.08 3.25 -10.48
CA SER D 79 56.82 2.37 -11.38
C SER D 79 56.20 0.99 -11.47
N GLN D 80 55.46 0.56 -10.45
CA GLN D 80 54.77 -0.72 -10.52
C GLN D 80 53.73 -0.74 -11.63
N TRP D 81 53.26 0.42 -12.08
CA TRP D 81 52.31 0.53 -13.19
C TRP D 81 52.93 1.15 -14.43
N GLY D 82 54.27 1.19 -14.50
CA GLY D 82 54.94 1.82 -15.61
C GLY D 82 54.73 3.32 -15.67
N MET D 83 54.45 3.96 -14.54
CA MET D 83 54.20 5.39 -14.48
C MET D 83 55.27 6.06 -13.64
N ASN D 84 55.27 7.38 -13.66
CA ASN D 84 56.12 8.17 -12.79
C ASN D 84 55.19 9.07 -11.99
N ILE D 85 55.07 8.79 -10.69
CA ILE D 85 54.19 9.53 -9.80
C ILE D 85 55.06 10.29 -8.82
N GLN D 86 54.85 11.60 -8.76
CA GLN D 86 55.56 12.49 -7.86
C GLN D 86 54.55 13.18 -6.94
N TYR D 87 55.08 13.84 -5.92
CA TYR D 87 54.26 14.41 -4.86
C TYR D 87 54.66 15.85 -4.59
N ALA D 88 53.66 16.68 -4.30
CA ALA D 88 53.86 18.03 -3.85
C ALA D 88 52.81 18.36 -2.80
N THR D 89 53.06 19.41 -2.03
CA THR D 89 52.19 19.73 -0.91
C THR D 89 51.51 21.07 -1.14
N GLN D 90 50.33 21.20 -0.56
CA GLN D 90 49.61 22.47 -0.54
C GLN D 90 49.25 22.77 0.90
N PRO D 91 49.89 23.76 1.53
CA PRO D 91 49.59 24.04 2.95
C PRO D 91 48.16 24.48 3.20
N SER D 92 47.58 25.24 2.27
CA SER D 92 46.22 25.73 2.42
C SER D 92 45.45 25.57 1.12
N PRO D 93 44.18 25.19 1.18
CA PRO D 93 43.44 25.01 -0.08
C PRO D 93 42.98 26.36 -0.66
N ASP D 94 43.93 27.06 -1.29
CA ASP D 94 43.76 28.43 -1.76
C ASP D 94 43.36 28.52 -3.22
N GLY D 95 42.78 27.47 -3.79
CA GLY D 95 42.26 27.59 -5.14
C GLY D 95 42.80 26.55 -6.09
N LEU D 96 41.94 26.07 -6.99
CA LEU D 96 42.33 25.05 -7.97
C LEU D 96 43.49 25.53 -8.83
N ALA D 97 43.51 26.81 -9.19
CA ALA D 97 44.56 27.34 -10.06
C ALA D 97 45.94 27.25 -9.41
N GLN D 98 45.99 27.10 -8.08
CA GLN D 98 47.26 26.95 -7.39
C GLN D 98 47.99 25.67 -7.79
N ALA D 99 47.29 24.69 -8.36
CA ALA D 99 47.97 23.48 -8.81
C ALA D 99 49.09 23.81 -9.79
N PHE D 100 48.91 24.86 -10.58
CA PHE D 100 49.88 25.27 -11.60
C PHE D 100 50.89 26.27 -11.06
N VAL D 101 50.78 26.64 -9.78
CA VAL D 101 51.83 27.37 -9.10
C VAL D 101 52.69 26.33 -8.40
N ILE D 102 52.05 25.51 -7.57
CA ILE D 102 52.75 24.42 -6.89
C ILE D 102 53.42 23.50 -7.91
N GLY D 103 52.68 23.12 -8.95
CA GLY D 103 53.18 22.16 -9.92
C GLY D 103 53.90 22.75 -11.10
N ARG D 104 54.33 24.02 -10.98
CA ARG D 104 54.92 24.72 -12.12
C ARG D 104 56.19 24.01 -12.58
N ASP D 105 57.07 23.65 -11.64
CA ASP D 105 58.28 22.96 -12.03
C ASP D 105 57.97 21.61 -12.65
N PHE D 106 56.99 20.90 -12.09
CA PHE D 106 56.63 19.59 -12.60
C PHE D 106 56.17 19.67 -14.05
N VAL D 107 55.33 20.66 -14.37
CA VAL D 107 54.84 20.80 -15.73
C VAL D 107 55.98 21.17 -16.67
N GLY D 108 56.89 22.03 -16.21
CA GLY D 108 57.94 22.47 -17.09
C GLY D 108 57.32 23.22 -18.25
N ASN D 109 57.84 22.97 -19.45
CA ASN D 109 57.32 23.57 -20.67
C ASN D 109 56.50 22.56 -21.48
N GLU D 110 55.77 21.68 -20.79
CA GLU D 110 54.95 20.68 -21.46
C GLU D 110 53.47 21.02 -21.32
N PRO D 111 52.61 20.51 -22.20
CA PRO D 111 51.17 20.57 -21.93
C PRO D 111 50.82 19.73 -20.70
N SER D 112 49.66 20.02 -20.11
CA SER D 112 49.30 19.44 -18.83
C SER D 112 47.81 19.12 -18.79
N ALA D 113 47.40 18.48 -17.70
CA ALA D 113 46.00 18.23 -17.39
C ALA D 113 45.81 18.26 -15.89
N LEU D 114 44.67 18.78 -15.44
CA LEU D 114 44.32 18.81 -14.03
C LEU D 114 43.03 18.04 -13.81
N ILE D 115 43.02 17.17 -12.80
CA ILE D 115 41.82 16.47 -12.40
C ILE D 115 41.69 16.56 -10.89
N LEU D 116 40.44 16.68 -10.42
CA LEU D 116 40.18 16.65 -8.99
C LEU D 116 40.25 15.23 -8.43
N GLY D 117 40.89 15.11 -7.25
CA GLY D 117 41.10 13.81 -6.65
C GLY D 117 39.84 13.11 -6.18
N ASP D 118 38.71 13.80 -6.14
CA ASP D 118 37.45 13.21 -5.69
C ASP D 118 36.39 13.17 -6.80
N ASN D 119 36.81 13.27 -8.05
CA ASN D 119 35.91 13.26 -9.20
C ASN D 119 35.98 11.90 -9.89
N ILE D 120 34.80 11.35 -10.19
CA ILE D 120 34.68 10.06 -10.89
C ILE D 120 34.04 10.32 -12.25
N PHE D 121 34.72 9.90 -13.31
CA PHE D 121 34.23 9.97 -14.69
C PHE D 121 34.01 8.56 -15.21
N TYR D 122 32.84 8.30 -15.81
CA TYR D 122 32.61 6.97 -16.36
C TYR D 122 31.69 7.03 -17.58
N GLY D 123 32.06 6.31 -18.62
CA GLY D 123 31.12 6.15 -19.71
C GLY D 123 31.77 5.67 -20.99
N HIS D 124 30.91 5.23 -21.90
CA HIS D 124 31.36 4.69 -23.17
C HIS D 124 32.04 5.76 -23.99
N ASP D 125 33.16 5.39 -24.60
CA ASP D 125 33.97 6.26 -25.45
C ASP D 125 34.65 7.39 -24.71
N LEU D 126 34.74 7.31 -23.38
CA LEU D 126 35.46 8.34 -22.63
C LEU D 126 36.89 8.48 -23.13
N ALA D 127 37.54 7.36 -23.46
CA ALA D 127 38.92 7.41 -23.91
C ALA D 127 39.06 8.22 -25.18
N LYS D 128 38.17 7.99 -26.15
CA LYS D 128 38.23 8.75 -27.40
C LYS D 128 38.14 10.24 -27.15
N GLN D 129 37.27 10.66 -26.23
CA GLN D 129 37.11 12.09 -25.96
C GLN D 129 38.34 12.67 -25.25
N LEU D 130 38.92 11.94 -24.30
CA LEU D 130 40.13 12.44 -23.64
C LEU D 130 41.31 12.49 -24.60
N GLU D 131 41.38 11.54 -25.53
CA GLU D 131 42.47 11.54 -26.50
C GLU D 131 42.36 12.75 -27.42
N ARG D 132 41.15 13.12 -27.82
CA ARG D 132 40.98 14.32 -28.65
C ARG D 132 41.45 15.56 -27.90
N ALA D 133 41.06 15.69 -26.63
CA ALA D 133 41.49 16.84 -25.85
C ALA D 133 43.00 16.83 -25.65
N SER D 134 43.57 15.64 -25.42
CA SER D 134 44.99 15.51 -25.15
C SER D 134 45.84 15.89 -26.36
N ALA D 135 45.31 15.75 -27.56
CA ALA D 135 46.08 16.00 -28.77
C ALA D 135 46.07 17.45 -29.24
N LYS D 136 45.17 18.29 -28.72
CA LYS D 136 45.09 19.68 -29.20
C LYS D 136 46.38 20.44 -28.89
N ASP D 137 47.04 20.92 -29.96
CA ASP D 137 48.36 21.52 -29.81
C ASP D 137 48.29 22.90 -29.15
N THR D 138 47.26 23.67 -29.45
CA THR D 138 47.09 25.01 -28.86
C THR D 138 45.80 25.07 -28.08
N GLY D 139 45.78 25.92 -27.05
CA GLY D 139 44.56 26.16 -26.28
C GLY D 139 44.36 25.26 -25.07
N ALA D 140 43.09 25.14 -24.68
CA ALA D 140 42.66 24.36 -23.53
C ALA D 140 41.32 23.71 -23.84
N THR D 141 41.02 22.64 -23.11
CA THR D 141 39.74 21.94 -23.24
C THR D 141 39.14 21.64 -21.87
N VAL D 142 37.88 22.02 -21.67
CA VAL D 142 37.11 21.63 -20.49
C VAL D 142 35.82 20.95 -20.95
N PHE D 143 35.10 20.41 -19.97
CA PHE D 143 33.90 19.61 -20.20
C PHE D 143 32.70 20.20 -19.47
N ALA D 144 31.57 20.25 -20.17
CA ALA D 144 30.31 20.75 -19.63
C ALA D 144 29.34 19.60 -19.44
N TYR D 145 28.67 19.57 -18.28
CA TYR D 145 27.85 18.43 -17.87
C TYR D 145 26.58 18.90 -17.19
N HIS D 146 25.43 18.39 -17.63
CA HIS D 146 24.14 18.79 -17.07
C HIS D 146 23.97 18.20 -15.67
N VAL D 147 23.76 19.06 -14.67
CA VAL D 147 23.62 18.62 -13.28
C VAL D 147 22.41 19.28 -12.64
N GLN D 148 21.97 18.68 -11.52
CA GLN D 148 20.80 19.16 -10.78
C GLN D 148 21.03 20.53 -10.14
N ASP D 149 22.24 20.78 -9.69
CA ASP D 149 22.54 21.92 -8.82
C ASP D 149 23.72 22.71 -9.37
N PRO D 150 23.60 23.28 -10.57
CA PRO D 150 24.79 23.86 -11.21
C PRO D 150 25.43 25.00 -10.42
N GLU D 151 24.69 25.71 -9.57
CA GLU D 151 25.27 26.85 -8.86
C GLU D 151 26.42 26.47 -7.94
N ARG D 152 26.64 25.17 -7.69
CA ARG D 152 27.80 24.75 -6.90
C ARG D 152 29.11 24.86 -7.68
N TYR D 153 29.08 25.12 -8.98
CA TYR D 153 30.26 25.00 -9.83
C TYR D 153 30.42 26.23 -10.71
N GLY D 154 31.49 26.19 -11.51
CA GLY D 154 31.54 27.02 -12.71
C GLY D 154 30.46 26.58 -13.67
N VAL D 155 29.65 27.54 -14.14
CA VAL D 155 28.49 27.29 -14.98
C VAL D 155 28.77 27.90 -16.35
N VAL D 156 28.46 27.15 -17.40
CA VAL D 156 28.66 27.60 -18.77
C VAL D 156 27.41 28.32 -19.25
N GLU D 157 27.62 29.49 -19.87
CA GLU D 157 26.57 30.21 -20.58
C GLU D 157 26.64 29.88 -22.06
N PHE D 158 25.50 29.55 -22.66
CA PHE D 158 25.41 29.15 -24.05
C PHE D 158 24.55 30.17 -24.80
N ASP D 159 24.91 30.44 -26.06
CA ASP D 159 24.05 31.24 -26.92
C ASP D 159 22.97 30.38 -27.58
N ARG D 160 22.19 31.03 -28.46
CA ARG D 160 21.12 30.32 -29.17
C ARG D 160 21.70 29.16 -29.97
N GLU D 161 22.90 29.32 -30.51
CA GLU D 161 23.59 28.28 -31.26
C GLU D 161 24.30 27.30 -30.35
N PHE D 162 24.14 27.42 -29.03
CA PHE D 162 24.70 26.49 -28.06
C PHE D 162 26.22 26.47 -28.09
N ARG D 163 26.82 27.64 -28.29
CA ARG D 163 28.26 27.84 -28.19
C ARG D 163 28.56 28.63 -26.93
N ALA D 164 29.65 28.27 -26.24
CA ALA D 164 29.95 28.81 -24.92
C ALA D 164 30.32 30.29 -24.99
N ILE D 165 29.72 31.09 -24.11
CA ILE D 165 29.90 32.53 -24.08
C ILE D 165 30.73 33.00 -22.88
N SER D 166 30.49 32.40 -21.72
CA SER D 166 31.20 32.78 -20.50
C SER D 166 31.09 31.64 -19.51
N ILE D 167 31.89 31.73 -18.46
CA ILE D 167 31.84 30.79 -17.34
C ILE D 167 31.78 31.61 -16.05
N GLU D 168 30.72 31.42 -15.27
CA GLU D 168 30.59 32.07 -13.97
C GLU D 168 30.81 31.04 -12.87
N GLU D 169 31.67 31.37 -11.90
CA GLU D 169 31.93 30.52 -10.76
C GLU D 169 30.83 30.71 -9.72
N LYS D 170 30.09 29.64 -9.43
CA LYS D 170 29.04 29.64 -8.41
C LYS D 170 28.09 30.84 -8.54
N PRO D 171 27.42 31.01 -9.66
CA PRO D 171 26.52 32.16 -9.81
C PRO D 171 25.31 32.03 -8.89
N ALA D 172 24.81 33.18 -8.46
CA ALA D 172 23.57 33.21 -7.70
C ALA D 172 22.40 32.77 -8.57
N LYS D 173 22.40 33.16 -9.85
CA LYS D 173 21.37 32.80 -10.82
C LYS D 173 22.04 32.11 -11.99
N PRO D 174 22.13 30.78 -11.99
CA PRO D 174 22.86 30.07 -13.05
C PRO D 174 22.21 30.29 -14.42
N ARG D 175 23.05 30.57 -15.41
CA ARG D 175 22.60 30.77 -16.78
C ARG D 175 22.34 29.46 -17.53
N SER D 176 22.74 28.31 -16.98
CA SER D 176 22.40 27.01 -17.57
C SER D 176 22.55 25.95 -16.49
N SER D 177 22.24 24.71 -16.85
CA SER D 177 22.46 23.56 -15.98
C SER D 177 23.80 22.87 -16.24
N TYR D 178 24.63 23.44 -17.10
CA TYR D 178 25.90 22.82 -17.49
C TYR D 178 27.03 23.35 -16.63
N ALA D 179 27.58 22.47 -15.79
CA ALA D 179 28.72 22.75 -14.93
C ALA D 179 30.02 22.31 -15.60
N VAL D 180 31.10 23.01 -15.25
CA VAL D 180 32.44 22.60 -15.68
C VAL D 180 32.92 21.46 -14.79
N THR D 181 33.22 20.31 -15.39
CA THR D 181 33.65 19.17 -14.59
C THR D 181 35.06 19.39 -14.06
N GLY D 182 35.48 18.52 -13.14
CA GLY D 182 36.79 18.67 -12.52
C GLY D 182 37.93 18.09 -13.32
N LEU D 183 37.88 18.21 -14.65
CA LEU D 183 38.93 17.72 -15.53
C LEU D 183 39.23 18.76 -16.60
N TYR D 184 40.50 19.14 -16.71
CA TYR D 184 40.92 20.26 -17.54
C TYR D 184 42.21 19.91 -18.29
N PHE D 185 42.27 20.28 -19.56
CA PHE D 185 43.45 20.11 -20.39
C PHE D 185 43.98 21.46 -20.82
N TYR D 186 45.29 21.66 -20.69
CA TYR D 186 45.90 22.96 -20.98
C TYR D 186 47.17 22.81 -21.81
N ASP D 187 47.47 23.84 -22.59
CA ASP D 187 48.75 23.95 -23.26
C ASP D 187 49.82 24.50 -22.31
N ARG D 188 50.87 25.08 -22.87
CA ARG D 188 51.98 25.63 -22.10
C ARG D 188 51.70 27.02 -21.54
N GLN D 189 50.54 27.61 -21.82
CA GLN D 189 50.26 28.94 -21.30
C GLN D 189 49.83 28.90 -19.85
N VAL D 190 49.35 27.75 -19.36
CA VAL D 190 48.54 27.71 -18.15
C VAL D 190 49.37 28.09 -16.93
N CYS D 191 50.61 27.62 -16.82
CA CYS D 191 51.39 27.93 -15.63
C CYS D 191 51.63 29.43 -15.51
N ASP D 192 51.94 30.10 -16.64
CA ASP D 192 52.09 31.55 -16.59
C ASP D 192 50.76 32.25 -16.35
N ILE D 193 49.67 31.72 -16.91
CA ILE D 193 48.36 32.33 -16.68
C ILE D 193 47.99 32.26 -15.20
N ALA D 194 48.27 31.14 -14.55
CA ALA D 194 47.91 31.01 -13.14
C ALA D 194 48.70 31.98 -12.26
N ALA D 195 49.98 32.17 -12.58
CA ALA D 195 50.77 33.13 -11.82
C ALA D 195 50.28 34.55 -12.09
N ASP D 196 49.62 34.76 -13.23
CA ASP D 196 49.11 36.05 -13.65
C ASP D 196 47.83 36.42 -12.95
N ILE D 197 46.98 35.43 -12.65
CA ILE D 197 45.66 35.70 -12.10
C ILE D 197 45.77 36.21 -10.66
N LYS D 198 44.70 36.87 -10.23
CA LYS D 198 44.66 37.43 -8.88
C LYS D 198 43.56 36.76 -8.09
N PRO D 199 43.75 36.59 -6.78
CA PRO D 199 42.73 35.92 -5.96
C PRO D 199 41.39 36.63 -6.02
N SER D 200 40.32 35.82 -6.02
CA SER D 200 38.94 36.29 -6.17
C SER D 200 38.41 36.86 -4.85
N ALA D 201 37.13 37.26 -4.86
CA ALA D 201 36.50 37.76 -3.65
C ALA D 201 36.64 36.75 -2.52
N ARG D 202 36.52 35.46 -2.85
CA ARG D 202 37.00 34.42 -1.95
C ARG D 202 38.49 34.29 -2.23
N GLY D 203 39.32 34.49 -1.22
CA GLY D 203 40.76 34.34 -1.32
C GLY D 203 41.32 33.15 -2.09
N GLU D 204 40.75 32.78 -3.23
CA GLU D 204 41.21 31.60 -3.96
C GLU D 204 41.57 31.97 -5.39
N LEU D 205 42.60 31.30 -5.92
CA LEU D 205 42.95 31.41 -7.34
C LEU D 205 42.01 30.51 -8.13
N GLU D 206 41.13 31.12 -8.92
CA GLU D 206 39.99 30.41 -9.49
C GLU D 206 40.39 29.80 -10.83
N ILE D 207 40.14 28.49 -10.99
CA ILE D 207 40.30 27.87 -12.30
C ILE D 207 39.33 28.48 -13.28
N THR D 208 38.19 28.99 -12.80
CA THR D 208 37.25 29.66 -13.68
C THR D 208 37.89 30.88 -14.35
N ASP D 209 38.74 31.60 -13.61
CA ASP D 209 39.46 32.72 -14.21
C ASP D 209 40.49 32.23 -15.21
N VAL D 210 41.18 31.14 -14.89
CA VAL D 210 42.10 30.54 -15.86
C VAL D 210 41.34 30.20 -17.14
N ASN D 211 40.20 29.53 -16.99
CA ASN D 211 39.44 29.10 -18.15
C ASN D 211 38.89 30.29 -18.93
N SER D 212 38.51 31.36 -18.23
CA SER D 212 38.00 32.55 -18.92
C SER D 212 39.05 33.18 -19.83
N ARG D 213 40.30 33.23 -19.38
CA ARG D 213 41.36 33.77 -20.22
C ARG D 213 41.43 33.02 -21.53
N TYR D 214 41.45 31.68 -21.48
CA TYR D 214 41.45 30.89 -22.71
C TYR D 214 40.23 31.18 -23.55
N LEU D 215 39.06 31.30 -22.92
CA LEU D 215 37.83 31.56 -23.66
C LEU D 215 37.87 32.94 -24.31
N ALA D 216 38.28 33.96 -23.57
CA ALA D 216 38.35 35.31 -24.12
C ALA D 216 39.32 35.37 -25.29
N ALA D 217 40.38 34.55 -25.26
CA ALA D 217 41.35 34.49 -26.34
C ALA D 217 40.92 33.58 -27.48
N GLY D 218 39.71 33.02 -27.42
CA GLY D 218 39.26 32.12 -28.45
C GLY D 218 40.00 30.80 -28.47
N GLN D 219 40.51 30.36 -27.33
CA GLN D 219 41.36 29.17 -27.26
C GLN D 219 40.79 28.11 -26.32
N LEU D 220 39.51 28.19 -25.95
CA LEU D 220 38.88 27.24 -25.05
C LEU D 220 37.84 26.40 -25.79
N ASP D 221 38.04 25.09 -25.80
CA ASP D 221 37.01 24.15 -26.25
C ASP D 221 36.20 23.71 -25.05
N VAL D 222 34.89 23.97 -25.10
CA VAL D 222 33.96 23.49 -24.10
C VAL D 222 33.21 22.33 -24.74
N GLU D 223 33.57 21.10 -24.37
CA GLU D 223 32.94 19.91 -24.92
C GLU D 223 31.81 19.46 -24.01
N LEU D 224 30.63 19.27 -24.60
CA LEU D 224 29.52 18.71 -23.85
C LEU D 224 29.79 17.24 -23.53
N MET D 225 29.58 16.88 -22.28
CA MET D 225 29.65 15.49 -21.81
C MET D 225 28.21 15.05 -21.59
N GLY D 226 27.72 14.16 -22.46
CA GLY D 226 26.31 13.85 -22.50
C GLY D 226 25.81 13.12 -21.28
N ARG D 227 24.47 12.97 -21.21
CA ARG D 227 23.80 12.30 -20.10
C ARG D 227 24.13 10.81 -20.01
N GLY D 228 24.72 10.23 -21.06
CA GLY D 228 25.18 8.86 -20.99
C GLY D 228 26.41 8.67 -20.12
N TYR D 229 27.11 9.75 -19.78
CA TYR D 229 28.26 9.65 -18.88
C TYR D 229 27.85 9.87 -17.44
N ALA D 230 28.59 9.25 -16.53
CA ALA D 230 28.51 9.57 -15.12
C ALA D 230 29.70 10.45 -14.77
N TRP D 231 29.41 11.67 -14.32
CA TRP D 231 30.39 12.53 -13.66
C TRP D 231 29.89 12.76 -12.24
N LEU D 232 30.56 12.14 -11.27
CA LEU D 232 30.18 12.13 -9.87
C LEU D 232 31.26 12.79 -9.05
N ASP D 233 30.86 13.60 -8.07
CA ASP D 233 31.78 13.93 -7.00
C ASP D 233 31.17 13.45 -5.68
N THR D 234 31.87 13.72 -4.60
CA THR D 234 31.59 13.02 -3.35
C THR D 234 31.58 14.03 -2.22
N GLY D 235 30.77 15.07 -2.36
CA GLY D 235 30.80 16.17 -1.43
C GLY D 235 30.03 15.93 -0.16
N THR D 236 29.18 14.91 -0.13
CA THR D 236 28.39 14.60 1.05
C THR D 236 28.52 13.10 1.35
N HIS D 237 28.13 12.74 2.57
CA HIS D 237 28.11 11.34 2.95
C HIS D 237 27.21 10.54 1.99
N ASP D 238 26.06 11.12 1.60
CA ASP D 238 25.15 10.46 0.67
C ASP D 238 25.77 10.27 -0.70
N SER D 239 26.39 11.31 -1.26
CA SER D 239 26.92 11.14 -2.61
C SER D 239 28.15 10.25 -2.60
N LEU D 240 28.89 10.20 -1.49
CA LEU D 240 30.03 9.29 -1.39
C LEU D 240 29.57 7.83 -1.45
N ILE D 241 28.56 7.49 -0.66
CA ILE D 241 28.13 6.09 -0.65
C ILE D 241 27.39 5.74 -1.94
N GLU D 242 26.66 6.70 -2.53
CA GLU D 242 26.01 6.41 -3.81
C GLU D 242 27.02 6.14 -4.91
N ALA D 243 28.15 6.85 -4.88
CA ALA D 243 29.18 6.56 -5.87
C ALA D 243 29.61 5.11 -5.73
N GLY D 244 29.70 4.60 -4.49
CA GLY D 244 30.06 3.21 -4.27
C GLY D 244 29.06 2.21 -4.82
N THR D 245 27.77 2.43 -4.56
CA THR D 245 26.76 1.51 -5.08
C THR D 245 26.68 1.59 -6.59
N PHE D 246 26.98 2.76 -7.15
CA PHE D 246 26.95 2.90 -8.60
C PHE D 246 28.02 2.00 -9.23
N ILE D 247 29.25 2.09 -8.74
CA ILE D 247 30.32 1.24 -9.24
C ILE D 247 29.99 -0.23 -9.03
N ALA D 248 29.46 -0.58 -7.85
CA ALA D 248 29.19 -1.99 -7.55
C ALA D 248 28.19 -2.59 -8.53
N THR D 249 27.17 -1.82 -8.93
CA THR D 249 26.19 -2.36 -9.87
C THR D 249 26.88 -2.75 -11.19
N LEU D 250 27.72 -1.87 -11.72
CA LEU D 250 28.41 -2.18 -12.98
C LEU D 250 29.32 -3.39 -12.83
N GLN D 251 30.16 -3.38 -11.78
CA GLN D 251 31.16 -4.43 -11.62
C GLN D 251 30.51 -5.79 -11.39
N LYS D 252 29.47 -5.86 -10.58
CA LYS D 252 28.84 -7.17 -10.37
C LYS D 252 28.14 -7.66 -11.64
N ARG D 253 27.55 -6.76 -12.42
CA ARG D 253 26.92 -7.20 -13.66
C ARG D 253 27.95 -7.70 -14.67
N GLN D 254 29.05 -6.96 -14.85
CA GLN D 254 30.00 -7.19 -15.93
C GLN D 254 31.08 -8.20 -15.61
N GLY D 255 31.43 -8.38 -14.34
CA GLY D 255 32.65 -9.11 -14.03
C GLY D 255 33.90 -8.36 -14.44
N LEU D 256 33.79 -7.06 -14.65
CA LEU D 256 34.90 -6.19 -14.99
C LEU D 256 35.04 -5.14 -13.90
N MET D 257 36.25 -4.67 -13.70
CA MET D 257 36.51 -3.69 -12.67
C MET D 257 36.59 -2.29 -13.29
N VAL D 258 35.97 -1.32 -12.63
CA VAL D 258 36.19 0.08 -12.99
C VAL D 258 37.46 0.57 -12.30
N ALA D 259 38.35 1.18 -13.09
CA ALA D 259 39.50 1.94 -12.55
C ALA D 259 40.51 1.02 -11.84
N CYS D 260 40.83 -0.12 -12.44
CA CYS D 260 41.96 -0.93 -11.99
C CYS D 260 43.21 -0.46 -12.72
N PRO D 261 44.13 0.24 -12.07
CA PRO D 261 45.30 0.77 -12.80
C PRO D 261 46.17 -0.33 -13.41
N GLU D 262 46.32 -1.47 -12.72
CA GLU D 262 47.09 -2.57 -13.32
C GLU D 262 46.49 -2.99 -14.66
N GLU D 263 45.15 -3.06 -14.74
CA GLU D 263 44.50 -3.44 -15.98
C GLU D 263 44.78 -2.42 -17.07
N ILE D 264 44.57 -1.14 -16.77
CA ILE D 264 44.76 -0.12 -17.79
C ILE D 264 46.21 -0.07 -18.22
N ALA D 265 47.14 -0.11 -17.25
CA ALA D 265 48.55 -0.06 -17.59
C ALA D 265 48.97 -1.28 -18.39
N TYR D 266 48.40 -2.45 -18.07
CA TYR D 266 48.74 -3.66 -18.79
C TYR D 266 48.23 -3.60 -20.22
N ARG D 267 46.97 -3.19 -20.41
CA ARG D 267 46.44 -3.15 -21.76
C ARG D 267 47.15 -2.11 -22.61
N ARG D 268 47.69 -1.06 -21.98
CA ARG D 268 48.45 -0.04 -22.71
C ARG D 268 49.93 -0.40 -22.85
N ASN D 269 50.34 -1.59 -22.39
CA ASN D 269 51.73 -2.07 -22.50
C ASN D 269 52.71 -1.22 -21.69
N TRP D 270 52.25 -0.56 -20.63
CA TRP D 270 53.18 0.10 -19.72
C TRP D 270 53.88 -0.90 -18.81
N ILE D 271 53.23 -2.03 -18.54
CA ILE D 271 53.79 -3.16 -17.83
C ILE D 271 53.44 -4.40 -18.63
N ASP D 272 54.24 -5.45 -18.46
CA ASP D 272 54.02 -6.67 -19.22
C ASP D 272 53.36 -7.74 -18.34
N ALA D 273 53.11 -8.89 -18.97
CA ALA D 273 52.40 -9.98 -18.28
C ALA D 273 53.17 -10.44 -17.05
N GLU D 274 54.49 -10.53 -17.19
CA GLU D 274 55.32 -10.91 -16.05
C GLU D 274 55.14 -9.93 -14.91
N GLN D 275 55.09 -8.63 -15.20
CA GLN D 275 54.91 -7.64 -14.13
C GLN D 275 53.54 -7.76 -13.48
N VAL D 276 52.49 -8.03 -14.27
CA VAL D 276 51.17 -8.24 -13.66
C VAL D 276 51.24 -9.40 -12.67
N LEU D 277 51.90 -10.50 -13.05
CA LEU D 277 52.04 -11.64 -12.15
C LEU D 277 52.80 -11.30 -10.87
N LYS D 278 53.86 -10.49 -10.97
CA LYS D 278 54.54 -10.09 -9.74
C LYS D 278 53.58 -9.30 -8.84
N LEU D 279 52.72 -8.47 -9.44
CA LEU D 279 51.74 -7.75 -8.62
C LEU D 279 50.67 -8.66 -8.05
N ALA D 280 50.26 -9.70 -8.79
CA ALA D 280 49.20 -10.58 -8.32
C ALA D 280 49.66 -11.52 -7.20
N GLN D 281 50.95 -11.90 -7.20
CA GLN D 281 51.41 -12.97 -6.34
C GLN D 281 51.17 -12.71 -4.85
N PRO D 282 51.52 -11.55 -4.27
CA PRO D 282 51.21 -11.32 -2.85
C PRO D 282 49.72 -11.18 -2.58
N LEU D 283 48.89 -11.02 -3.61
CA LEU D 283 47.46 -10.84 -3.47
C LEU D 283 46.68 -12.11 -3.84
N ALA D 284 47.37 -13.25 -3.93
CA ALA D 284 46.78 -14.44 -4.56
C ALA D 284 45.47 -14.85 -3.89
N LYS D 285 45.35 -14.64 -2.58
CA LYS D 285 44.15 -15.13 -1.88
C LYS D 285 42.92 -14.24 -2.08
N ASN D 286 43.07 -12.96 -2.44
CA ASN D 286 41.91 -12.09 -2.48
C ASN D 286 41.41 -11.84 -3.91
N ALA D 287 40.25 -11.19 -3.99
CA ALA D 287 39.57 -11.00 -5.27
C ALA D 287 40.35 -10.12 -6.24
N TYR D 288 41.06 -9.11 -5.71
CA TYR D 288 41.83 -8.23 -6.58
C TYR D 288 42.96 -8.99 -7.27
N GLY D 289 43.68 -9.82 -6.53
CA GLY D 289 44.73 -10.62 -7.15
C GLY D 289 44.21 -11.58 -8.18
N GLN D 290 43.08 -12.22 -7.90
CA GLN D 290 42.42 -13.06 -8.90
C GLN D 290 42.10 -12.26 -10.16
N TYR D 291 41.66 -11.01 -10.00
CA TYR D 291 41.33 -10.20 -11.17
C TYR D 291 42.56 -9.92 -12.01
N LEU D 292 43.68 -9.62 -11.36
CA LEU D 292 44.93 -9.40 -12.08
C LEU D 292 45.37 -10.66 -12.83
N ARG D 293 45.22 -11.83 -12.21
CA ARG D 293 45.60 -13.05 -12.89
C ARG D 293 44.72 -13.29 -14.11
N ASN D 294 43.42 -13.01 -14.01
CA ASN D 294 42.57 -13.26 -15.16
C ASN D 294 42.88 -12.33 -16.32
N LEU D 295 43.58 -11.22 -16.08
CA LEU D 295 43.98 -10.37 -17.20
C LEU D 295 44.84 -11.14 -18.19
N LEU D 296 45.66 -12.07 -17.72
CA LEU D 296 46.56 -12.79 -18.61
C LEU D 296 45.86 -13.89 -19.39
N THR D 297 44.67 -14.28 -18.98
CA THR D 297 43.88 -15.29 -19.69
C THR D 297 42.65 -14.71 -20.36
N HIS D 298 42.32 -13.45 -20.12
CA HIS D 298 41.01 -12.91 -20.45
C HIS D 298 40.86 -12.66 -21.94
N GLN D 299 39.61 -12.81 -22.41
CA GLN D 299 39.16 -12.34 -23.70
C GLN D 299 38.19 -11.18 -23.45
N VAL D 300 38.64 -9.96 -23.77
CA VAL D 300 37.91 -8.72 -23.46
C VAL D 300 38.14 -7.71 -24.59
N ALA D 301 39.07 -8.01 -25.51
CA ALA D 301 39.56 -7.04 -26.49
C ALA D 301 38.56 -6.79 -27.63
N TRP D 302 39.05 -6.18 -28.71
CA TRP D 302 38.26 -5.50 -29.75
C TRP D 302 37.31 -6.35 -30.59
N ALA E 10 -24.40 5.96 -24.36
CA ALA E 10 -25.64 5.77 -23.59
C ALA E 10 -25.45 6.26 -22.17
N ARG E 11 -26.44 6.99 -21.67
CA ARG E 11 -26.38 7.59 -20.34
C ARG E 11 -26.46 6.52 -19.25
N LYS E 12 -25.63 6.67 -18.23
CA LYS E 12 -25.57 5.73 -17.11
C LYS E 12 -26.34 6.30 -15.92
N GLY E 13 -27.26 5.51 -15.37
CA GLY E 13 -28.11 5.96 -14.30
C GLY E 13 -27.68 5.41 -12.95
N ILE E 14 -27.88 6.23 -11.91
CA ILE E 14 -27.56 5.85 -10.53
C ILE E 14 -28.77 6.10 -9.66
N ILE E 15 -29.20 5.08 -8.92
CA ILE E 15 -30.22 5.23 -7.90
C ILE E 15 -29.52 5.18 -6.54
N LEU E 16 -29.60 6.28 -5.80
CA LEU E 16 -28.99 6.34 -4.46
C LEU E 16 -30.04 5.89 -3.44
N ALA E 17 -29.84 4.69 -2.89
CA ALA E 17 -30.84 4.09 -2.00
C ALA E 17 -30.19 3.61 -0.71
N GLY E 18 -29.31 4.43 -0.14
CA GLY E 18 -28.57 4.08 1.08
C GLY E 18 -29.28 4.53 2.35
N GLY E 19 -28.51 4.67 3.43
CA GLY E 19 -29.07 4.93 4.74
C GLY E 19 -29.89 6.20 4.77
N SER E 20 -31.10 6.13 5.31
CA SER E 20 -32.01 7.26 5.33
C SER E 20 -32.29 7.76 6.74
N GLY E 21 -31.52 7.30 7.72
CA GLY E 21 -31.67 7.70 9.12
C GLY E 21 -32.82 7.00 9.82
N THR E 22 -33.10 7.50 11.03
CA THR E 22 -34.05 6.89 11.95
C THR E 22 -35.26 7.75 12.26
N ARG E 23 -35.57 8.75 11.42
CA ARG E 23 -36.75 9.58 11.67
C ARG E 23 -38.03 8.75 11.64
N LEU E 24 -38.05 7.69 10.83
CA LEU E 24 -39.25 6.87 10.69
C LEU E 24 -39.22 5.64 11.58
N TYR E 25 -38.30 5.57 12.54
CA TYR E 25 -38.29 4.46 13.48
C TYR E 25 -39.71 4.25 14.03
N PRO E 26 -40.19 3.01 14.14
CA PRO E 26 -39.47 1.78 13.84
C PRO E 26 -39.70 1.14 12.47
N ILE E 27 -40.38 1.80 11.52
CA ILE E 27 -40.67 1.10 10.27
C ILE E 27 -39.42 0.84 9.44
N THR E 28 -38.36 1.61 9.61
CA THR E 28 -37.10 1.41 8.89
C THR E 28 -36.06 0.71 9.74
N HIS E 29 -36.44 0.20 10.91
CA HIS E 29 -35.45 -0.43 11.77
C HIS E 29 -34.92 -1.73 11.17
N ALA E 30 -35.81 -2.62 10.73
CA ALA E 30 -35.34 -3.87 10.13
C ALA E 30 -35.06 -3.72 8.63
N VAL E 31 -35.97 -3.09 7.88
CA VAL E 31 -35.87 -3.01 6.43
C VAL E 31 -35.69 -1.57 5.95
N SER E 32 -34.92 -1.42 4.87
CA SER E 32 -34.66 -0.12 4.27
C SER E 32 -35.92 0.55 3.72
N LYS E 33 -35.96 1.87 3.86
CA LYS E 33 -37.10 2.68 3.42
C LYS E 33 -37.48 2.39 1.98
N GLN E 34 -36.49 2.28 1.09
CA GLN E 34 -36.76 2.19 -0.34
C GLN E 34 -37.25 0.80 -0.75
N LEU E 35 -37.33 -0.15 0.18
CA LEU E 35 -38.00 -1.42 -0.06
C LEU E 35 -39.43 -1.44 0.45
N LEU E 36 -39.89 -0.38 1.12
CA LEU E 36 -41.23 -0.33 1.70
C LEU E 36 -42.27 -0.02 0.63
N PRO E 37 -43.53 -0.37 0.89
CA PRO E 37 -44.55 -0.20 -0.14
C PRO E 37 -44.93 1.25 -0.33
N VAL E 38 -45.13 1.63 -1.59
CA VAL E 38 -45.94 2.79 -1.96
C VAL E 38 -47.13 2.22 -2.71
N TYR E 39 -48.22 1.98 -1.96
CA TYR E 39 -49.43 1.33 -2.41
C TYR E 39 -49.23 -0.13 -2.81
N ASP E 40 -48.87 -0.40 -4.07
CA ASP E 40 -48.88 -1.76 -4.59
C ASP E 40 -47.50 -2.21 -5.08
N LYS E 41 -46.45 -1.45 -4.81
CA LYS E 41 -45.14 -1.87 -5.25
C LYS E 41 -44.08 -1.23 -4.37
N PRO E 42 -42.89 -1.83 -4.30
CA PRO E 42 -41.81 -1.25 -3.49
C PRO E 42 -41.44 0.12 -4.00
N MET E 43 -41.10 0.99 -3.05
CA MET E 43 -40.77 2.38 -3.33
C MET E 43 -39.79 2.51 -4.50
N ILE E 44 -38.77 1.66 -4.54
CA ILE E 44 -37.68 1.88 -5.50
C ILE E 44 -38.14 1.71 -6.94
N TYR E 45 -39.28 1.01 -7.16
CA TYR E 45 -39.84 0.89 -8.50
C TYR E 45 -40.07 2.26 -9.16
N TYR E 46 -40.47 3.27 -8.37
CA TYR E 46 -40.84 4.56 -8.97
C TYR E 46 -39.61 5.26 -9.53
N PRO E 47 -38.56 5.56 -8.75
CA PRO E 47 -37.38 6.16 -9.38
C PRO E 47 -36.73 5.27 -10.43
N LEU E 48 -36.75 3.94 -10.27
CA LEU E 48 -36.27 3.07 -11.35
C LEU E 48 -37.03 3.33 -12.64
N SER E 49 -38.36 3.38 -12.55
CA SER E 49 -39.16 3.63 -13.74
C SER E 49 -38.93 5.03 -14.31
N THR E 50 -38.61 6.02 -13.46
CA THR E 50 -38.32 7.36 -13.97
C THR E 50 -37.08 7.34 -14.86
N LEU E 51 -36.01 6.65 -14.41
CA LEU E 51 -34.84 6.45 -15.25
C LEU E 51 -35.19 5.71 -16.54
N MET E 52 -36.04 4.69 -16.44
CA MET E 52 -36.42 3.95 -17.65
C MET E 52 -37.18 4.85 -18.61
N ILE E 53 -38.07 5.69 -18.08
CA ILE E 53 -38.83 6.64 -18.92
C ILE E 53 -37.87 7.60 -19.61
N ALA E 54 -36.75 7.95 -18.95
CA ALA E 54 -35.74 8.78 -19.59
C ALA E 54 -34.94 8.02 -20.64
N GLY E 55 -35.16 6.72 -20.78
CA GLY E 55 -34.43 5.94 -21.76
C GLY E 55 -33.15 5.32 -21.24
N ILE E 56 -32.93 5.32 -19.94
CA ILE E 56 -31.68 4.85 -19.36
C ILE E 56 -31.80 3.35 -19.11
N ARG E 57 -30.87 2.56 -19.66
CA ARG E 57 -30.88 1.12 -19.55
C ARG E 57 -29.79 0.55 -18.64
N ASP E 58 -28.77 1.34 -18.29
CA ASP E 58 -27.68 0.90 -17.40
C ASP E 58 -27.85 1.62 -16.07
N VAL E 59 -28.10 0.85 -15.01
CA VAL E 59 -28.44 1.42 -13.71
C VAL E 59 -27.54 0.82 -12.65
N LEU E 60 -26.97 1.68 -11.80
CA LEU E 60 -26.22 1.28 -10.62
C LEU E 60 -27.08 1.57 -9.40
N ILE E 61 -27.30 0.55 -8.58
CA ILE E 61 -28.04 0.71 -7.32
C ILE E 61 -27.01 0.87 -6.21
N ILE E 62 -27.09 1.96 -5.46
CA ILE E 62 -26.24 2.17 -4.31
C ILE E 62 -27.09 2.03 -3.06
N SER E 63 -26.72 1.10 -2.18
CA SER E 63 -27.43 0.91 -0.92
C SER E 63 -26.40 0.61 0.16
N THR E 64 -26.88 0.42 1.39
CA THR E 64 -25.99 -0.02 2.44
C THR E 64 -25.53 -1.44 2.15
N PRO E 65 -24.36 -1.83 2.69
CA PRO E 65 -23.92 -3.22 2.50
C PRO E 65 -24.95 -4.22 2.99
N GLN E 66 -25.63 -3.93 4.10
CA GLN E 66 -26.58 -4.89 4.63
C GLN E 66 -27.76 -5.09 3.68
N ASP E 67 -28.11 -4.07 2.91
CA ASP E 67 -29.32 -4.12 2.10
C ASP E 67 -29.07 -4.45 0.64
N THR E 68 -27.81 -4.41 0.19
CA THR E 68 -27.56 -4.80 -1.21
C THR E 68 -28.19 -6.12 -1.59
N PRO E 69 -28.08 -7.21 -0.80
CA PRO E 69 -28.72 -8.46 -1.23
C PRO E 69 -30.23 -8.34 -1.32
N ARG E 70 -30.83 -7.52 -0.45
CA ARG E 70 -32.27 -7.35 -0.49
C ARG E 70 -32.69 -6.62 -1.76
N PHE E 71 -31.98 -5.55 -2.14
CA PHE E 71 -32.31 -4.90 -3.41
C PHE E 71 -32.01 -5.84 -4.60
N GLU E 72 -30.93 -6.63 -4.52
CA GLU E 72 -30.60 -7.55 -5.60
C GLU E 72 -31.68 -8.61 -5.76
N SER E 73 -32.19 -9.16 -4.66
CA SER E 73 -33.27 -10.13 -4.77
C SER E 73 -34.55 -9.49 -5.32
N MET E 74 -34.68 -8.17 -5.26
CA MET E 74 -35.85 -7.51 -5.81
CA MET E 74 -35.86 -7.53 -5.83
C MET E 74 -35.69 -7.17 -7.31
N LEU E 75 -34.50 -6.73 -7.72
CA LEU E 75 -34.30 -6.28 -9.09
C LEU E 75 -33.41 -7.18 -9.93
N GLY E 76 -32.64 -8.08 -9.32
CA GLY E 76 -31.78 -8.93 -10.11
C GLY E 76 -30.73 -8.14 -10.88
N ASP E 77 -30.33 -8.67 -12.04
CA ASP E 77 -29.39 -7.96 -12.90
C ASP E 77 -30.09 -7.14 -13.98
N GLY E 78 -31.42 -7.03 -13.92
CA GLY E 78 -32.18 -6.25 -14.86
C GLY E 78 -32.39 -6.90 -16.22
N SER E 79 -31.76 -8.04 -16.49
CA SER E 79 -31.94 -8.66 -17.81
C SER E 79 -33.40 -9.05 -18.06
N GLN E 80 -34.17 -9.29 -17.00
CA GLN E 80 -35.58 -9.62 -17.16
C GLN E 80 -36.36 -8.48 -17.78
N TRP E 81 -35.82 -7.26 -17.72
CA TRP E 81 -36.43 -6.08 -18.32
C TRP E 81 -35.60 -5.54 -19.48
N GLY E 82 -34.67 -6.33 -20.00
CA GLY E 82 -33.82 -5.84 -21.07
C GLY E 82 -32.90 -4.72 -20.62
N MET E 83 -32.55 -4.68 -19.34
CA MET E 83 -31.69 -3.66 -18.77
C MET E 83 -30.45 -4.32 -18.19
N ASN E 84 -29.51 -3.47 -17.75
CA ASN E 84 -28.33 -3.88 -17.01
C ASN E 84 -28.34 -3.16 -15.67
N ILE E 85 -28.60 -3.90 -14.59
CA ILE E 85 -28.63 -3.33 -13.24
C ILE E 85 -27.49 -3.93 -12.43
N GLN E 86 -26.64 -3.07 -11.84
CA GLN E 86 -25.50 -3.41 -11.02
C GLN E 86 -25.64 -2.84 -9.62
N TYR E 87 -24.77 -3.29 -8.71
CA TYR E 87 -24.91 -2.88 -7.32
C TYR E 87 -23.58 -2.37 -6.79
N ALA E 88 -23.65 -1.34 -5.95
CA ALA E 88 -22.48 -0.88 -5.18
C ALA E 88 -22.98 -0.45 -3.81
N THR E 89 -22.04 -0.24 -2.87
CA THR E 89 -22.42 0.03 -1.49
C THR E 89 -21.96 1.38 -0.98
N GLN E 90 -22.72 1.90 -0.03
CA GLN E 90 -22.37 3.11 0.72
C GLN E 90 -22.54 2.77 2.19
N PRO E 91 -21.47 2.59 2.98
CA PRO E 91 -21.66 2.18 4.38
C PRO E 91 -22.40 3.22 5.21
N SER E 92 -22.16 4.50 4.95
CA SER E 92 -22.77 5.59 5.70
C SER E 92 -23.21 6.67 4.74
N PRO E 93 -24.34 7.30 4.98
CA PRO E 93 -24.86 8.30 4.00
C PRO E 93 -24.20 9.67 4.14
N ASP E 94 -23.01 9.79 3.55
CA ASP E 94 -22.12 10.94 3.70
C ASP E 94 -22.23 11.95 2.56
N GLY E 95 -23.35 11.96 1.81
CA GLY E 95 -23.62 12.99 0.83
C GLY E 95 -24.00 12.49 -0.56
N LEU E 96 -24.99 13.16 -1.17
CA LEU E 96 -25.47 12.75 -2.49
C LEU E 96 -24.36 12.73 -3.52
N ALA E 97 -23.45 13.70 -3.47
CA ALA E 97 -22.35 13.73 -4.44
C ALA E 97 -21.45 12.49 -4.32
N GLN E 98 -21.51 11.73 -3.21
CA GLN E 98 -20.71 10.49 -3.15
C GLN E 98 -21.14 9.46 -4.20
N ALA E 99 -22.36 9.59 -4.75
CA ALA E 99 -22.78 8.68 -5.81
C ALA E 99 -21.79 8.68 -6.95
N PHE E 100 -21.19 9.83 -7.22
CA PHE E 100 -20.25 9.96 -8.33
C PHE E 100 -18.83 9.67 -7.90
N VAL E 101 -18.61 9.36 -6.62
CA VAL E 101 -17.32 8.83 -6.15
C VAL E 101 -17.43 7.31 -6.13
N ILE E 102 -18.43 6.78 -5.42
CA ILE E 102 -18.70 5.33 -5.43
C ILE E 102 -18.91 4.83 -6.85
N GLY E 103 -19.71 5.55 -7.63
CA GLY E 103 -20.09 5.10 -8.97
C GLY E 103 -19.16 5.58 -10.07
N ARG E 104 -17.97 6.04 -9.70
CA ARG E 104 -17.06 6.63 -10.68
C ARG E 104 -16.66 5.63 -11.75
N ASP E 105 -16.29 4.40 -11.36
CA ASP E 105 -15.92 3.38 -12.34
C ASP E 105 -17.12 3.01 -13.19
N PHE E 106 -18.29 2.96 -12.58
CA PHE E 106 -19.50 2.63 -13.32
C PHE E 106 -19.78 3.65 -14.40
N VAL E 107 -19.71 4.94 -14.06
CA VAL E 107 -19.98 6.00 -15.03
C VAL E 107 -18.93 5.99 -16.16
N GLY E 108 -17.68 5.80 -15.81
CA GLY E 108 -16.62 5.83 -16.81
C GLY E 108 -16.56 7.21 -17.44
N ASN E 109 -16.43 7.25 -18.76
CA ASN E 109 -16.46 8.52 -19.48
C ASN E 109 -17.80 8.79 -20.16
N GLU E 110 -18.91 8.36 -19.56
CA GLU E 110 -20.24 8.55 -20.14
C GLU E 110 -21.02 9.65 -19.43
N PRO E 111 -22.03 10.23 -20.08
CA PRO E 111 -22.97 11.07 -19.34
C PRO E 111 -23.72 10.22 -18.32
N SER E 112 -24.28 10.87 -17.32
CA SER E 112 -24.92 10.12 -16.24
C SER E 112 -26.15 10.87 -15.74
N ALA E 113 -26.87 10.18 -14.86
CA ALA E 113 -28.00 10.74 -14.15
C ALA E 113 -28.06 10.09 -12.77
N LEU E 114 -28.48 10.88 -11.79
CA LEU E 114 -28.69 10.46 -10.41
C LEU E 114 -30.13 10.70 -10.02
N ILE E 115 -30.76 9.71 -9.39
CA ILE E 115 -32.09 9.89 -8.80
C ILE E 115 -32.06 9.30 -7.40
N LEU E 116 -32.77 9.93 -6.48
CA LEU E 116 -32.93 9.41 -5.12
C LEU E 116 -33.90 8.23 -5.08
N GLY E 117 -33.55 7.21 -4.31
CA GLY E 117 -34.33 5.98 -4.25
C GLY E 117 -35.69 6.11 -3.60
N ASP E 118 -35.97 7.24 -2.95
CA ASP E 118 -37.28 7.43 -2.33
C ASP E 118 -38.04 8.60 -2.95
N ASN E 119 -37.70 9.01 -4.17
CA ASN E 119 -38.33 10.14 -4.82
C ASN E 119 -39.31 9.68 -5.91
N ILE E 120 -40.53 10.21 -5.89
CA ILE E 120 -41.57 9.84 -6.85
C ILE E 120 -41.82 11.03 -7.77
N PHE E 121 -41.61 10.82 -9.06
CA PHE E 121 -41.90 11.81 -10.09
C PHE E 121 -43.07 11.34 -10.92
N TYR E 122 -44.10 12.17 -11.06
CA TYR E 122 -45.24 11.78 -11.87
C TYR E 122 -45.90 12.99 -12.53
N GLY E 123 -46.18 12.87 -13.82
CA GLY E 123 -47.01 13.86 -14.48
C GLY E 123 -46.92 13.80 -16.00
N HIS E 124 -47.82 14.55 -16.63
CA HIS E 124 -47.91 14.57 -18.08
C HIS E 124 -46.69 15.18 -18.75
N ASP E 125 -46.22 14.52 -19.81
CA ASP E 125 -45.08 14.94 -20.62
C ASP E 125 -43.76 14.83 -19.86
N LEU E 126 -43.70 14.10 -18.75
CA LEU E 126 -42.41 13.90 -18.06
C LEU E 126 -41.37 13.28 -18.99
N ALA E 127 -41.78 12.33 -19.84
CA ALA E 127 -40.83 11.69 -20.75
C ALA E 127 -40.18 12.70 -21.66
N LYS E 128 -40.97 13.61 -22.24
CA LYS E 128 -40.40 14.63 -23.10
C LYS E 128 -39.38 15.49 -22.35
N GLN E 129 -39.68 15.85 -21.11
CA GLN E 129 -38.73 16.65 -20.36
C GLN E 129 -37.48 15.85 -20.02
N LEU E 130 -37.64 14.57 -19.65
CA LEU E 130 -36.45 13.80 -19.32
C LEU E 130 -35.61 13.53 -20.57
N GLU E 131 -36.29 13.31 -21.70
CA GLU E 131 -35.56 13.06 -22.94
C GLU E 131 -34.79 14.32 -23.38
N ARG E 132 -35.39 15.50 -23.20
CA ARG E 132 -34.69 16.73 -23.55
C ARG E 132 -33.43 16.90 -22.72
N ALA E 133 -33.50 16.63 -21.41
CA ALA E 133 -32.33 16.71 -20.56
C ALA E 133 -31.30 15.65 -20.92
N SER E 134 -31.75 14.44 -21.24
CA SER E 134 -30.84 13.34 -21.58
C SER E 134 -30.08 13.61 -22.88
N ALA E 135 -30.66 14.41 -23.78
CA ALA E 135 -30.06 14.64 -25.07
C ALA E 135 -29.03 15.75 -25.07
N LYS E 136 -28.97 16.56 -24.02
CA LYS E 136 -28.02 17.66 -23.96
C LYS E 136 -26.58 17.15 -23.92
N ASP E 137 -25.72 17.78 -24.71
CA ASP E 137 -24.34 17.29 -24.87
C ASP E 137 -23.45 17.70 -23.70
N THR E 138 -23.35 19.00 -23.44
CA THR E 138 -22.47 19.53 -22.40
C THR E 138 -23.30 20.17 -21.30
N GLY E 139 -22.75 20.21 -20.10
CA GLY E 139 -23.43 20.85 -18.99
C GLY E 139 -24.28 19.88 -18.20
N ALA E 140 -25.26 20.43 -17.49
CA ALA E 140 -26.09 19.66 -16.58
C ALA E 140 -27.52 20.20 -16.57
N THR E 141 -28.45 19.35 -16.11
CA THR E 141 -29.86 19.73 -15.96
C THR E 141 -30.36 19.30 -14.59
N VAL E 142 -30.99 20.22 -13.86
CA VAL E 142 -31.72 19.92 -12.64
C VAL E 142 -33.12 20.51 -12.75
N PHE E 143 -34.00 20.14 -11.82
CA PHE E 143 -35.38 20.58 -11.87
C PHE E 143 -35.76 21.26 -10.56
N ALA E 144 -36.49 22.37 -10.68
CA ALA E 144 -36.94 23.16 -9.54
C ALA E 144 -38.44 23.02 -9.39
N TYR E 145 -38.90 22.84 -8.14
CA TYR E 145 -40.28 22.51 -7.84
C TYR E 145 -40.74 23.26 -6.60
N HIS E 146 -41.88 23.90 -6.70
CA HIS E 146 -42.46 24.68 -5.60
C HIS E 146 -42.97 23.75 -4.50
N VAL E 147 -42.46 23.92 -3.28
CA VAL E 147 -42.87 23.08 -2.15
C VAL E 147 -43.21 23.93 -0.94
N GLN E 148 -43.92 23.30 0.01
CA GLN E 148 -44.29 23.92 1.28
C GLN E 148 -43.08 24.20 2.20
N ASP E 149 -42.05 23.35 2.17
CA ASP E 149 -40.96 23.42 3.15
C ASP E 149 -39.62 23.55 2.43
N PRO E 150 -39.42 24.65 1.70
CA PRO E 150 -38.22 24.72 0.85
C PRO E 150 -36.91 24.65 1.63
N GLU E 151 -36.90 25.09 2.90
CA GLU E 151 -35.67 25.15 3.70
C GLU E 151 -35.07 23.77 3.95
N ARG E 152 -35.80 22.69 3.67
CA ARG E 152 -35.33 21.32 3.78
C ARG E 152 -34.35 20.94 2.68
N TYR E 153 -34.23 21.76 1.64
CA TYR E 153 -33.60 21.35 0.40
C TYR E 153 -32.60 22.38 -0.08
N GLY E 154 -31.94 22.04 -1.18
CA GLY E 154 -31.30 23.08 -1.99
C GLY E 154 -32.37 23.98 -2.58
N VAL E 155 -32.22 25.28 -2.39
CA VAL E 155 -33.22 26.26 -2.79
C VAL E 155 -32.64 27.11 -3.90
N VAL E 156 -33.43 27.31 -4.96
CA VAL E 156 -33.04 28.10 -6.12
C VAL E 156 -33.41 29.53 -5.87
N GLU E 157 -32.47 30.44 -6.11
CA GLU E 157 -32.74 31.87 -6.16
C GLU E 157 -32.98 32.26 -7.62
N PHE E 158 -34.10 32.97 -7.86
CA PHE E 158 -34.57 33.35 -9.19
C PHE E 158 -34.65 34.86 -9.33
N ASP E 159 -34.33 35.36 -10.53
CA ASP E 159 -34.63 36.76 -10.81
C ASP E 159 -36.07 36.90 -11.27
N ARG E 160 -36.45 38.13 -11.67
CA ARG E 160 -37.84 38.35 -12.08
C ARG E 160 -38.21 37.45 -13.27
N GLU E 161 -37.27 37.25 -14.19
CA GLU E 161 -37.49 36.43 -15.38
C GLU E 161 -37.36 34.94 -15.11
N PHE E 162 -37.28 34.53 -13.84
CA PHE E 162 -37.13 33.14 -13.44
C PHE E 162 -35.85 32.51 -13.99
N ARG E 163 -34.82 33.30 -14.23
CA ARG E 163 -33.49 32.75 -14.48
C ARG E 163 -32.81 32.42 -13.15
N ALA E 164 -32.30 31.20 -13.02
CA ALA E 164 -31.64 30.78 -11.78
C ALA E 164 -30.34 31.54 -11.56
N ILE E 165 -30.16 32.08 -10.36
CA ILE E 165 -29.02 32.90 -10.01
C ILE E 165 -28.08 32.21 -9.03
N SER E 166 -28.62 31.44 -8.08
CA SER E 166 -27.78 30.70 -7.16
C SER E 166 -28.60 29.57 -6.58
N ILE E 167 -27.91 28.62 -5.98
CA ILE E 167 -28.55 27.53 -5.23
C ILE E 167 -27.89 27.48 -3.85
N GLU E 168 -28.69 27.47 -2.80
CA GLU E 168 -28.18 27.35 -1.44
C GLU E 168 -28.80 26.13 -0.77
N GLU E 169 -27.95 25.32 -0.12
CA GLU E 169 -28.39 24.12 0.57
C GLU E 169 -28.97 24.48 1.93
N LYS E 170 -30.24 24.18 2.14
CA LYS E 170 -30.91 24.39 3.42
C LYS E 170 -30.69 25.79 3.99
N PRO E 171 -31.08 26.83 3.26
CA PRO E 171 -30.89 28.20 3.79
C PRO E 171 -31.78 28.47 4.99
N ALA E 172 -31.28 29.37 5.84
CA ALA E 172 -32.05 29.83 6.99
C ALA E 172 -33.28 30.63 6.56
N LYS E 173 -33.12 31.48 5.54
CA LYS E 173 -34.20 32.29 4.97
C LYS E 173 -34.29 31.97 3.48
N PRO E 174 -35.13 31.02 3.08
CA PRO E 174 -35.15 30.61 1.67
C PRO E 174 -35.51 31.77 0.74
N ARG E 175 -34.76 31.89 -0.36
CA ARG E 175 -34.98 32.96 -1.31
C ARG E 175 -36.16 32.69 -2.26
N SER E 176 -36.67 31.47 -2.30
CA SER E 176 -37.89 31.17 -3.03
C SER E 176 -38.43 29.90 -2.42
N SER E 177 -39.57 29.45 -2.93
CA SER E 177 -40.13 28.18 -2.54
C SER E 177 -39.70 27.04 -3.46
N TYR E 178 -38.78 27.30 -4.40
CA TYR E 178 -38.41 26.29 -5.40
C TYR E 178 -37.24 25.47 -4.90
N ALA E 179 -37.50 24.19 -4.65
CA ALA E 179 -36.49 23.23 -4.26
C ALA E 179 -35.92 22.50 -5.47
N VAL E 180 -34.65 22.12 -5.38
CA VAL E 180 -34.03 21.27 -6.40
C VAL E 180 -34.51 19.86 -6.14
N THR E 181 -35.17 19.25 -7.13
CA THR E 181 -35.69 17.91 -6.94
C THR E 181 -34.54 16.90 -6.89
N GLY E 182 -34.89 15.67 -6.52
CA GLY E 182 -33.89 14.62 -6.39
C GLY E 182 -33.55 13.85 -7.66
N LEU E 183 -33.50 14.54 -8.80
CA LEU E 183 -33.15 13.98 -10.10
C LEU E 183 -32.22 14.95 -10.81
N TYR E 184 -31.08 14.43 -11.29
CA TYR E 184 -30.01 15.26 -11.84
C TYR E 184 -29.41 14.59 -13.09
N PHE E 185 -29.17 15.37 -14.15
CA PHE E 185 -28.53 14.92 -15.37
C PHE E 185 -27.18 15.62 -15.56
N TYR E 186 -26.12 14.86 -15.88
CA TYR E 186 -24.79 15.42 -15.97
C TYR E 186 -24.05 14.96 -17.22
N ASP E 187 -23.17 15.84 -17.71
CA ASP E 187 -22.24 15.43 -18.74
C ASP E 187 -21.06 14.70 -18.09
N ARG E 188 -19.94 14.61 -18.80
CA ARG E 188 -18.77 13.85 -18.36
C ARG E 188 -17.92 14.57 -17.31
N GLN E 189 -18.27 15.79 -16.91
CA GLN E 189 -17.50 16.52 -15.90
C GLN E 189 -17.83 16.10 -14.48
N VAL E 190 -18.97 15.43 -14.25
CA VAL E 190 -19.50 15.37 -12.89
C VAL E 190 -18.57 14.57 -11.97
N CYS E 191 -18.01 13.46 -12.46
CA CYS E 191 -17.17 12.66 -11.56
C CYS E 191 -15.93 13.44 -11.09
N ASP E 192 -15.28 14.18 -11.98
CA ASP E 192 -14.12 14.97 -11.55
C ASP E 192 -14.52 16.13 -10.65
N ILE E 193 -15.68 16.73 -10.90
CA ILE E 193 -16.16 17.79 -10.02
C ILE E 193 -16.40 17.24 -8.62
N ALA E 194 -17.01 16.05 -8.54
CA ALA E 194 -17.33 15.45 -7.24
C ALA E 194 -16.08 15.09 -6.48
N ALA E 195 -15.02 14.68 -7.20
CA ALA E 195 -13.75 14.41 -6.54
C ALA E 195 -13.09 15.70 -6.09
N ASP E 196 -13.39 16.82 -6.74
CA ASP E 196 -12.68 18.05 -6.41
C ASP E 196 -13.30 18.78 -5.22
N ILE E 197 -14.61 18.73 -5.05
CA ILE E 197 -15.25 19.42 -3.92
C ILE E 197 -14.93 18.68 -2.61
N LYS E 198 -15.13 19.40 -1.50
CA LYS E 198 -14.87 18.86 -0.17
C LYS E 198 -16.15 18.84 0.67
N PRO E 199 -16.26 17.91 1.62
CA PRO E 199 -17.46 17.84 2.46
C PRO E 199 -17.72 19.17 3.16
N SER E 200 -19.01 19.50 3.31
CA SER E 200 -19.46 20.76 3.89
C SER E 200 -19.38 20.75 5.41
N ALA E 201 -19.79 21.87 6.02
CA ALA E 201 -19.84 21.96 7.48
C ALA E 201 -20.74 20.89 8.11
N ARG E 202 -21.82 20.45 7.43
CA ARG E 202 -22.53 19.31 7.99
C ARG E 202 -21.84 17.97 7.67
N GLY E 203 -20.64 17.99 7.10
CA GLY E 203 -19.86 16.78 6.85
C GLY E 203 -20.33 15.90 5.70
N GLU E 204 -21.01 16.47 4.70
CA GLU E 204 -21.51 15.70 3.57
C GLU E 204 -20.97 16.28 2.26
N LEU E 205 -20.72 15.40 1.29
CA LEU E 205 -20.37 15.81 -0.06
C LEU E 205 -21.65 16.28 -0.77
N GLU E 206 -21.74 17.57 -1.05
CA GLU E 206 -22.99 18.22 -1.42
C GLU E 206 -23.23 18.21 -2.92
N ILE E 207 -24.40 17.69 -3.33
CA ILE E 207 -24.83 17.85 -4.71
C ILE E 207 -25.06 19.31 -5.03
N THR E 208 -25.43 20.13 -4.03
CA THR E 208 -25.57 21.56 -4.32
C THR E 208 -24.25 22.16 -4.77
N ASP E 209 -23.12 21.71 -4.21
CA ASP E 209 -21.83 22.21 -4.68
C ASP E 209 -21.56 21.74 -6.10
N VAL E 210 -21.88 20.47 -6.43
CA VAL E 210 -21.78 20.06 -7.82
C VAL E 210 -22.61 20.99 -8.70
N ASN E 211 -23.87 21.21 -8.31
CA ASN E 211 -24.75 21.98 -9.17
C ASN E 211 -24.30 23.43 -9.28
N SER E 212 -23.82 24.02 -8.18
CA SER E 212 -23.32 25.40 -8.21
C SER E 212 -22.10 25.54 -9.09
N ARG E 213 -21.27 24.49 -9.16
CA ARG E 213 -20.11 24.50 -10.04
C ARG E 213 -20.55 24.64 -11.50
N TYR E 214 -21.53 23.84 -11.93
CA TYR E 214 -22.05 23.98 -13.29
C TYR E 214 -22.67 25.36 -13.50
N LEU E 215 -23.44 25.85 -12.51
CA LEU E 215 -24.12 27.13 -12.65
C LEU E 215 -23.13 28.28 -12.78
N ALA E 216 -22.07 28.27 -11.96
CA ALA E 216 -21.06 29.32 -12.07
C ALA E 216 -20.43 29.31 -13.44
N ALA E 217 -20.36 28.16 -14.09
CA ALA E 217 -19.77 28.05 -15.41
C ALA E 217 -20.76 28.36 -16.52
N GLY E 218 -22.00 28.71 -16.17
CA GLY E 218 -23.02 28.93 -17.18
C GLY E 218 -23.43 27.66 -17.89
N GLN E 219 -23.35 26.52 -17.20
CA GLN E 219 -23.59 25.22 -17.81
C GLN E 219 -24.72 24.45 -17.12
N LEU E 220 -25.50 25.11 -16.29
CA LEU E 220 -26.59 24.46 -15.58
C LEU E 220 -27.90 24.96 -16.16
N ASP E 221 -28.72 24.04 -16.66
CA ASP E 221 -30.10 24.35 -16.97
C ASP E 221 -30.92 24.01 -15.73
N VAL E 222 -31.59 25.01 -15.18
CA VAL E 222 -32.51 24.81 -14.06
C VAL E 222 -33.90 24.88 -14.69
N GLU E 223 -34.51 23.71 -14.88
CA GLU E 223 -35.82 23.65 -15.52
C GLU E 223 -36.93 23.64 -14.48
N LEU E 224 -37.93 24.49 -14.69
CA LEU E 224 -39.10 24.50 -13.81
C LEU E 224 -39.91 23.22 -14.00
N MET E 225 -40.27 22.60 -12.88
CA MET E 225 -41.23 21.50 -12.86
C MET E 225 -42.52 22.07 -12.27
N GLY E 226 -43.53 22.25 -13.12
CA GLY E 226 -44.73 22.98 -12.75
C GLY E 226 -45.56 22.26 -11.72
N ARG E 227 -46.57 22.98 -11.20
CA ARG E 227 -47.46 22.41 -10.19
C ARG E 227 -48.29 21.24 -10.72
N GLY E 228 -48.36 21.04 -12.04
CA GLY E 228 -49.05 19.87 -12.58
C GLY E 228 -48.34 18.55 -12.34
N TYR E 229 -47.05 18.58 -12.01
CA TYR E 229 -46.33 17.36 -11.67
C TYR E 229 -46.44 17.11 -10.16
N ALA E 230 -46.42 15.85 -9.79
CA ALA E 230 -46.20 15.45 -8.41
C ALA E 230 -44.73 15.07 -8.25
N TRP E 231 -44.02 15.79 -7.38
CA TRP E 231 -42.69 15.38 -6.91
C TRP E 231 -42.81 15.10 -5.42
N LEU E 232 -42.80 13.82 -5.07
CA LEU E 232 -43.06 13.38 -3.71
C LEU E 232 -41.83 12.67 -3.18
N ASP E 233 -41.46 13.00 -1.97
CA ASP E 233 -40.61 12.10 -1.23
C ASP E 233 -41.42 11.73 0.00
N THR E 234 -40.82 10.98 0.89
CA THR E 234 -41.65 10.30 1.85
C THR E 234 -40.97 10.45 3.20
N GLY E 235 -40.79 11.71 3.60
CA GLY E 235 -39.97 12.00 4.78
C GLY E 235 -40.65 11.78 6.11
N THR E 236 -41.99 11.65 6.12
CA THR E 236 -42.73 11.40 7.34
C THR E 236 -43.67 10.21 7.11
N HIS E 237 -44.17 9.65 8.20
CA HIS E 237 -45.18 8.59 8.12
C HIS E 237 -46.41 9.08 7.37
N ASP E 238 -46.82 10.34 7.61
CA ASP E 238 -47.97 10.89 6.89
C ASP E 238 -47.70 11.00 5.39
N SER E 239 -46.56 11.56 5.01
CA SER E 239 -46.36 11.74 3.58
C SER E 239 -46.11 10.42 2.87
N LEU E 240 -45.58 9.41 3.58
CA LEU E 240 -45.41 8.08 3.01
C LEU E 240 -46.75 7.46 2.66
N ILE E 241 -47.69 7.52 3.60
CA ILE E 241 -48.99 6.93 3.31
C ILE E 241 -49.77 7.79 2.30
N GLU E 242 -49.56 9.12 2.30
CA GLU E 242 -50.20 10.00 1.31
C GLU E 242 -49.73 9.71 -0.12
N ALA E 243 -48.44 9.36 -0.28
CA ALA E 243 -47.96 8.94 -1.60
C ALA E 243 -48.70 7.69 -2.07
N GLY E 244 -48.97 6.77 -1.14
CA GLY E 244 -49.71 5.57 -1.48
C GLY E 244 -51.13 5.83 -1.96
N THR E 245 -51.88 6.67 -1.22
CA THR E 245 -53.25 6.95 -1.65
C THR E 245 -53.29 7.73 -2.95
N PHE E 246 -52.28 8.56 -3.19
CA PHE E 246 -52.19 9.30 -4.45
C PHE E 246 -52.07 8.33 -5.62
N ILE E 247 -51.12 7.39 -5.54
CA ILE E 247 -50.97 6.41 -6.59
C ILE E 247 -52.24 5.59 -6.75
N ALA E 248 -52.85 5.19 -5.63
CA ALA E 248 -54.05 4.36 -5.69
C ALA E 248 -55.18 5.08 -6.43
N THR E 249 -55.36 6.36 -6.17
CA THR E 249 -56.46 7.08 -6.84
C THR E 249 -56.27 7.05 -8.35
N LEU E 250 -55.03 7.32 -8.82
CA LEU E 250 -54.73 7.32 -10.25
C LEU E 250 -54.97 5.94 -10.86
N GLN E 251 -54.39 4.90 -10.23
CA GLN E 251 -54.46 3.56 -10.80
C GLN E 251 -55.89 3.04 -10.83
N LYS E 252 -56.63 3.21 -9.74
CA LYS E 252 -58.01 2.73 -9.75
C LYS E 252 -58.86 3.48 -10.76
N ARG E 253 -58.59 4.77 -10.97
CA ARG E 253 -59.37 5.52 -11.96
C ARG E 253 -59.04 5.06 -13.38
N GLN E 254 -57.77 4.88 -13.69
CA GLN E 254 -57.35 4.66 -15.07
C GLN E 254 -57.38 3.19 -15.51
N GLY E 255 -57.25 2.26 -14.58
CA GLY E 255 -56.90 0.90 -14.99
C GLY E 255 -55.49 0.77 -15.53
N LEU E 256 -54.60 1.72 -15.25
CA LEU E 256 -53.21 1.69 -15.67
C LEU E 256 -52.33 1.71 -14.43
N MET E 257 -51.16 1.10 -14.54
CA MET E 257 -50.26 1.06 -13.40
C MET E 257 -49.22 2.17 -13.55
N VAL E 258 -48.94 2.90 -12.46
CA VAL E 258 -47.79 3.79 -12.43
C VAL E 258 -46.55 2.96 -12.12
N ALA E 259 -45.50 3.14 -12.92
CA ALA E 259 -44.17 2.61 -12.60
C ALA E 259 -44.13 1.07 -12.64
N CYS E 260 -44.74 0.49 -13.68
CA CYS E 260 -44.59 -0.95 -13.93
C CYS E 260 -43.40 -1.13 -14.86
N PRO E 261 -42.25 -1.63 -14.38
CA PRO E 261 -41.08 -1.71 -15.26
C PRO E 261 -41.29 -2.60 -16.46
N GLU E 262 -42.00 -3.72 -16.31
CA GLU E 262 -42.27 -4.58 -17.47
C GLU E 262 -43.02 -3.82 -18.55
N GLU E 263 -44.01 -3.00 -18.16
CA GLU E 263 -44.74 -2.22 -19.16
C GLU E 263 -43.80 -1.26 -19.87
N ILE E 264 -42.98 -0.53 -19.10
CA ILE E 264 -42.12 0.47 -19.72
C ILE E 264 -41.10 -0.19 -20.64
N ALA E 265 -40.46 -1.28 -20.19
CA ALA E 265 -39.50 -1.98 -21.06
C ALA E 265 -40.19 -2.56 -22.28
N TYR E 266 -41.39 -3.10 -22.11
CA TYR E 266 -42.10 -3.65 -23.28
C TYR E 266 -42.46 -2.54 -24.26
N ARG E 267 -42.98 -1.42 -23.78
CA ARG E 267 -43.40 -0.40 -24.73
C ARG E 267 -42.20 0.22 -25.47
N ARG E 268 -41.02 0.22 -24.86
CA ARG E 268 -39.81 0.71 -25.51
C ARG E 268 -39.09 -0.37 -26.34
N ASN E 269 -39.68 -1.57 -26.43
CA ASN E 269 -39.12 -2.70 -27.17
C ASN E 269 -37.80 -3.19 -26.57
N TRP E 270 -37.57 -2.97 -25.27
CA TRP E 270 -36.43 -3.61 -24.61
C TRP E 270 -36.69 -5.08 -24.34
N ILE E 271 -37.96 -5.46 -24.17
CA ILE E 271 -38.34 -6.86 -24.11
C ILE E 271 -39.51 -7.03 -25.06
N ASP E 272 -39.71 -8.26 -25.56
CA ASP E 272 -40.80 -8.53 -26.49
C ASP E 272 -41.96 -9.23 -25.78
N ALA E 273 -43.01 -9.53 -26.55
CA ALA E 273 -44.22 -10.12 -25.99
C ALA E 273 -43.93 -11.47 -25.34
N GLU E 274 -43.10 -12.28 -25.98
CA GLU E 274 -42.75 -13.56 -25.40
C GLU E 274 -42.12 -13.39 -24.00
N GLN E 275 -41.25 -12.40 -23.85
CA GLN E 275 -40.63 -12.20 -22.54
C GLN E 275 -41.65 -11.75 -21.50
N VAL E 276 -42.58 -10.88 -21.91
CA VAL E 276 -43.65 -10.45 -21.00
C VAL E 276 -44.45 -11.64 -20.51
N LEU E 277 -44.84 -12.54 -21.44
CA LEU E 277 -45.59 -13.74 -21.07
C LEU E 277 -44.79 -14.62 -20.11
N LYS E 278 -43.48 -14.76 -20.34
CA LYS E 278 -42.67 -15.54 -19.40
C LYS E 278 -42.69 -14.91 -18.00
N LEU E 279 -42.63 -13.58 -17.92
CA LEU E 279 -42.68 -12.94 -16.60
C LEU E 279 -44.05 -13.08 -15.94
N ALA E 280 -45.13 -13.11 -16.73
CA ALA E 280 -46.46 -13.23 -16.14
C ALA E 280 -46.73 -14.64 -15.63
N GLN E 281 -46.00 -15.62 -16.16
CA GLN E 281 -46.32 -17.04 -15.88
C GLN E 281 -46.27 -17.39 -14.40
N PRO E 282 -45.17 -17.09 -13.64
CA PRO E 282 -45.21 -17.40 -12.19
C PRO E 282 -46.17 -16.53 -11.39
N LEU E 283 -46.69 -15.45 -11.96
CA LEU E 283 -47.60 -14.54 -11.28
C LEU E 283 -49.05 -14.74 -11.71
N ALA E 284 -49.36 -15.89 -12.30
CA ALA E 284 -50.61 -16.05 -13.04
C ALA E 284 -51.83 -15.70 -12.19
N LYS E 285 -51.79 -16.01 -10.90
CA LYS E 285 -52.98 -15.84 -10.07
C LYS E 285 -53.22 -14.39 -9.61
N ASN E 286 -52.21 -13.53 -9.57
CA ASN E 286 -52.38 -12.23 -8.94
C ASN E 286 -52.60 -11.11 -9.95
N ALA E 287 -52.94 -9.92 -9.41
CA ALA E 287 -53.36 -8.80 -10.26
C ALA E 287 -52.21 -8.29 -11.12
N TYR E 288 -50.98 -8.38 -10.62
CA TYR E 288 -49.82 -7.91 -11.37
C TYR E 288 -49.61 -8.76 -12.62
N GLY E 289 -49.72 -10.08 -12.49
CA GLY E 289 -49.57 -10.94 -13.64
C GLY E 289 -50.68 -10.73 -14.66
N GLN E 290 -51.91 -10.56 -14.20
CA GLN E 290 -52.99 -10.22 -15.11
C GLN E 290 -52.69 -8.90 -15.83
N TYR E 291 -52.12 -7.94 -15.13
CA TYR E 291 -51.78 -6.67 -15.77
C TYR E 291 -50.76 -6.86 -16.87
N LEU E 292 -49.74 -7.69 -16.63
CA LEU E 292 -48.75 -7.99 -17.66
C LEU E 292 -49.40 -8.65 -18.88
N ARG E 293 -50.31 -9.59 -18.66
CA ARG E 293 -50.95 -10.23 -19.80
C ARG E 293 -51.72 -9.19 -20.61
N ASN E 294 -52.41 -8.28 -19.93
CA ASN E 294 -53.21 -7.31 -20.67
C ASN E 294 -52.35 -6.35 -21.47
N LEU E 295 -51.04 -6.23 -21.15
CA LEU E 295 -50.19 -5.38 -21.97
C LEU E 295 -50.19 -5.83 -23.43
N LEU E 296 -50.34 -7.12 -23.68
CA LEU E 296 -50.25 -7.63 -25.03
C LEU E 296 -51.53 -7.45 -25.83
N THR E 297 -52.67 -7.22 -25.17
CA THR E 297 -53.93 -7.07 -25.87
C THR E 297 -54.50 -5.66 -25.83
N HIS E 298 -54.28 -4.92 -24.76
CA HIS E 298 -54.96 -3.65 -24.54
C HIS E 298 -54.27 -2.50 -25.27
N GLN E 299 -55.08 -1.67 -25.91
CA GLN E 299 -54.62 -0.55 -26.72
C GLN E 299 -54.34 0.65 -25.81
N VAL E 300 -53.07 0.97 -25.60
CA VAL E 300 -52.67 2.09 -24.75
C VAL E 300 -51.73 3.01 -25.53
N ALA E 301 -52.06 4.31 -25.54
CA ALA E 301 -51.22 5.29 -26.23
C ALA E 301 -49.91 5.52 -25.48
N TRP E 302 -48.80 5.53 -26.23
CA TRP E 302 -47.46 5.74 -25.69
C TRP E 302 -46.68 6.73 -26.57
N ALA F 10 -49.59 -19.41 33.29
CA ALA F 10 -48.77 -18.62 32.38
C ALA F 10 -49.01 -19.01 30.92
N ARG F 11 -50.03 -18.40 30.32
CA ARG F 11 -50.40 -18.73 28.95
C ARG F 11 -49.31 -18.31 27.96
N LYS F 12 -49.03 -19.18 27.00
CA LYS F 12 -47.97 -18.94 26.03
C LYS F 12 -48.55 -18.57 24.67
N GLY F 13 -48.03 -17.51 24.06
CA GLY F 13 -48.54 -16.98 22.82
C GLY F 13 -47.69 -17.33 21.62
N ILE F 14 -48.36 -17.51 20.47
CA ILE F 14 -47.70 -17.79 19.20
C ILE F 14 -48.20 -16.78 18.18
N ILE F 15 -47.27 -16.09 17.53
CA ILE F 15 -47.59 -15.25 16.38
C ILE F 15 -47.14 -15.99 15.13
N LEU F 16 -48.08 -16.35 14.25
CA LEU F 16 -47.76 -17.03 13.00
C LEU F 16 -47.53 -15.95 11.93
N ALA F 17 -46.28 -15.77 11.53
CA ALA F 17 -45.88 -14.70 10.61
C ALA F 17 -45.07 -15.25 9.44
N GLY F 18 -45.51 -16.36 8.89
CA GLY F 18 -44.79 -17.03 7.84
C GLY F 18 -45.22 -16.57 6.47
N GLY F 19 -44.96 -17.43 5.49
CA GLY F 19 -45.17 -17.13 4.09
C GLY F 19 -46.62 -16.86 3.85
N SER F 20 -46.89 -15.73 3.22
CA SER F 20 -48.24 -15.24 2.99
C SER F 20 -48.62 -15.34 1.53
N GLY F 21 -47.82 -16.05 0.74
CA GLY F 21 -48.04 -16.21 -0.67
C GLY F 21 -47.62 -14.98 -1.44
N THR F 22 -48.06 -14.96 -2.70
CA THR F 22 -47.70 -13.90 -3.63
C THR F 22 -48.90 -13.03 -3.99
N ARG F 23 -49.94 -13.04 -3.14
CA ARG F 23 -51.11 -12.22 -3.42
C ARG F 23 -50.77 -10.74 -3.52
N LEU F 24 -49.78 -10.28 -2.74
CA LEU F 24 -49.42 -8.86 -2.72
C LEU F 24 -48.21 -8.51 -3.60
N TYR F 25 -47.75 -9.44 -4.45
CA TYR F 25 -46.64 -9.18 -5.34
C TYR F 25 -46.82 -7.83 -6.05
N PRO F 26 -45.77 -7.02 -6.17
CA PRO F 26 -44.40 -7.27 -5.71
C PRO F 26 -44.01 -6.70 -4.34
N ILE F 27 -44.93 -6.23 -3.50
CA ILE F 27 -44.45 -5.63 -2.26
C ILE F 27 -43.90 -6.68 -1.30
N THR F 28 -44.30 -7.94 -1.42
CA THR F 28 -43.79 -8.99 -0.54
C THR F 28 -42.74 -9.85 -1.22
N HIS F 29 -42.23 -9.44 -2.38
CA HIS F 29 -41.27 -10.28 -3.08
C HIS F 29 -39.95 -10.44 -2.30
N ALA F 30 -39.35 -9.33 -1.85
CA ALA F 30 -38.12 -9.34 -1.06
C ALA F 30 -38.35 -9.42 0.45
N VAL F 31 -39.36 -8.75 0.99
CA VAL F 31 -39.58 -8.69 2.44
C VAL F 31 -40.94 -9.28 2.78
N SER F 32 -41.00 -9.97 3.92
CA SER F 32 -42.23 -10.54 4.43
C SER F 32 -43.24 -9.46 4.81
N LYS F 33 -44.51 -9.79 4.59
CA LYS F 33 -45.63 -8.90 4.85
C LYS F 33 -45.60 -8.31 6.25
N GLN F 34 -45.30 -9.13 7.25
CA GLN F 34 -45.46 -8.70 8.63
C GLN F 34 -44.37 -7.73 9.09
N LEU F 35 -43.38 -7.44 8.24
CA LEU F 35 -42.41 -6.39 8.52
C LEU F 35 -42.80 -5.07 7.86
N LEU F 36 -43.88 -5.05 7.08
CA LEU F 36 -44.27 -3.86 6.34
C LEU F 36 -44.99 -2.87 7.24
N PRO F 37 -45.00 -1.59 6.87
CA PRO F 37 -45.61 -0.58 7.74
C PRO F 37 -47.13 -0.67 7.79
N VAL F 38 -47.67 -0.48 8.98
CA VAL F 38 -49.06 -0.06 9.15
C VAL F 38 -48.98 1.31 9.80
N TYR F 39 -48.97 2.35 8.97
CA TYR F 39 -48.74 3.75 9.30
C TYR F 39 -47.34 4.00 9.86
N ASP F 40 -47.17 3.89 11.18
CA ASP F 40 -45.92 4.34 11.78
C ASP F 40 -45.17 3.21 12.48
N LYS F 41 -45.55 1.94 12.29
CA LYS F 41 -44.81 0.86 12.92
C LYS F 41 -44.99 -0.41 12.11
N PRO F 42 -44.07 -1.37 12.24
CA PRO F 42 -44.22 -2.63 11.49
C PRO F 42 -45.51 -3.34 11.87
N MET F 43 -46.10 -3.98 10.86
CA MET F 43 -47.35 -4.71 11.03
C MET F 43 -47.34 -5.60 12.27
N ILE F 44 -46.24 -6.33 12.49
CA ILE F 44 -46.26 -7.34 13.56
C ILE F 44 -46.37 -6.72 14.95
N TYR F 45 -46.08 -5.42 15.10
CA TYR F 45 -46.30 -4.74 16.38
C TYR F 45 -47.75 -4.87 16.85
N TYR F 46 -48.72 -4.87 15.91
CA TYR F 46 -50.12 -4.87 16.33
C TYR F 46 -50.51 -6.19 16.96
N PRO F 47 -50.37 -7.35 16.29
CA PRO F 47 -50.74 -8.60 16.97
C PRO F 47 -49.87 -8.89 18.18
N LEU F 48 -48.60 -8.49 18.19
CA LEU F 48 -47.80 -8.63 19.40
C LEU F 48 -48.44 -7.87 20.56
N SER F 49 -48.85 -6.63 20.31
CA SER F 49 -49.48 -5.86 21.38
C SER F 49 -50.81 -6.50 21.80
N THR F 50 -51.52 -7.16 20.88
CA THR F 50 -52.75 -7.83 21.28
C THR F 50 -52.47 -8.94 22.28
N LEU F 51 -51.44 -9.76 22.03
CA LEU F 51 -51.04 -10.75 23.02
C LEU F 51 -50.64 -10.09 24.36
N MET F 52 -49.94 -8.96 24.29
CA MET F 52 -49.51 -8.30 25.53
C MET F 52 -50.71 -7.83 26.34
N ILE F 53 -51.69 -7.24 25.66
CA ILE F 53 -52.91 -6.78 26.32
C ILE F 53 -53.68 -7.95 26.91
N ALA F 54 -53.57 -9.14 26.31
CA ALA F 54 -54.16 -10.33 26.91
C ALA F 54 -53.40 -10.81 28.14
N GLY F 55 -52.28 -10.18 28.47
CA GLY F 55 -51.49 -10.63 29.59
C GLY F 55 -50.42 -11.65 29.26
N ILE F 56 -50.14 -11.91 27.98
CA ILE F 56 -49.18 -12.94 27.58
C ILE F 56 -47.80 -12.34 27.47
N ARG F 57 -46.84 -12.94 28.19
CA ARG F 57 -45.47 -12.46 28.23
C ARG F 57 -44.47 -13.37 27.51
N ASP F 58 -44.86 -14.61 27.21
CA ASP F 58 -44.00 -15.56 26.51
C ASP F 58 -44.55 -15.77 25.11
N VAL F 59 -43.77 -15.35 24.11
CA VAL F 59 -44.25 -15.32 22.74
C VAL F 59 -43.27 -16.06 21.86
N LEU F 60 -43.79 -16.94 21.00
CA LEU F 60 -43.03 -17.59 19.94
C LEU F 60 -43.42 -16.95 18.62
N ILE F 61 -42.42 -16.48 17.86
CA ILE F 61 -42.65 -15.97 16.52
C ILE F 61 -42.24 -17.02 15.50
N ILE F 62 -43.18 -17.40 14.64
CA ILE F 62 -42.94 -18.35 13.57
C ILE F 62 -42.91 -17.58 12.26
N SER F 63 -41.80 -17.70 11.53
CA SER F 63 -41.67 -17.00 10.26
C SER F 63 -41.02 -17.94 9.25
N THR F 64 -40.82 -17.44 8.03
CA THR F 64 -40.07 -18.19 7.05
C THR F 64 -38.61 -18.28 7.52
N PRO F 65 -37.88 -19.30 7.09
CA PRO F 65 -36.46 -19.37 7.47
C PRO F 65 -35.69 -18.13 7.03
N GLN F 66 -35.99 -17.60 5.85
CA GLN F 66 -35.23 -16.46 5.35
C GLN F 66 -35.45 -15.20 6.18
N ASP F 67 -36.62 -15.03 6.82
CA ASP F 67 -36.89 -13.77 7.50
C ASP F 67 -36.81 -13.79 9.03
N THR F 68 -36.67 -14.95 9.68
CA THR F 68 -36.48 -14.96 11.12
C THR F 68 -35.38 -14.00 11.57
N PRO F 69 -34.23 -13.92 10.91
CA PRO F 69 -33.25 -12.91 11.33
C PRO F 69 -33.81 -11.50 11.27
N ARG F 70 -34.67 -11.21 10.30
CA ARG F 70 -35.27 -9.88 10.24
C ARG F 70 -36.23 -9.64 11.41
N PHE F 71 -37.06 -10.64 11.74
CA PHE F 71 -37.93 -10.47 12.90
C PHE F 71 -37.10 -10.38 14.18
N GLU F 72 -36.07 -11.23 14.30
CA GLU F 72 -35.25 -11.19 15.52
C GLU F 72 -34.53 -9.85 15.65
N SER F 73 -34.02 -9.32 14.55
CA SER F 73 -33.35 -8.02 14.64
C SER F 73 -34.30 -6.91 15.06
N MET F 74 -35.59 -7.09 14.83
CA MET F 74 -36.56 -6.06 15.17
CA MET F 74 -36.59 -6.08 15.17
C MET F 74 -37.08 -6.20 16.61
N LEU F 75 -37.24 -7.42 17.11
CA LEU F 75 -37.86 -7.65 18.40
C LEU F 75 -36.91 -8.18 19.47
N GLY F 76 -35.76 -8.74 19.11
CA GLY F 76 -34.87 -9.26 20.13
C GLY F 76 -35.48 -10.41 20.92
N ASP F 77 -35.00 -10.58 22.16
CA ASP F 77 -35.52 -11.63 23.02
C ASP F 77 -36.68 -11.14 23.90
N GLY F 78 -37.14 -9.91 23.69
CA GLY F 78 -38.23 -9.34 24.45
C GLY F 78 -37.87 -8.87 25.84
N SER F 79 -36.65 -9.10 26.31
CA SER F 79 -36.30 -8.71 27.67
C SER F 79 -36.37 -7.20 27.85
N GLN F 80 -36.19 -6.41 26.79
CA GLN F 80 -36.32 -4.97 26.91
C GLN F 80 -37.74 -4.55 27.30
N TRP F 81 -38.75 -5.40 27.08
CA TRP F 81 -40.13 -5.11 27.46
C TRP F 81 -40.59 -5.99 28.63
N GLY F 82 -39.67 -6.63 29.33
CA GLY F 82 -40.03 -7.57 30.38
C GLY F 82 -40.71 -8.83 29.88
N MET F 83 -40.45 -9.24 28.64
CA MET F 83 -41.06 -10.39 28.02
C MET F 83 -40.01 -11.42 27.65
N ASN F 84 -40.48 -12.56 27.18
CA ASN F 84 -39.61 -13.57 26.58
C ASN F 84 -40.13 -13.86 25.18
N ILE F 85 -39.35 -13.46 24.17
CA ILE F 85 -39.69 -13.69 22.76
C ILE F 85 -38.67 -14.67 22.19
N GLN F 86 -39.18 -15.74 21.58
CA GLN F 86 -38.39 -16.78 20.91
C GLN F 86 -38.82 -16.89 19.45
N TYR F 87 -38.07 -17.67 18.68
CA TYR F 87 -38.26 -17.78 17.23
C TYR F 87 -38.25 -19.24 16.79
N ALA F 88 -39.07 -19.54 15.79
CA ALA F 88 -39.01 -20.82 15.09
C ALA F 88 -39.35 -20.55 13.62
N THR F 89 -39.06 -21.52 12.76
CA THR F 89 -39.23 -21.33 11.33
C THR F 89 -40.26 -22.30 10.79
N GLN F 90 -40.91 -21.87 9.72
CA GLN F 90 -41.89 -22.67 8.98
C GLN F 90 -41.48 -22.71 7.52
N PRO F 91 -41.01 -23.85 7.02
CA PRO F 91 -40.55 -23.89 5.61
C PRO F 91 -41.67 -23.71 4.63
N SER F 92 -42.84 -24.27 4.91
CA SER F 92 -43.96 -24.17 4.00
C SER F 92 -45.22 -23.83 4.78
N PRO F 93 -46.05 -22.90 4.27
CA PRO F 93 -47.24 -22.48 5.04
C PRO F 93 -48.35 -23.53 4.87
N ASP F 94 -48.20 -24.62 5.63
CA ASP F 94 -49.02 -25.81 5.46
C ASP F 94 -50.21 -25.84 6.42
N GLY F 95 -50.62 -24.69 6.96
CA GLY F 95 -51.84 -24.62 7.76
C GLY F 95 -51.64 -23.97 9.12
N LEU F 96 -52.63 -23.18 9.54
CA LEU F 96 -52.55 -22.51 10.83
C LEU F 96 -52.33 -23.49 11.97
N ALA F 97 -52.96 -24.66 11.91
CA ALA F 97 -52.81 -25.62 13.01
C ALA F 97 -51.38 -26.13 13.14
N GLN F 98 -50.55 -25.99 12.09
CA GLN F 98 -49.16 -26.40 12.19
C GLN F 98 -48.39 -25.58 13.22
N ALA F 99 -48.90 -24.40 13.60
CA ALA F 99 -48.21 -23.62 14.63
C ALA F 99 -48.03 -24.42 15.91
N PHE F 100 -48.99 -25.30 16.22
CA PHE F 100 -48.95 -26.10 17.42
C PHE F 100 -48.19 -27.41 17.25
N VAL F 101 -47.64 -27.62 16.05
CA VAL F 101 -46.67 -28.67 15.80
C VAL F 101 -45.28 -28.05 15.93
N ILE F 102 -45.02 -27.01 15.15
CA ILE F 102 -43.76 -26.29 15.25
C ILE F 102 -43.53 -25.81 16.69
N GLY F 103 -44.57 -25.28 17.31
CA GLY F 103 -44.46 -24.72 18.65
C GLY F 103 -44.78 -25.68 19.78
N ARG F 104 -44.81 -26.97 19.51
CA ARG F 104 -45.22 -27.95 20.53
C ARG F 104 -44.31 -27.91 21.76
N ASP F 105 -42.98 -27.90 21.55
CA ASP F 105 -42.08 -27.83 22.69
C ASP F 105 -42.23 -26.52 23.44
N PHE F 106 -42.42 -25.41 22.72
CA PHE F 106 -42.61 -24.11 23.34
C PHE F 106 -43.84 -24.09 24.23
N VAL F 107 -44.96 -24.65 23.75
CA VAL F 107 -46.20 -24.67 24.53
C VAL F 107 -46.04 -25.53 25.77
N GLY F 108 -45.37 -26.67 25.64
CA GLY F 108 -45.21 -27.55 26.80
C GLY F 108 -46.56 -28.02 27.29
N ASN F 109 -46.73 -27.98 28.61
CA ASN F 109 -48.00 -28.34 29.22
C ASN F 109 -48.79 -27.13 29.67
N GLU F 110 -48.66 -26.01 28.97
CA GLU F 110 -49.31 -24.77 29.34
C GLU F 110 -50.49 -24.47 28.43
N PRO F 111 -51.41 -23.61 28.88
CA PRO F 111 -52.39 -23.04 27.94
C PRO F 111 -51.69 -22.20 26.89
N SER F 112 -52.37 -21.94 25.78
CA SER F 112 -51.72 -21.25 24.68
C SER F 112 -52.69 -20.31 23.98
N ALA F 113 -52.12 -19.51 23.07
CA ALA F 113 -52.90 -18.63 22.22
C ALA F 113 -52.17 -18.51 20.89
N LEU F 114 -52.93 -18.45 19.82
CA LEU F 114 -52.41 -18.26 18.49
C LEU F 114 -52.99 -16.96 17.93
N ILE F 115 -52.14 -16.14 17.33
CA ILE F 115 -52.62 -14.98 16.60
C ILE F 115 -51.89 -14.88 15.27
N LEU F 116 -52.60 -14.43 14.24
CA LEU F 116 -52.00 -14.17 12.94
C LEU F 116 -51.17 -12.89 12.96
N GLY F 117 -49.98 -12.95 12.35
CA GLY F 117 -49.04 -11.84 12.31
C GLY F 117 -49.48 -10.66 11.47
N ASP F 118 -50.55 -10.79 10.69
CA ASP F 118 -51.07 -9.70 9.87
C ASP F 118 -52.47 -9.29 10.29
N ASN F 119 -52.88 -9.64 11.51
CA ASN F 119 -54.21 -9.33 12.03
C ASN F 119 -54.14 -8.17 13.02
N ILE F 120 -55.01 -7.19 12.83
CA ILE F 120 -55.10 -6.03 13.70
C ILE F 120 -56.43 -6.05 14.45
N PHE F 121 -56.36 -6.03 15.78
CA PHE F 121 -57.51 -5.95 16.68
C PHE F 121 -57.51 -4.60 17.40
N TYR F 122 -58.62 -3.87 17.35
CA TYR F 122 -58.68 -2.60 18.07
C TYR F 122 -60.10 -2.30 18.55
N GLY F 123 -60.21 -1.85 19.80
CA GLY F 123 -61.48 -1.33 20.27
C GLY F 123 -61.59 -1.30 21.77
N HIS F 124 -62.63 -0.60 22.23
CA HIS F 124 -62.82 -0.40 23.66
C HIS F 124 -63.10 -1.72 24.39
N ASP F 125 -62.47 -1.87 25.56
CA ASP F 125 -62.66 -3.03 26.43
C ASP F 125 -62.12 -4.32 25.84
N LEU F 126 -61.28 -4.25 24.80
CA LEU F 126 -60.65 -5.45 24.27
C LEU F 126 -59.92 -6.21 25.37
N ALA F 127 -59.23 -5.49 26.27
CA ALA F 127 -58.44 -6.14 27.32
C ALA F 127 -59.33 -6.96 28.23
N LYS F 128 -60.49 -6.40 28.61
CA LYS F 128 -61.40 -7.15 29.48
C LYS F 128 -61.80 -8.46 28.82
N GLN F 129 -62.09 -8.42 27.51
CA GLN F 129 -62.53 -9.64 26.84
C GLN F 129 -61.38 -10.64 26.68
N LEU F 130 -60.18 -10.15 26.33
CA LEU F 130 -59.07 -11.07 26.16
C LEU F 130 -58.64 -11.67 27.49
N GLU F 131 -58.69 -10.87 28.56
CA GLU F 131 -58.30 -11.40 29.87
C GLU F 131 -59.29 -12.46 30.32
N ARG F 132 -60.59 -12.27 30.04
CA ARG F 132 -61.55 -13.32 30.37
C ARG F 132 -61.24 -14.60 29.62
N ALA F 133 -60.90 -14.49 28.33
CA ALA F 133 -60.54 -15.68 27.57
C ALA F 133 -59.25 -16.32 28.10
N SER F 134 -58.27 -15.49 28.45
CA SER F 134 -57.01 -16.03 28.95
C SER F 134 -57.16 -16.78 30.26
N ALA F 135 -58.19 -16.47 31.04
CA ALA F 135 -58.41 -17.04 32.36
C ALA F 135 -59.15 -18.38 32.34
N LYS F 136 -59.72 -18.79 31.21
CA LYS F 136 -60.46 -20.06 31.16
C LYS F 136 -59.53 -21.23 31.43
N ASP F 137 -59.89 -22.07 32.40
CA ASP F 137 -59.06 -23.22 32.77
C ASP F 137 -59.14 -24.32 31.73
N THR F 138 -60.35 -24.67 31.28
CA THR F 138 -60.55 -25.72 30.30
C THR F 138 -61.29 -25.20 29.09
N GLY F 139 -61.06 -25.83 27.95
CA GLY F 139 -61.74 -25.47 26.73
C GLY F 139 -60.99 -24.45 25.89
N ALA F 140 -61.73 -23.80 24.99
CA ALA F 140 -61.15 -22.88 24.02
C ALA F 140 -62.10 -21.71 23.79
N THR F 141 -61.52 -20.60 23.33
CA THR F 141 -62.28 -19.39 23.02
C THR F 141 -61.83 -18.89 21.64
N VAL F 142 -62.79 -18.63 20.77
CA VAL F 142 -62.56 -17.93 19.50
C VAL F 142 -63.54 -16.77 19.42
N PHE F 143 -63.32 -15.89 18.43
CA PHE F 143 -64.11 -14.70 18.28
C PHE F 143 -64.74 -14.66 16.89
N ALA F 144 -66.02 -14.29 16.86
CA ALA F 144 -66.78 -14.19 15.62
C ALA F 144 -67.06 -12.73 15.31
N TYR F 145 -66.84 -12.34 14.06
CA TYR F 145 -66.89 -10.95 13.67
C TYR F 145 -67.59 -10.80 12.33
N HIS F 146 -68.59 -9.92 12.27
CA HIS F 146 -69.35 -9.70 11.04
C HIS F 146 -68.49 -9.02 9.98
N VAL F 147 -68.36 -9.67 8.81
CA VAL F 147 -67.53 -9.13 7.74
C VAL F 147 -68.32 -9.12 6.44
N GLN F 148 -67.79 -8.36 5.48
CA GLN F 148 -68.39 -8.24 4.15
C GLN F 148 -68.30 -9.55 3.36
N ASP F 149 -67.20 -10.28 3.51
CA ASP F 149 -66.85 -11.41 2.65
C ASP F 149 -66.64 -12.65 3.52
N PRO F 150 -67.68 -13.12 4.21
CA PRO F 150 -67.42 -14.20 5.18
C PRO F 150 -66.87 -15.46 4.54
N GLU F 151 -67.16 -15.69 3.24
CA GLU F 151 -66.73 -16.91 2.56
C GLU F 151 -65.20 -17.05 2.46
N ARG F 152 -64.44 -15.98 2.72
CA ARG F 152 -62.98 -16.10 2.74
C ARG F 152 -62.44 -16.81 3.98
N TYR F 153 -63.28 -17.06 4.99
CA TYR F 153 -62.79 -17.46 6.30
C TYR F 153 -63.55 -18.68 6.80
N GLY F 154 -63.17 -19.12 8.00
CA GLY F 154 -64.06 -19.94 8.79
C GLY F 154 -65.30 -19.16 9.18
N VAL F 155 -66.46 -19.77 8.95
CA VAL F 155 -67.76 -19.14 9.15
C VAL F 155 -68.48 -19.88 10.27
N VAL F 156 -69.06 -19.13 11.16
CA VAL F 156 -69.84 -19.69 12.26
C VAL F 156 -71.31 -19.81 11.85
N GLU F 157 -71.93 -20.94 12.15
CA GLU F 157 -73.38 -21.08 12.05
C GLU F 157 -74.01 -20.87 13.41
N PHE F 158 -75.07 -20.04 13.46
CA PHE F 158 -75.75 -19.69 14.70
C PHE F 158 -77.19 -20.16 14.66
N ASP F 159 -77.70 -20.60 15.81
CA ASP F 159 -79.14 -20.82 15.94
C ASP F 159 -79.78 -19.48 16.33
N ARG F 160 -81.08 -19.51 16.66
CA ARG F 160 -81.78 -18.27 16.95
C ARG F 160 -81.14 -17.50 18.10
N GLU F 161 -80.67 -18.21 19.12
CA GLU F 161 -80.13 -17.55 20.30
C GLU F 161 -78.70 -17.08 20.11
N PHE F 162 -78.22 -17.01 18.87
CA PHE F 162 -76.81 -16.73 18.61
C PHE F 162 -75.91 -17.75 19.29
N ARG F 163 -76.38 -18.99 19.44
CA ARG F 163 -75.53 -20.07 19.94
C ARG F 163 -74.86 -20.74 18.75
N ALA F 164 -73.54 -20.82 18.80
CA ALA F 164 -72.78 -21.40 17.70
C ALA F 164 -73.07 -22.88 17.55
N ILE F 165 -73.38 -23.31 16.32
CA ILE F 165 -73.71 -24.69 16.05
C ILE F 165 -72.63 -25.40 15.23
N SER F 166 -71.94 -24.70 14.34
CA SER F 166 -70.91 -25.31 13.50
C SER F 166 -69.95 -24.24 13.00
N ILE F 167 -68.79 -24.69 12.53
CA ILE F 167 -67.81 -23.83 11.87
C ILE F 167 -67.39 -24.52 10.58
N GLU F 168 -67.46 -23.79 9.47
CA GLU F 168 -67.07 -24.30 8.17
C GLU F 168 -66.00 -23.43 7.56
N GLU F 169 -64.98 -24.05 6.97
CA GLU F 169 -63.86 -23.33 6.38
C GLU F 169 -64.20 -22.99 4.93
N LYS F 170 -64.26 -21.70 4.63
CA LYS F 170 -64.51 -21.23 3.28
C LYS F 170 -65.72 -21.89 2.62
N PRO F 171 -66.90 -21.77 3.22
CA PRO F 171 -68.08 -22.41 2.63
C PRO F 171 -68.48 -21.76 1.32
N ALA F 172 -69.04 -22.58 0.43
CA ALA F 172 -69.60 -22.04 -0.80
C ALA F 172 -70.78 -21.12 -0.50
N LYS F 173 -71.59 -21.49 0.48
CA LYS F 173 -72.75 -20.72 0.93
C LYS F 173 -72.61 -20.46 2.42
N PRO F 174 -72.02 -19.34 2.82
CA PRO F 174 -71.85 -19.11 4.26
C PRO F 174 -73.19 -19.06 4.99
N ARG F 175 -73.24 -19.73 6.13
CA ARG F 175 -74.46 -19.77 6.94
C ARG F 175 -74.67 -18.51 7.76
N SER F 176 -73.69 -17.60 7.79
CA SER F 176 -73.83 -16.29 8.43
C SER F 176 -72.78 -15.38 7.83
N SER F 177 -72.75 -14.13 8.29
CA SER F 177 -71.68 -13.20 7.95
C SER F 177 -70.55 -13.18 8.99
N TYR F 178 -70.59 -14.06 9.97
CA TYR F 178 -69.64 -14.02 11.08
C TYR F 178 -68.44 -14.91 10.78
N ALA F 179 -67.28 -14.29 10.60
CA ALA F 179 -66.02 -15.00 10.40
C ALA F 179 -65.32 -15.23 11.73
N VAL F 180 -64.58 -16.34 11.81
CA VAL F 180 -63.73 -16.61 12.97
C VAL F 180 -62.48 -15.74 12.84
N THR F 181 -62.23 -14.88 13.84
CA THR F 181 -61.06 -14.01 13.75
C THR F 181 -59.77 -14.82 13.93
N GLY F 182 -58.65 -14.17 13.61
CA GLY F 182 -57.35 -14.82 13.68
C GLY F 182 -56.69 -14.80 15.04
N LEU F 183 -57.48 -15.00 16.09
CA LEU F 183 -56.99 -15.04 17.47
C LEU F 183 -57.70 -16.19 18.18
N TYR F 184 -56.93 -17.08 18.79
CA TYR F 184 -57.47 -18.32 19.36
C TYR F 184 -56.83 -18.61 20.71
N PHE F 185 -57.64 -18.98 21.70
CA PHE F 185 -57.16 -19.35 23.02
C PHE F 185 -57.46 -20.83 23.27
N TYR F 186 -56.46 -21.56 23.76
CA TYR F 186 -56.60 -23.01 23.89
C TYR F 186 -56.07 -23.49 25.24
N ASP F 187 -56.65 -24.61 25.70
CA ASP F 187 -56.12 -25.33 26.86
C ASP F 187 -54.98 -26.26 26.46
N ARG F 188 -54.67 -27.23 27.32
CA ARG F 188 -53.56 -28.15 27.08
C ARG F 188 -53.86 -29.19 26.01
N GLN F 189 -55.07 -29.20 25.46
CA GLN F 189 -55.40 -30.24 24.50
C GLN F 189 -54.89 -29.93 23.10
N VAL F 190 -54.59 -28.66 22.80
CA VAL F 190 -54.50 -28.22 21.41
C VAL F 190 -53.31 -28.88 20.69
N CYS F 191 -52.18 -29.05 21.39
CA CYS F 191 -51.00 -29.60 20.72
C CYS F 191 -51.22 -31.03 20.25
N ASP F 192 -51.87 -31.85 21.08
CA ASP F 192 -52.16 -33.22 20.64
C ASP F 192 -53.18 -33.25 19.52
N ILE F 193 -54.16 -32.35 19.56
CA ILE F 193 -55.18 -32.29 18.51
C ILE F 193 -54.56 -31.92 17.18
N ALA F 194 -53.67 -30.93 17.19
CA ALA F 194 -53.04 -30.49 15.95
C ALA F 194 -52.19 -31.59 15.33
N ALA F 195 -51.55 -32.41 16.17
CA ALA F 195 -50.81 -33.55 15.63
C ALA F 195 -51.74 -34.63 15.10
N ASP F 196 -52.96 -34.72 15.62
CA ASP F 196 -53.87 -35.80 15.24
C ASP F 196 -54.61 -35.51 13.94
N ILE F 197 -54.91 -34.24 13.65
CA ILE F 197 -55.68 -33.93 12.47
C ILE F 197 -54.86 -34.19 11.22
N LYS F 198 -55.56 -34.34 10.09
CA LYS F 198 -54.94 -34.66 8.83
C LYS F 198 -55.16 -33.53 7.84
N PRO F 199 -54.24 -33.35 6.89
CA PRO F 199 -54.37 -32.25 5.92
C PRO F 199 -55.72 -32.27 5.21
N SER F 200 -56.22 -31.07 4.93
CA SER F 200 -57.49 -30.94 4.24
C SER F 200 -57.28 -31.12 2.75
N ALA F 201 -58.38 -31.05 2.01
CA ALA F 201 -58.30 -31.15 0.56
C ALA F 201 -57.37 -30.10 -0.02
N ARG F 202 -57.30 -28.89 0.58
CA ARG F 202 -56.34 -27.91 0.08
C ARG F 202 -54.92 -28.13 0.62
N GLY F 203 -54.64 -29.26 1.26
CA GLY F 203 -53.29 -29.55 1.72
C GLY F 203 -52.82 -28.77 2.94
N GLU F 204 -53.72 -28.35 3.82
CA GLU F 204 -53.35 -27.57 4.98
C GLU F 204 -53.91 -28.19 6.26
N LEU F 205 -53.17 -28.04 7.35
CA LEU F 205 -53.67 -28.39 8.68
C LEU F 205 -54.57 -27.25 9.15
N GLU F 206 -55.87 -27.53 9.24
CA GLU F 206 -56.88 -26.49 9.37
C GLU F 206 -57.16 -26.17 10.84
N ILE F 207 -57.07 -24.88 11.18
CA ILE F 207 -57.51 -24.47 12.51
C ILE F 207 -59.00 -24.70 12.67
N THR F 208 -59.75 -24.66 11.57
CA THR F 208 -61.18 -24.97 11.66
C THR F 208 -61.41 -26.40 12.16
N ASP F 209 -60.55 -27.35 11.80
CA ASP F 209 -60.70 -28.70 12.34
C ASP F 209 -60.42 -28.73 13.84
N VAL F 210 -59.38 -28.00 14.28
CA VAL F 210 -59.12 -27.89 15.71
C VAL F 210 -60.34 -27.31 16.42
N ASN F 211 -60.85 -26.21 15.90
CA ASN F 211 -61.94 -25.50 16.57
C ASN F 211 -63.21 -26.34 16.59
N SER F 212 -63.46 -27.10 15.53
CA SER F 212 -64.65 -27.94 15.48
C SER F 212 -64.64 -29.01 16.56
N ARG F 213 -63.46 -29.60 16.81
CA ARG F 213 -63.34 -30.60 17.86
C ARG F 213 -63.82 -30.06 19.20
N TYR F 214 -63.26 -28.93 19.63
CA TYR F 214 -63.69 -28.31 20.88
C TYR F 214 -65.19 -28.11 20.90
N LEU F 215 -65.75 -27.66 19.77
CA LEU F 215 -67.18 -27.40 19.70
C LEU F 215 -67.99 -28.69 19.85
N ALA F 216 -67.60 -29.76 19.15
CA ALA F 216 -68.33 -31.02 19.25
C ALA F 216 -68.31 -31.56 20.69
N ALA F 217 -67.25 -31.27 21.43
CA ALA F 217 -67.14 -31.66 22.83
C ALA F 217 -67.80 -30.69 23.79
N GLY F 218 -68.45 -29.64 23.28
CA GLY F 218 -69.03 -28.65 24.18
C GLY F 218 -67.99 -27.84 24.92
N GLN F 219 -66.82 -27.65 24.32
CA GLN F 219 -65.72 -26.97 24.99
C GLN F 219 -65.27 -25.71 24.26
N LEU F 220 -66.08 -25.20 23.34
CA LEU F 220 -65.75 -24.00 22.58
C LEU F 220 -66.69 -22.85 22.97
N ASP F 221 -66.12 -21.75 23.45
CA ASP F 221 -66.86 -20.50 23.57
C ASP F 221 -66.62 -19.70 22.29
N VAL F 222 -67.69 -19.37 21.59
CA VAL F 222 -67.60 -18.49 20.43
C VAL F 222 -68.13 -17.13 20.88
N GLU F 223 -67.23 -16.18 21.12
CA GLU F 223 -67.62 -14.87 21.63
C GLU F 223 -67.81 -13.90 20.47
N LEU F 224 -68.95 -13.21 20.48
CA LEU F 224 -69.18 -12.18 19.48
C LEU F 224 -68.24 -11.01 19.73
N MET F 225 -67.57 -10.57 18.68
CA MET F 225 -66.78 -9.35 18.71
C MET F 225 -67.60 -8.33 17.94
N GLY F 226 -68.19 -7.37 18.65
CA GLY F 226 -69.17 -6.50 18.04
C GLY F 226 -68.58 -5.57 17.00
N ARG F 227 -69.48 -4.87 16.28
CA ARG F 227 -69.13 -3.91 15.24
C ARG F 227 -68.38 -2.70 15.78
N GLY F 228 -68.37 -2.49 17.10
CA GLY F 228 -67.54 -1.43 17.66
C GLY F 228 -66.05 -1.71 17.63
N TYR F 229 -65.67 -2.96 17.40
CA TYR F 229 -64.26 -3.34 17.25
C TYR F 229 -63.85 -3.28 15.78
N ALA F 230 -62.60 -2.95 15.56
CA ALA F 230 -61.98 -3.13 14.27
C ALA F 230 -61.18 -4.42 14.32
N TRP F 231 -61.54 -5.38 13.47
CA TRP F 231 -60.71 -6.54 13.18
C TRP F 231 -60.34 -6.43 11.71
N LEU F 232 -59.08 -6.08 11.46
CA LEU F 232 -58.57 -5.84 10.13
C LEU F 232 -57.49 -6.86 9.80
N ASP F 233 -57.55 -7.39 8.60
CA ASP F 233 -56.36 -8.01 8.02
C ASP F 233 -56.00 -7.22 6.77
N THR F 234 -55.01 -7.70 6.07
CA THR F 234 -54.35 -6.84 5.11
C THR F 234 -54.11 -7.66 3.85
N GLY F 235 -55.20 -8.24 3.34
CA GLY F 235 -55.12 -9.21 2.26
C GLY F 235 -55.00 -8.62 0.88
N THR F 236 -55.32 -7.33 0.73
CA THR F 236 -55.18 -6.63 -0.52
C THR F 236 -54.36 -5.36 -0.29
N HIS F 237 -53.85 -4.79 -1.38
CA HIS F 237 -53.15 -3.53 -1.31
C HIS F 237 -54.05 -2.45 -0.72
N ASP F 238 -55.34 -2.47 -1.09
CA ASP F 238 -56.29 -1.50 -0.56
C ASP F 238 -56.48 -1.67 0.94
N SER F 239 -56.70 -2.91 1.40
CA SER F 239 -56.99 -3.07 2.84
C SER F 239 -55.73 -2.84 3.68
N LEU F 240 -54.54 -3.04 3.12
CA LEU F 240 -53.32 -2.71 3.83
C LEU F 240 -53.22 -1.21 4.04
N ILE F 241 -53.43 -0.42 2.98
CA ILE F 241 -53.29 1.01 3.15
C ILE F 241 -54.43 1.57 4.00
N GLU F 242 -55.63 0.98 3.94
CA GLU F 242 -56.76 1.43 4.76
C GLU F 242 -56.51 1.22 6.24
N ALA F 243 -55.86 0.12 6.60
CA ALA F 243 -55.49 -0.11 7.98
C ALA F 243 -54.56 1.00 8.47
N GLY F 244 -53.64 1.44 7.60
CA GLY F 244 -52.75 2.54 7.97
C GLY F 244 -53.47 3.84 8.24
N THR F 245 -54.38 4.22 7.34
CA THR F 245 -55.09 5.49 7.52
C THR F 245 -56.01 5.43 8.72
N PHE F 246 -56.53 4.26 9.02
CA PHE F 246 -57.37 4.07 10.20
C PHE F 246 -56.58 4.36 11.48
N ILE F 247 -55.40 3.75 11.62
CA ILE F 247 -54.55 3.97 12.79
C ILE F 247 -54.14 5.43 12.85
N ALA F 248 -53.78 6.01 11.69
CA ALA F 248 -53.32 7.39 11.68
C ALA F 248 -54.39 8.34 12.20
N THR F 249 -55.64 8.13 11.79
CA THR F 249 -56.73 8.98 12.25
C THR F 249 -56.87 8.93 13.76
N LEU F 250 -56.82 7.72 14.34
CA LEU F 250 -56.94 7.61 15.79
C LEU F 250 -55.76 8.28 16.49
N GLN F 251 -54.52 7.96 16.07
CA GLN F 251 -53.34 8.48 16.77
C GLN F 251 -53.25 10.00 16.64
N LYS F 252 -53.51 10.54 15.45
CA LYS F 252 -53.46 11.99 15.32
C LYS F 252 -54.54 12.66 16.16
N ARG F 253 -55.72 12.05 16.31
CA ARG F 253 -56.74 12.66 17.15
C ARG F 253 -56.35 12.65 18.62
N GLN F 254 -55.91 11.50 19.12
CA GLN F 254 -55.77 11.30 20.54
C GLN F 254 -54.43 11.77 21.11
N GLY F 255 -53.38 11.86 20.30
CA GLY F 255 -52.05 11.99 20.85
C GLY F 255 -51.59 10.73 21.55
N LEU F 256 -52.23 9.60 21.27
CA LEU F 256 -51.83 8.32 21.82
C LEU F 256 -51.43 7.37 20.69
N MET F 257 -50.53 6.43 20.98
CA MET F 257 -50.10 5.45 20.00
C MET F 257 -50.87 4.14 20.15
N VAL F 258 -51.31 3.57 19.01
CA VAL F 258 -51.83 2.20 19.02
C VAL F 258 -50.66 1.23 18.96
N ALA F 259 -50.64 0.25 19.87
CA ALA F 259 -49.71 -0.87 19.78
C ALA F 259 -48.26 -0.44 19.99
N CYS F 260 -48.03 0.38 21.02
CA CYS F 260 -46.67 0.67 21.45
C CYS F 260 -46.28 -0.32 22.55
N PRO F 261 -45.43 -1.30 22.25
CA PRO F 261 -45.16 -2.33 23.27
C PRO F 261 -44.52 -1.78 24.53
N GLU F 262 -43.63 -0.77 24.41
CA GLU F 262 -43.05 -0.19 25.63
C GLU F 262 -44.12 0.37 26.54
N GLU F 263 -45.13 1.02 25.95
CA GLU F 263 -46.20 1.59 26.75
C GLU F 263 -46.99 0.48 27.45
N ILE F 264 -47.38 -0.55 26.71
CA ILE F 264 -48.19 -1.61 27.30
C ILE F 264 -47.39 -2.34 28.39
N ALA F 265 -46.12 -2.62 28.10
CA ALA F 265 -45.30 -3.31 29.08
C ALA F 265 -45.12 -2.47 30.33
N TYR F 266 -44.97 -1.15 30.16
CA TYR F 266 -44.83 -0.25 31.29
C TYR F 266 -46.11 -0.17 32.11
N ARG F 267 -47.26 0.00 31.44
CA ARG F 267 -48.51 0.13 32.19
C ARG F 267 -48.85 -1.16 32.92
N ARG F 268 -48.41 -2.31 32.42
CA ARG F 268 -48.62 -3.57 33.13
C ARG F 268 -47.54 -3.85 34.14
N ASN F 269 -46.58 -2.94 34.31
CA ASN F 269 -45.48 -3.08 35.27
C ASN F 269 -44.54 -4.23 34.92
N TRP F 270 -44.49 -4.63 33.65
CA TRP F 270 -43.45 -5.57 33.24
C TRP F 270 -42.10 -4.88 33.18
N ILE F 271 -42.08 -3.56 32.96
CA ILE F 271 -40.89 -2.72 33.08
C ILE F 271 -41.30 -1.48 33.86
N ASP F 272 -40.32 -0.81 34.49
CA ASP F 272 -40.59 0.40 35.26
C ASP F 272 -40.13 1.65 34.51
N ALA F 273 -40.32 2.81 35.14
CA ALA F 273 -40.03 4.07 34.47
C ALA F 273 -38.54 4.21 34.12
N GLU F 274 -37.65 3.67 34.98
CA GLU F 274 -36.23 3.71 34.69
C GLU F 274 -35.92 3.05 33.36
N GLN F 275 -36.51 1.87 33.14
CA GLN F 275 -36.30 1.14 31.88
C GLN F 275 -36.91 1.89 30.70
N VAL F 276 -38.06 2.52 30.89
CA VAL F 276 -38.62 3.33 29.81
C VAL F 276 -37.62 4.39 29.37
N LEU F 277 -37.06 5.12 30.34
CA LEU F 277 -36.07 6.16 30.04
C LEU F 277 -34.83 5.59 29.37
N LYS F 278 -34.37 4.42 29.82
CA LYS F 278 -33.21 3.80 29.17
C LYS F 278 -33.51 3.46 27.71
N LEU F 279 -34.71 2.96 27.43
CA LEU F 279 -35.08 2.70 26.04
C LEU F 279 -35.28 3.99 25.28
N ALA F 280 -35.77 5.04 25.95
CA ALA F 280 -36.06 6.29 25.25
C ALA F 280 -34.79 7.05 24.85
N GLN F 281 -33.69 6.87 25.61
CA GLN F 281 -32.50 7.71 25.43
C GLN F 281 -31.88 7.57 24.05
N PRO F 282 -31.58 6.36 23.53
CA PRO F 282 -31.00 6.30 22.17
C PRO F 282 -31.97 6.69 21.06
N LEU F 283 -33.27 6.75 21.32
CA LEU F 283 -34.27 7.12 20.32
C LEU F 283 -34.71 8.57 20.45
N ALA F 284 -33.97 9.36 21.24
CA ALA F 284 -34.44 10.68 21.66
C ALA F 284 -34.70 11.61 20.48
N LYS F 285 -33.98 11.43 19.37
CA LYS F 285 -34.11 12.34 18.24
C LYS F 285 -35.39 12.13 17.42
N ASN F 286 -36.02 10.97 17.49
CA ASN F 286 -37.20 10.75 16.67
C ASN F 286 -38.48 10.79 17.50
N ALA F 287 -39.60 10.76 16.78
CA ALA F 287 -40.92 10.91 17.38
C ALA F 287 -41.29 9.72 18.25
N TYR F 288 -40.83 8.53 17.89
CA TYR F 288 -41.11 7.36 18.71
C TYR F 288 -40.42 7.48 20.06
N GLY F 289 -39.15 7.89 20.05
CA GLY F 289 -38.44 8.11 21.31
C GLY F 289 -39.08 9.20 22.14
N GLN F 290 -39.61 10.23 21.48
CA GLN F 290 -40.31 11.29 22.18
C GLN F 290 -41.59 10.77 22.84
N TYR F 291 -42.34 9.92 22.14
CA TYR F 291 -43.49 9.27 22.76
C TYR F 291 -43.09 8.47 23.99
N LEU F 292 -41.98 7.73 23.91
CA LEU F 292 -41.56 6.93 25.07
C LEU F 292 -41.26 7.79 26.30
N ARG F 293 -40.53 8.89 26.14
CA ARG F 293 -40.16 9.63 27.35
C ARG F 293 -41.35 10.37 27.92
N ASN F 294 -42.33 10.69 27.06
CA ASN F 294 -43.55 11.35 27.49
C ASN F 294 -44.55 10.41 28.13
N LEU F 295 -44.31 9.09 28.08
CA LEU F 295 -45.12 8.18 28.87
C LEU F 295 -45.07 8.52 30.35
N LEU F 296 -43.93 9.02 30.81
CA LEU F 296 -43.69 9.35 32.20
C LEU F 296 -44.28 10.69 32.61
N THR F 297 -44.75 11.49 31.66
CA THR F 297 -45.29 12.80 32.01
C THR F 297 -46.82 12.83 32.02
N HIS F 298 -47.46 12.31 30.98
CA HIS F 298 -48.91 12.49 30.81
C HIS F 298 -49.72 11.45 31.59
N GLN F 299 -50.77 11.91 32.25
CA GLN F 299 -51.73 11.06 32.95
C GLN F 299 -52.64 10.35 31.93
N VAL F 300 -52.56 9.02 31.86
CA VAL F 300 -53.37 8.23 30.93
C VAL F 300 -54.02 7.07 31.69
N ALA F 301 -55.34 6.94 31.57
CA ALA F 301 -56.08 5.83 32.18
C ALA F 301 -55.81 4.50 31.48
#